data_1Y80
# 
_entry.id   1Y80 
# 
_audit_conform.dict_name       mmcif_pdbx.dic 
_audit_conform.dict_version    5.402 
_audit_conform.dict_location   http://mmcif.pdb.org/dictionaries/ascii/mmcif_pdbx.dic 
# 
loop_
_database_2.database_id 
_database_2.database_code 
_database_2.pdbx_database_accession 
_database_2.pdbx_DOI 
PDB   1Y80         pdb_00001y80 10.2210/pdb1y80/pdb 
RCSB  RCSB031231   ?            ?                   
WWPDB D_1000031231 ?            ?                   
# 
loop_
_pdbx_audit_revision_history.ordinal 
_pdbx_audit_revision_history.data_content_type 
_pdbx_audit_revision_history.major_revision 
_pdbx_audit_revision_history.minor_revision 
_pdbx_audit_revision_history.revision_date 
_pdbx_audit_revision_history.part_number 
1 'Structure model' 1 0 2005-01-25 ? 
2 'Structure model' 1 1 2008-04-30 ? 
3 'Structure model' 1 2 2011-07-13 ? 
4 'Structure model' 1 3 2012-07-25 ? 
5 'Structure model' 1 4 2017-10-11 ? 
6 'Structure model' 1 5 2024-02-14 ? 
7 'Structure model' 2 0 2025-03-19 ? 
# 
_pdbx_audit_revision_details.ordinal             1 
_pdbx_audit_revision_details.revision_ordinal    1 
_pdbx_audit_revision_details.data_content_type   'Structure model' 
_pdbx_audit_revision_details.provider            repository 
_pdbx_audit_revision_details.type                'Initial release' 
_pdbx_audit_revision_details.description         ? 
_pdbx_audit_revision_details.details             ? 
# 
loop_
_pdbx_audit_revision_group.ordinal 
_pdbx_audit_revision_group.revision_ordinal 
_pdbx_audit_revision_group.data_content_type 
_pdbx_audit_revision_group.group 
1 2 'Structure model' 'Version format compliance' 
2 3 'Structure model' 'Version format compliance' 
3 4 'Structure model' Other                       
4 5 'Structure model' 'Refinement description'    
5 6 'Structure model' 'Data collection'           
6 6 'Structure model' 'Database references'       
7 6 'Structure model' 'Derived calculations'      
8 7 'Structure model' 'Non-polymer description'   
9 7 'Structure model' 'Structure summary'         
# 
loop_
_pdbx_audit_revision_category.ordinal 
_pdbx_audit_revision_category.revision_ordinal 
_pdbx_audit_revision_category.data_content_type 
_pdbx_audit_revision_category.category 
1 5 'Structure model' software             
2 6 'Structure model' chem_comp_atom       
3 6 'Structure model' chem_comp_bond       
4 6 'Structure model' database_2           
5 6 'Structure model' pdbx_validate_chiral 
6 6 'Structure model' struct_conn          
7 6 'Structure model' struct_site          
8 7 'Structure model' chem_comp            
9 7 'Structure model' pdbx_entry_details   
# 
loop_
_pdbx_audit_revision_item.ordinal 
_pdbx_audit_revision_item.revision_ordinal 
_pdbx_audit_revision_item.data_content_type 
_pdbx_audit_revision_item.item 
1  5 'Structure model' '_software.classification'            
2  5 'Structure model' '_software.contact_author'            
3  5 'Structure model' '_software.contact_author_email'      
4  5 'Structure model' '_software.date'                      
5  5 'Structure model' '_software.language'                  
6  5 'Structure model' '_software.location'                  
7  5 'Structure model' '_software.name'                      
8  5 'Structure model' '_software.type'                      
9  5 'Structure model' '_software.version'                   
10 6 'Structure model' '_database_2.pdbx_DOI'                
11 6 'Structure model' '_database_2.pdbx_database_accession' 
12 6 'Structure model' '_struct_conn.ptnr1_auth_comp_id'     
13 6 'Structure model' '_struct_conn.ptnr1_auth_seq_id'      
14 6 'Structure model' '_struct_conn.ptnr1_label_asym_id'    
15 6 'Structure model' '_struct_conn.ptnr1_label_atom_id'    
16 6 'Structure model' '_struct_conn.ptnr1_label_comp_id'    
17 6 'Structure model' '_struct_conn.ptnr1_label_seq_id'     
18 6 'Structure model' '_struct_conn.ptnr2_auth_comp_id'     
19 6 'Structure model' '_struct_conn.ptnr2_auth_seq_id'      
20 6 'Structure model' '_struct_conn.ptnr2_label_asym_id'    
21 6 'Structure model' '_struct_conn.ptnr2_label_atom_id'    
22 6 'Structure model' '_struct_conn.ptnr2_label_comp_id'    
23 6 'Structure model' '_struct_conn.ptnr2_label_seq_id'     
24 6 'Structure model' '_struct_site.pdbx_auth_asym_id'      
25 6 'Structure model' '_struct_site.pdbx_auth_comp_id'      
26 6 'Structure model' '_struct_site.pdbx_auth_seq_id'       
27 7 'Structure model' '_chem_comp.formula'                  
# 
_pdbx_database_status.entry_id                        1Y80 
_pdbx_database_status.deposit_site                    RCSB 
_pdbx_database_status.process_site                    RCSB 
_pdbx_database_status.recvd_initial_deposition_date   2004-12-10 
_pdbx_database_status.status_code                     REL 
_pdbx_database_status.status_code_sf                  REL 
_pdbx_database_status.status_code_mr                  ? 
_pdbx_database_status.SG_entry                        Y 
_pdbx_database_status.status_code_cs                  ? 
_pdbx_database_status.methods_development_category    ? 
_pdbx_database_status.pdb_format_compatible           Y 
_pdbx_database_status.status_code_nmr_data            ? 
# 
loop_
_pdbx_database_related.db_name 
_pdbx_database_related.db_id 
_pdbx_database_related.details 
_pdbx_database_related.content_type 
TargetTrack SECSG-B12 . unspecified 
TargetTrack B12       . unspecified 
# 
loop_
_audit_author.name 
_audit_author.pdbx_ordinal 
'Liu, Z.-J.'                                              1  
'Fu, Z.-Q.'                                               2  
'Tempel, W.'                                              3  
'Das, A.'                                                 4  
'Habel, J.'                                               5  
'Zhou, W.'                                                6  
'Chang, J.'                                               7  
'Chen, L.'                                                8  
'Lee, D.'                                                 9  
'Nguyen, D.'                                              10 
'Chang, S.-H.'                                            11 
'Ljungdahl, L.'                                           12 
'Rose, J.P.'                                              13 
'Wang, B.-C.'                                             14 
'Southeast Collaboratory for Structural Genomics (SECSG)' 15 
# 
_citation.id                        primary 
_citation.title                     'Structure of a corrinoid (factor IIIm)-binding protein from Moorella thermoacetica' 
_citation.journal_abbrev            'To be published' 
_citation.journal_volume            ? 
_citation.page_first                ? 
_citation.page_last                 ? 
_citation.year                      ? 
_citation.journal_id_ASTM           ? 
_citation.country                   ? 
_citation.journal_id_ISSN           ? 
_citation.journal_id_CSD            0353 
_citation.book_publisher            ? 
_citation.pdbx_database_id_PubMed   ? 
_citation.pdbx_database_id_DOI      ? 
# 
loop_
_citation_author.citation_id 
_citation_author.name 
_citation_author.ordinal 
_citation_author.identifier_ORCID 
primary 'Liu, Z.-J.'    1  ? 
primary 'Fu, Z.-Q.'     2  ? 
primary 'Tempel, W.'    3  ? 
primary 'Das, A.'       4  ? 
primary 'Habel, J.'     5  ? 
primary 'Zhou, W.'      6  ? 
primary 'Chang, J.'     7  ? 
primary 'Chen, L.'      8  ? 
primary 'Lee, D.'       9  ? 
primary 'Nguyen, D.'    10 ? 
primary 'Chang, S.-H.'  11 ? 
primary 'Ljungdahl, L.' 12 ? 
primary 'Rose, J.P.'    13 ? 
primary 'Wang, B.-C.'   14 ? 
# 
loop_
_entity.id 
_entity.type 
_entity.src_method 
_entity.pdbx_description 
_entity.formula_weight 
_entity.pdbx_number_of_molecules 
_entity.pdbx_ec 
_entity.pdbx_mutation 
_entity.pdbx_fragment 
_entity.details 
1 polymer     nat 'Predicted cobalamin binding protein' 22346.693 1  ? ? ? ? 
2 non-polymer syn CO-5-METHOXYBENZIMIDAZOLYLCOBAMIDE    1331.321  1  ? ? ? ? 
3 non-polymer syn 'UNKNOWN ATOM OR ION'                 ?         5  ? ? ? ? 
4 water       nat water                                 18.015    72 ? ? ? ? 
# 
_entity_name_com.entity_id   1 
_entity_name_com.name        'corrinoid (factor IIIm)-binding protein' 
# 
_entity_poly.entity_id                      1 
_entity_poly.type                           'polypeptide(L)' 
_entity_poly.nstd_linkage                   no 
_entity_poly.nstd_monomer                   no 
_entity_poly.pdbx_seq_one_letter_code       
;MPTYEELSQAVFEGDEAQVVELTRSLLSGGAEPLEVINKGLIAGMDRVGVLFKNNEMFVPEVLMSANAMNAGVEVVKQSQ
QAFDMPSVGKIVLGTVKGDLHDIGKNLVAMMLESGGFTVYNLGVDIEPGKFVEAVKKYQPDIVGMSALLTTTMMNMKSTI
DALIAAGLRDRVKVIVGGAPLSQDFADEIGADGYAPDAASATELCRQLLE
;
_entity_poly.pdbx_seq_one_letter_code_can   
;MPTYEELSQAVFEGDEAQVVELTRSLLSGGAEPLEVINKGLIAGMDRVGVLFKNNEMFVPEVLMSANAMNAGVEVVKQSQ
QAFDMPSVGKIVLGTVKGDLHDIGKNLVAMMLESGGFTVYNLGVDIEPGKFVEAVKKYQPDIVGMSALLTTTMMNMKSTI
DALIAAGLRDRVKVIVGGAPLSQDFADEIGADGYAPDAASATELCRQLLE
;
_entity_poly.pdbx_strand_id                 A 
_entity_poly.pdbx_target_identifier         B12 
# 
loop_
_pdbx_entity_nonpoly.entity_id 
_pdbx_entity_nonpoly.name 
_pdbx_entity_nonpoly.comp_id 
2 CO-5-METHOXYBENZIMIDAZOLYLCOBAMIDE B1M 
3 'UNKNOWN ATOM OR ION'              UNX 
4 water                              HOH 
# 
loop_
_entity_poly_seq.entity_id 
_entity_poly_seq.num 
_entity_poly_seq.mon_id 
_entity_poly_seq.hetero 
1 1   MET n 
1 2   PRO n 
1 3   THR n 
1 4   TYR n 
1 5   GLU n 
1 6   GLU n 
1 7   LEU n 
1 8   SER n 
1 9   GLN n 
1 10  ALA n 
1 11  VAL n 
1 12  PHE n 
1 13  GLU n 
1 14  GLY n 
1 15  ASP n 
1 16  GLU n 
1 17  ALA n 
1 18  GLN n 
1 19  VAL n 
1 20  VAL n 
1 21  GLU n 
1 22  LEU n 
1 23  THR n 
1 24  ARG n 
1 25  SER n 
1 26  LEU n 
1 27  LEU n 
1 28  SER n 
1 29  GLY n 
1 30  GLY n 
1 31  ALA n 
1 32  GLU n 
1 33  PRO n 
1 34  LEU n 
1 35  GLU n 
1 36  VAL n 
1 37  ILE n 
1 38  ASN n 
1 39  LYS n 
1 40  GLY n 
1 41  LEU n 
1 42  ILE n 
1 43  ALA n 
1 44  GLY n 
1 45  MET n 
1 46  ASP n 
1 47  ARG n 
1 48  VAL n 
1 49  GLY n 
1 50  VAL n 
1 51  LEU n 
1 52  PHE n 
1 53  LYS n 
1 54  ASN n 
1 55  ASN n 
1 56  GLU n 
1 57  MET n 
1 58  PHE n 
1 59  VAL n 
1 60  PRO n 
1 61  GLU n 
1 62  VAL n 
1 63  LEU n 
1 64  MET n 
1 65  SER n 
1 66  ALA n 
1 67  ASN n 
1 68  ALA n 
1 69  MET n 
1 70  ASN n 
1 71  ALA n 
1 72  GLY n 
1 73  VAL n 
1 74  GLU n 
1 75  VAL n 
1 76  VAL n 
1 77  LYS n 
1 78  GLN n 
1 79  SER n 
1 80  GLN n 
1 81  GLN n 
1 82  ALA n 
1 83  PHE n 
1 84  ASP n 
1 85  MET n 
1 86  PRO n 
1 87  SER n 
1 88  VAL n 
1 89  GLY n 
1 90  LYS n 
1 91  ILE n 
1 92  VAL n 
1 93  LEU n 
1 94  GLY n 
1 95  THR n 
1 96  VAL n 
1 97  LYS n 
1 98  GLY n 
1 99  ASP n 
1 100 LEU n 
1 101 HIS n 
1 102 ASP n 
1 103 ILE n 
1 104 GLY n 
1 105 LYS n 
1 106 ASN n 
1 107 LEU n 
1 108 VAL n 
1 109 ALA n 
1 110 MET n 
1 111 MET n 
1 112 LEU n 
1 113 GLU n 
1 114 SER n 
1 115 GLY n 
1 116 GLY n 
1 117 PHE n 
1 118 THR n 
1 119 VAL n 
1 120 TYR n 
1 121 ASN n 
1 122 LEU n 
1 123 GLY n 
1 124 VAL n 
1 125 ASP n 
1 126 ILE n 
1 127 GLU n 
1 128 PRO n 
1 129 GLY n 
1 130 LYS n 
1 131 PHE n 
1 132 VAL n 
1 133 GLU n 
1 134 ALA n 
1 135 VAL n 
1 136 LYS n 
1 137 LYS n 
1 138 TYR n 
1 139 GLN n 
1 140 PRO n 
1 141 ASP n 
1 142 ILE n 
1 143 VAL n 
1 144 GLY n 
1 145 MET n 
1 146 SER n 
1 147 ALA n 
1 148 LEU n 
1 149 LEU n 
1 150 THR n 
1 151 THR n 
1 152 THR n 
1 153 MET n 
1 154 MET n 
1 155 ASN n 
1 156 MET n 
1 157 LYS n 
1 158 SER n 
1 159 THR n 
1 160 ILE n 
1 161 ASP n 
1 162 ALA n 
1 163 LEU n 
1 164 ILE n 
1 165 ALA n 
1 166 ALA n 
1 167 GLY n 
1 168 LEU n 
1 169 ARG n 
1 170 ASP n 
1 171 ARG n 
1 172 VAL n 
1 173 LYS n 
1 174 VAL n 
1 175 ILE n 
1 176 VAL n 
1 177 GLY n 
1 178 GLY n 
1 179 ALA n 
1 180 PRO n 
1 181 LEU n 
1 182 SER n 
1 183 GLN n 
1 184 ASP n 
1 185 PHE n 
1 186 ALA n 
1 187 ASP n 
1 188 GLU n 
1 189 ILE n 
1 190 GLY n 
1 191 ALA n 
1 192 ASP n 
1 193 GLY n 
1 194 TYR n 
1 195 ALA n 
1 196 PRO n 
1 197 ASP n 
1 198 ALA n 
1 199 ALA n 
1 200 SER n 
1 201 ALA n 
1 202 THR n 
1 203 GLU n 
1 204 LEU n 
1 205 CYS n 
1 206 ARG n 
1 207 GLN n 
1 208 LEU n 
1 209 LEU n 
1 210 GLU n 
# 
_entity_src_nat.entity_id                  1 
_entity_src_nat.pdbx_src_id                1 
_entity_src_nat.pdbx_alt_source_flag       sample 
_entity_src_nat.pdbx_beg_seq_num           ? 
_entity_src_nat.pdbx_end_seq_num           ? 
_entity_src_nat.common_name                ? 
_entity_src_nat.pdbx_organism_scientific   'Moorella thermoacetica' 
_entity_src_nat.pdbx_ncbi_taxonomy_id      1525 
_entity_src_nat.genus                      Moorella 
_entity_src_nat.species                    ? 
_entity_src_nat.strain                     ? 
_entity_src_nat.tissue                     ? 
_entity_src_nat.tissue_fraction            ? 
_entity_src_nat.pdbx_secretion             ? 
_entity_src_nat.pdbx_fragment              ? 
_entity_src_nat.pdbx_variant               ? 
_entity_src_nat.pdbx_cell_line             ? 
_entity_src_nat.pdbx_atcc                  ? 
_entity_src_nat.pdbx_cellular_location     ? 
_entity_src_nat.pdbx_organ                 ? 
_entity_src_nat.pdbx_organelle             ? 
_entity_src_nat.pdbx_cell                  ? 
_entity_src_nat.pdbx_plasmid_name          ? 
_entity_src_nat.pdbx_plasmid_details       ? 
_entity_src_nat.details                    ? 
# 
loop_
_chem_comp.id 
_chem_comp.type 
_chem_comp.mon_nstd_flag 
_chem_comp.name 
_chem_comp.pdbx_synonyms 
_chem_comp.formula 
_chem_comp.formula_weight 
ALA 'L-peptide linking' y ALANINE                            ?             'C3 H7 N O2'             89.093   
ARG 'L-peptide linking' y ARGININE                           ?             'C6 H15 N4 O2 1'         175.209  
ASN 'L-peptide linking' y ASPARAGINE                         ?             'C4 H8 N2 O3'            132.118  
ASP 'L-peptide linking' y 'ASPARTIC ACID'                    ?             'C4 H7 N O4'             133.103  
B1M non-polymer         . CO-5-METHOXYBENZIMIDAZOLYLCOBAMIDE 'FACTOR IIIM' 'C61 H86 Co N13 O15 P 4' 1331.321 
CYS 'L-peptide linking' y CYSTEINE                           ?             'C3 H7 N O2 S'           121.158  
GLN 'L-peptide linking' y GLUTAMINE                          ?             'C5 H10 N2 O3'           146.144  
GLU 'L-peptide linking' y 'GLUTAMIC ACID'                    ?             'C5 H9 N O4'             147.129  
GLY 'peptide linking'   y GLYCINE                            ?             'C2 H5 N O2'             75.067   
HIS 'L-peptide linking' y HISTIDINE                          ?             'C6 H10 N3 O2 1'         156.162  
HOH non-polymer         . WATER                              ?             'H2 O'                   18.015   
ILE 'L-peptide linking' y ISOLEUCINE                         ?             'C6 H13 N O2'            131.173  
LEU 'L-peptide linking' y LEUCINE                            ?             'C6 H13 N O2'            131.173  
LYS 'L-peptide linking' y LYSINE                             ?             'C6 H15 N2 O2 1'         147.195  
MET 'L-peptide linking' y METHIONINE                         ?             'C5 H11 N O2 S'          149.211  
PHE 'L-peptide linking' y PHENYLALANINE                      ?             'C9 H11 N O2'            165.189  
PRO 'L-peptide linking' y PROLINE                            ?             'C5 H9 N O2'             115.130  
SER 'L-peptide linking' y SERINE                             ?             'C3 H7 N O3'             105.093  
THR 'L-peptide linking' y THREONINE                          ?             'C4 H9 N O3'             119.119  
TYR 'L-peptide linking' y TYROSINE                           ?             'C9 H11 N O3'            181.189  
UNX non-polymer         . 'UNKNOWN ATOM OR ION'              ?             ?                        ?        
VAL 'L-peptide linking' y VALINE                             ?             'C5 H11 N O2'            117.146  
# 
loop_
_pdbx_poly_seq_scheme.asym_id 
_pdbx_poly_seq_scheme.entity_id 
_pdbx_poly_seq_scheme.seq_id 
_pdbx_poly_seq_scheme.mon_id 
_pdbx_poly_seq_scheme.ndb_seq_num 
_pdbx_poly_seq_scheme.pdb_seq_num 
_pdbx_poly_seq_scheme.auth_seq_num 
_pdbx_poly_seq_scheme.pdb_mon_id 
_pdbx_poly_seq_scheme.auth_mon_id 
_pdbx_poly_seq_scheme.pdb_strand_id 
_pdbx_poly_seq_scheme.pdb_ins_code 
_pdbx_poly_seq_scheme.hetero 
A 1 1   MET 1   1   ?   ?   ?   A . n 
A 1 2   PRO 2   2   ?   ?   ?   A . n 
A 1 3   THR 3   3   ?   ?   ?   A . n 
A 1 4   TYR 4   4   ?   ?   ?   A . n 
A 1 5   GLU 5   5   ?   ?   ?   A . n 
A 1 6   GLU 6   6   ?   ?   ?   A . n 
A 1 7   LEU 7   7   ?   ?   ?   A . n 
A 1 8   SER 8   8   ?   ?   ?   A . n 
A 1 9   GLN 9   9   ?   ?   ?   A . n 
A 1 10  ALA 10  10  ?   ?   ?   A . n 
A 1 11  VAL 11  11  ?   ?   ?   A . n 
A 1 12  PHE 12  12  ?   ?   ?   A . n 
A 1 13  GLU 13  13  ?   ?   ?   A . n 
A 1 14  GLY 14  14  ?   ?   ?   A . n 
A 1 15  ASP 15  15  ?   ?   ?   A . n 
A 1 16  GLU 16  16  ?   ?   ?   A . n 
A 1 17  ALA 17  17  ?   ?   ?   A . n 
A 1 18  GLN 18  18  ?   ?   ?   A . n 
A 1 19  VAL 19  19  ?   ?   ?   A . n 
A 1 20  VAL 20  20  ?   ?   ?   A . n 
A 1 21  GLU 21  21  ?   ?   ?   A . n 
A 1 22  LEU 22  22  ?   ?   ?   A . n 
A 1 23  THR 23  23  ?   ?   ?   A . n 
A 1 24  ARG 24  24  ?   ?   ?   A . n 
A 1 25  SER 25  25  ?   ?   ?   A . n 
A 1 26  LEU 26  26  ?   ?   ?   A . n 
A 1 27  LEU 27  27  ?   ?   ?   A . n 
A 1 28  SER 28  28  ?   ?   ?   A . n 
A 1 29  GLY 29  29  ?   ?   ?   A . n 
A 1 30  GLY 30  30  ?   ?   ?   A . n 
A 1 31  ALA 31  31  ?   ?   ?   A . n 
A 1 32  GLU 32  32  ?   ?   ?   A . n 
A 1 33  PRO 33  33  ?   ?   ?   A . n 
A 1 34  LEU 34  34  ?   ?   ?   A . n 
A 1 35  GLU 35  35  ?   ?   ?   A . n 
A 1 36  VAL 36  36  ?   ?   ?   A . n 
A 1 37  ILE 37  37  ?   ?   ?   A . n 
A 1 38  ASN 38  38  ?   ?   ?   A . n 
A 1 39  LYS 39  39  ?   ?   ?   A . n 
A 1 40  GLY 40  40  ?   ?   ?   A . n 
A 1 41  LEU 41  41  ?   ?   ?   A . n 
A 1 42  ILE 42  42  ?   ?   ?   A . n 
A 1 43  ALA 43  43  ?   ?   ?   A . n 
A 1 44  GLY 44  44  ?   ?   ?   A . n 
A 1 45  MET 45  45  ?   ?   ?   A . n 
A 1 46  ASP 46  46  ?   ?   ?   A . n 
A 1 47  ARG 47  47  ?   ?   ?   A . n 
A 1 48  VAL 48  48  ?   ?   ?   A . n 
A 1 49  GLY 49  49  ?   ?   ?   A . n 
A 1 50  VAL 50  50  ?   ?   ?   A . n 
A 1 51  LEU 51  51  ?   ?   ?   A . n 
A 1 52  PHE 52  52  ?   ?   ?   A . n 
A 1 53  LYS 53  53  ?   ?   ?   A . n 
A 1 54  ASN 54  54  ?   ?   ?   A . n 
A 1 55  ASN 55  55  ?   ?   ?   A . n 
A 1 56  GLU 56  56  ?   ?   ?   A . n 
A 1 57  MET 57  57  ?   ?   ?   A . n 
A 1 58  PHE 58  58  ?   ?   ?   A . n 
A 1 59  VAL 59  59  ?   ?   ?   A . n 
A 1 60  PRO 60  60  ?   ?   ?   A . n 
A 1 61  GLU 61  61  ?   ?   ?   A . n 
A 1 62  VAL 62  62  ?   ?   ?   A . n 
A 1 63  LEU 63  63  ?   ?   ?   A . n 
A 1 64  MET 64  64  ?   ?   ?   A . n 
A 1 65  SER 65  65  ?   ?   ?   A . n 
A 1 66  ALA 66  66  ?   ?   ?   A . n 
A 1 67  ASN 67  67  ?   ?   ?   A . n 
A 1 68  ALA 68  68  ?   ?   ?   A . n 
A 1 69  MET 69  69  ?   ?   ?   A . n 
A 1 70  ASN 70  70  ?   ?   ?   A . n 
A 1 71  ALA 71  71  ?   ?   ?   A . n 
A 1 72  GLY 72  72  ?   ?   ?   A . n 
A 1 73  VAL 73  73  ?   ?   ?   A . n 
A 1 74  GLU 74  74  ?   ?   ?   A . n 
A 1 75  VAL 75  75  ?   ?   ?   A . n 
A 1 76  VAL 76  76  ?   ?   ?   A . n 
A 1 77  LYS 77  77  ?   ?   ?   A . n 
A 1 78  GLN 78  78  ?   ?   ?   A . n 
A 1 79  SER 79  79  ?   ?   ?   A . n 
A 1 80  GLN 80  80  ?   ?   ?   A . n 
A 1 81  GLN 81  81  ?   ?   ?   A . n 
A 1 82  ALA 82  82  ?   ?   ?   A . n 
A 1 83  PHE 83  83  ?   ?   ?   A . n 
A 1 84  ASP 84  84  ?   ?   ?   A . n 
A 1 85  MET 85  85  85  MET MET A . n 
A 1 86  PRO 86  86  86  PRO PRO A . n 
A 1 87  SER 87  87  87  SER SER A . n 
A 1 88  VAL 88  88  88  VAL VAL A . n 
A 1 89  GLY 89  89  89  GLY GLY A . n 
A 1 90  LYS 90  90  90  LYS LYS A . n 
A 1 91  ILE 91  91  91  ILE ILE A . n 
A 1 92  VAL 92  92  92  VAL VAL A . n 
A 1 93  LEU 93  93  93  LEU LEU A . n 
A 1 94  GLY 94  94  94  GLY GLY A . n 
A 1 95  THR 95  95  95  THR THR A . n 
A 1 96  VAL 96  96  96  VAL VAL A . n 
A 1 97  LYS 97  97  97  LYS LYS A . n 
A 1 98  GLY 98  98  98  GLY GLY A . n 
A 1 99  ASP 99  99  99  ASP ASP A . n 
A 1 100 LEU 100 100 100 LEU LEU A . n 
A 1 101 HIS 101 101 101 HIS HIS A . n 
A 1 102 ASP 102 102 102 ASP ASP A . n 
A 1 103 ILE 103 103 103 ILE ILE A . n 
A 1 104 GLY 104 104 104 GLY GLY A . n 
A 1 105 LYS 105 105 105 LYS LYS A . n 
A 1 106 ASN 106 106 106 ASN ASN A . n 
A 1 107 LEU 107 107 107 LEU LEU A . n 
A 1 108 VAL 108 108 108 VAL VAL A . n 
A 1 109 ALA 109 109 109 ALA ALA A . n 
A 1 110 MET 110 110 110 MET MET A . n 
A 1 111 MET 111 111 111 MET MET A . n 
A 1 112 LEU 112 112 112 LEU LEU A . n 
A 1 113 GLU 113 113 113 GLU GLU A . n 
A 1 114 SER 114 114 114 SER SER A . n 
A 1 115 GLY 115 115 115 GLY GLY A . n 
A 1 116 GLY 116 116 116 GLY GLY A . n 
A 1 117 PHE 117 117 117 PHE PHE A . n 
A 1 118 THR 118 118 118 THR THR A . n 
A 1 119 VAL 119 119 119 VAL VAL A . n 
A 1 120 TYR 120 120 120 TYR TYR A . n 
A 1 121 ASN 121 121 121 ASN ASN A . n 
A 1 122 LEU 122 122 122 LEU LEU A . n 
A 1 123 GLY 123 123 123 GLY GLY A . n 
A 1 124 VAL 124 124 124 VAL VAL A . n 
A 1 125 ASP 125 125 125 ASP ASP A . n 
A 1 126 ILE 126 126 126 ILE ILE A . n 
A 1 127 GLU 127 127 127 GLU GLU A . n 
A 1 128 PRO 128 128 128 PRO PRO A . n 
A 1 129 GLY 129 129 129 GLY GLY A . n 
A 1 130 LYS 130 130 130 LYS LYS A . n 
A 1 131 PHE 131 131 131 PHE PHE A . n 
A 1 132 VAL 132 132 132 VAL VAL A . n 
A 1 133 GLU 133 133 133 GLU GLU A . n 
A 1 134 ALA 134 134 134 ALA ALA A . n 
A 1 135 VAL 135 135 135 VAL VAL A . n 
A 1 136 LYS 136 136 136 LYS LYS A . n 
A 1 137 LYS 137 137 137 LYS LYS A . n 
A 1 138 TYR 138 138 138 TYR TYR A . n 
A 1 139 GLN 139 139 139 GLN GLN A . n 
A 1 140 PRO 140 140 140 PRO PRO A . n 
A 1 141 ASP 141 141 141 ASP ASP A . n 
A 1 142 ILE 142 142 142 ILE ILE A . n 
A 1 143 VAL 143 143 143 VAL VAL A . n 
A 1 144 GLY 144 144 144 GLY GLY A . n 
A 1 145 MET 145 145 145 MET MET A . n 
A 1 146 SER 146 146 146 SER SER A . n 
A 1 147 ALA 147 147 147 ALA ALA A . n 
A 1 148 LEU 148 148 148 LEU LEU A . n 
A 1 149 LEU 149 149 149 LEU LEU A . n 
A 1 150 THR 150 150 150 THR THR A . n 
A 1 151 THR 151 151 151 THR THR A . n 
A 1 152 THR 152 152 152 THR THR A . n 
A 1 153 MET 153 153 153 MET MET A . n 
A 1 154 MET 154 154 154 MET MET A . n 
A 1 155 ASN 155 155 155 ASN ASN A . n 
A 1 156 MET 156 156 156 MET MET A . n 
A 1 157 LYS 157 157 157 LYS LYS A . n 
A 1 158 SER 158 158 158 SER SER A . n 
A 1 159 THR 159 159 159 THR THR A . n 
A 1 160 ILE 160 160 160 ILE ILE A . n 
A 1 161 ASP 161 161 161 ASP ASP A . n 
A 1 162 ALA 162 162 162 ALA ALA A . n 
A 1 163 LEU 163 163 163 LEU LEU A . n 
A 1 164 ILE 164 164 164 ILE ILE A . n 
A 1 165 ALA 165 165 165 ALA ALA A . n 
A 1 166 ALA 166 166 166 ALA ALA A . n 
A 1 167 GLY 167 167 167 GLY GLY A . n 
A 1 168 LEU 168 168 168 LEU LEU A . n 
A 1 169 ARG 169 169 169 ARG ARG A . n 
A 1 170 ASP 170 170 170 ASP ASP A . n 
A 1 171 ARG 171 171 171 ARG ARG A . n 
A 1 172 VAL 172 172 172 VAL VAL A . n 
A 1 173 LYS 173 173 173 LYS LYS A . n 
A 1 174 VAL 174 174 174 VAL VAL A . n 
A 1 175 ILE 175 175 175 ILE ILE A . n 
A 1 176 VAL 176 176 176 VAL VAL A . n 
A 1 177 GLY 177 177 177 GLY GLY A . n 
A 1 178 GLY 178 178 178 GLY GLY A . n 
A 1 179 ALA 179 179 179 ALA ALA A . n 
A 1 180 PRO 180 180 180 PRO PRO A . n 
A 1 181 LEU 181 181 181 LEU LEU A . n 
A 1 182 SER 182 182 182 SER SER A . n 
A 1 183 GLN 183 183 183 GLN GLN A . n 
A 1 184 ASP 184 184 184 ASP ASP A . n 
A 1 185 PHE 185 185 185 PHE PHE A . n 
A 1 186 ALA 186 186 186 ALA ALA A . n 
A 1 187 ASP 187 187 187 ASP ASP A . n 
A 1 188 GLU 188 188 188 GLU GLU A . n 
A 1 189 ILE 189 189 189 ILE ILE A . n 
A 1 190 GLY 190 190 190 GLY GLY A . n 
A 1 191 ALA 191 191 191 ALA ALA A . n 
A 1 192 ASP 192 192 192 ASP ASP A . n 
A 1 193 GLY 193 193 193 GLY GLY A . n 
A 1 194 TYR 194 194 194 TYR TYR A . n 
A 1 195 ALA 195 195 195 ALA ALA A . n 
A 1 196 PRO 196 196 196 PRO PRO A . n 
A 1 197 ASP 197 197 197 ASP ASP A . n 
A 1 198 ALA 198 198 198 ALA ALA A . n 
A 1 199 ALA 199 199 199 ALA ALA A . n 
A 1 200 SER 200 200 200 SER SER A . n 
A 1 201 ALA 201 201 201 ALA ALA A . n 
A 1 202 THR 202 202 202 THR THR A . n 
A 1 203 GLU 203 203 203 GLU GLU A . n 
A 1 204 LEU 204 204 204 LEU LEU A . n 
A 1 205 CYS 205 205 205 CYS CYS A . n 
A 1 206 ARG 206 206 206 ARG ARG A . n 
A 1 207 GLN 207 207 207 GLN GLN A . n 
A 1 208 LEU 208 208 208 LEU LEU A . n 
A 1 209 LEU 209 209 209 LEU LEU A . n 
A 1 210 GLU 210 210 ?   ?   ?   A . n 
# 
loop_
_pdbx_nonpoly_scheme.asym_id 
_pdbx_nonpoly_scheme.entity_id 
_pdbx_nonpoly_scheme.mon_id 
_pdbx_nonpoly_scheme.ndb_seq_num 
_pdbx_nonpoly_scheme.pdb_seq_num 
_pdbx_nonpoly_scheme.auth_seq_num 
_pdbx_nonpoly_scheme.pdb_mon_id 
_pdbx_nonpoly_scheme.auth_mon_id 
_pdbx_nonpoly_scheme.pdb_strand_id 
_pdbx_nonpoly_scheme.pdb_ins_code 
B 2 B1M 1  301 301 B1M B1M A . 
C 3 UNX 1  601 601 UNX UNX A . 
D 3 UNX 1  602 602 UNX UNX A . 
E 3 UNX 1  603 603 UNX UNX A . 
F 3 UNX 1  604 604 UNX UNX A . 
G 3 UNX 1  605 605 UNX UNX A . 
H 4 HOH 1  401 401 HOH HOH A . 
H 4 HOH 2  402 402 HOH HOH A . 
H 4 HOH 3  403 403 HOH HOH A . 
H 4 HOH 4  404 404 HOH HOH A . 
H 4 HOH 5  405 405 HOH HOH A . 
H 4 HOH 6  406 406 HOH HOH A . 
H 4 HOH 7  407 407 HOH HOH A . 
H 4 HOH 8  408 408 HOH HOH A . 
H 4 HOH 9  409 409 HOH HOH A . 
H 4 HOH 10 410 410 HOH HOH A . 
H 4 HOH 11 411 411 HOH HOH A . 
H 4 HOH 12 412 412 HOH HOH A . 
H 4 HOH 13 413 413 HOH HOH A . 
H 4 HOH 14 414 414 HOH HOH A . 
H 4 HOH 15 415 415 HOH HOH A . 
H 4 HOH 16 416 416 HOH HOH A . 
H 4 HOH 17 417 417 HOH HOH A . 
H 4 HOH 18 418 418 HOH HOH A . 
H 4 HOH 19 419 419 HOH HOH A . 
H 4 HOH 20 420 420 HOH HOH A . 
H 4 HOH 21 421 421 HOH HOH A . 
H 4 HOH 22 422 422 HOH HOH A . 
H 4 HOH 23 423 423 HOH HOH A . 
H 4 HOH 24 424 424 HOH HOH A . 
H 4 HOH 25 425 425 HOH HOH A . 
H 4 HOH 26 426 426 HOH HOH A . 
H 4 HOH 27 427 427 HOH HOH A . 
H 4 HOH 28 428 428 HOH HOH A . 
H 4 HOH 29 429 429 HOH HOH A . 
H 4 HOH 30 430 430 HOH HOH A . 
H 4 HOH 31 431 431 HOH HOH A . 
H 4 HOH 32 432 432 HOH HOH A . 
H 4 HOH 33 433 433 HOH HOH A . 
H 4 HOH 34 434 434 HOH HOH A . 
H 4 HOH 35 435 435 HOH HOH A . 
H 4 HOH 36 436 436 HOH HOH A . 
H 4 HOH 37 437 437 HOH HOH A . 
H 4 HOH 38 438 438 HOH HOH A . 
H 4 HOH 39 439 439 HOH HOH A . 
H 4 HOH 40 440 440 HOH HOH A . 
H 4 HOH 41 441 441 HOH HOH A . 
H 4 HOH 42 442 442 HOH HOH A . 
H 4 HOH 43 443 443 HOH HOH A . 
H 4 HOH 44 444 444 HOH HOH A . 
H 4 HOH 45 445 445 HOH HOH A . 
H 4 HOH 46 446 446 HOH HOH A . 
H 4 HOH 47 447 447 HOH HOH A . 
H 4 HOH 48 448 448 HOH HOH A . 
H 4 HOH 49 449 449 HOH HOH A . 
H 4 HOH 50 450 450 HOH HOH A . 
H 4 HOH 51 451 451 HOH HOH A . 
H 4 HOH 52 452 452 HOH HOH A . 
H 4 HOH 53 453 453 HOH HOH A . 
H 4 HOH 54 454 454 HOH HOH A . 
H 4 HOH 55 455 455 HOH HOH A . 
H 4 HOH 56 456 456 HOH HOH A . 
H 4 HOH 57 457 457 HOH HOH A . 
H 4 HOH 58 458 458 HOH HOH A . 
H 4 HOH 59 459 459 HOH HOH A . 
H 4 HOH 60 460 460 HOH HOH A . 
H 4 HOH 61 461 461 HOH HOH A . 
H 4 HOH 62 462 462 HOH HOH A . 
H 4 HOH 63 463 463 HOH HOH A . 
H 4 HOH 64 464 464 HOH HOH A . 
H 4 HOH 65 465 465 HOH HOH A . 
H 4 HOH 66 466 466 HOH HOH A . 
H 4 HOH 67 467 467 HOH HOH A . 
H 4 HOH 68 468 468 HOH HOH A . 
H 4 HOH 69 469 469 HOH HOH A . 
H 4 HOH 70 470 470 HOH HOH A . 
H 4 HOH 71 471 471 HOH HOH A . 
H 4 HOH 72 472 472 HOH HOH A . 
# 
loop_
_pdbx_unobs_or_zero_occ_atoms.id 
_pdbx_unobs_or_zero_occ_atoms.PDB_model_num 
_pdbx_unobs_or_zero_occ_atoms.polymer_flag 
_pdbx_unobs_or_zero_occ_atoms.occupancy_flag 
_pdbx_unobs_or_zero_occ_atoms.auth_asym_id 
_pdbx_unobs_or_zero_occ_atoms.auth_comp_id 
_pdbx_unobs_or_zero_occ_atoms.auth_seq_id 
_pdbx_unobs_or_zero_occ_atoms.PDB_ins_code 
_pdbx_unobs_or_zero_occ_atoms.auth_atom_id 
_pdbx_unobs_or_zero_occ_atoms.label_alt_id 
_pdbx_unobs_or_zero_occ_atoms.label_asym_id 
_pdbx_unobs_or_zero_occ_atoms.label_comp_id 
_pdbx_unobs_or_zero_occ_atoms.label_seq_id 
_pdbx_unobs_or_zero_occ_atoms.label_atom_id 
1 1 Y 1 A ARG 171 ? CG  ? A ARG 171 CG  
2 1 Y 1 A ARG 171 ? CD  ? A ARG 171 CD  
3 1 Y 1 A ARG 171 ? NE  ? A ARG 171 NE  
4 1 Y 1 A ARG 171 ? CZ  ? A ARG 171 CZ  
5 1 Y 1 A ARG 171 ? NH1 ? A ARG 171 NH1 
6 1 Y 1 A ARG 171 ? NH2 ? A ARG 171 NH2 
# 
loop_
_software.name 
_software.version 
_software.date 
_software.type 
_software.contact_author 
_software.contact_author_email 
_software.classification 
_software.location 
_software.language 
_software.citation_id 
_software.pdbx_ordinal 
SOLVE       2.02            29-Jan-2002 program 'Tom Terwilliger'    terwilliger@LANL.gov     phasing           
http://www.solve.lanl.gov/                       ?       ? 1 
RESOLVE     2.02            08-Feb-2001 program 'Terwilliger, T. C'  terwilliger@LANL.gov     phasing           
http://www.solve.lanl.gov/                       ?       ? 2 
DENZO       .               ?           package 'Zbyszek Otwinowski' zbyszek@mix.swmed.edu    'data reduction'  
http://www.lnls.br/infra/linhasluz/denzo-hkl.htm ?       ? 3 
SCALEPACK   .               ?           package 'Zbyszek Otwinowski' zbyszek@mix.swmed.edu    'data scaling'    
http://www.lnls.br/infra/linhasluz/denzo-hkl.htm ?       ? 4 
REFMAC      refmac_5.2.0005 24/04/2001  program 'Murshudov, G.N.'    ccp4@dl.ac.uk            refinement        
http://www.ccp4.ac.uk/main.html                  Fortran ? 5 
PDB_EXTRACT 1.0             02/20/2004  program H.Yang               sw-help@rcsb.rutgers.edu 'data extraction' 
http://pdb.rutgers.edu/software/                 C/C++   ? 6 
MAR345      .               ?           ?       ?                    ?                        'data collection' ? ?       ? 7 
SHELXD      .               ?           ?       ?                    ?                        phasing           ? ?       ? 8 
# 
_cell.entry_id           1Y80 
_cell.length_a           55.689 
_cell.length_b           62.738 
_cell.length_c           34.543 
_cell.angle_alpha        90.00 
_cell.angle_beta         90.00 
_cell.angle_gamma        90.00 
_cell.Z_PDB              4 
_cell.pdbx_unique_axis   ? 
_cell.length_a_esd       ? 
_cell.length_b_esd       ? 
_cell.length_c_esd       ? 
_cell.angle_alpha_esd    ? 
_cell.angle_beta_esd     ? 
_cell.angle_gamma_esd    ? 
# 
_symmetry.entry_id                         1Y80 
_symmetry.space_group_name_H-M             'P 21 21 2' 
_symmetry.pdbx_full_space_group_name_H-M   ? 
_symmetry.cell_setting                     ? 
_symmetry.Int_Tables_number                18 
_symmetry.space_group_name_Hall            ? 
# 
_exptl.entry_id          1Y80 
_exptl.method            'X-RAY DIFFRACTION' 
_exptl.crystals_number   1 
# 
_exptl_crystal.id                    1 
_exptl_crystal.density_meas          ? 
_exptl_crystal.density_Matthews      ? 
_exptl_crystal.density_percent_sol   ? 
_exptl_crystal.description           ? 
_exptl_crystal.F_000                 ? 
_exptl_crystal.preparation           ? 
# 
_exptl_crystal_grow.crystal_id      1 
_exptl_crystal_grow.method          'modified microbatch' 
_exptl_crystal_grow.temp            291 
_exptl_crystal_grow.temp_details    ? 
_exptl_crystal_grow.pH              6.7 
_exptl_crystal_grow.pdbx_details    
'0.1M Sodium HEPES, 1.6M ammonium sulfate, 30% 1,6-hexanediol, pH 6.7, modified microbatch, temperature 291K' 
_exptl_crystal_grow.pdbx_pH_range   . 
# 
_diffrn.id                     1 
_diffrn.ambient_temp           100 
_diffrn.ambient_temp_details   ? 
_diffrn.crystal_id             1 
# 
_diffrn_detector.diffrn_id              1 
_diffrn_detector.detector               CCD 
_diffrn_detector.type                   'MARMOSAIC 300 mm CCD' 
_diffrn_detector.pdbx_collection_date   ? 
_diffrn_detector.details                ? 
# 
_diffrn_radiation.diffrn_id                        1 
_diffrn_radiation.wavelength_id                    1 
_diffrn_radiation.pdbx_monochromatic_or_laue_m_l   M 
_diffrn_radiation.monochromator                    ? 
_diffrn_radiation.pdbx_diffrn_protocol             'SINGLE WAVELENGTH' 
_diffrn_radiation.pdbx_scattering_type             x-ray 
# 
_diffrn_radiation_wavelength.id           1 
_diffrn_radiation_wavelength.wavelength   1.5798 
_diffrn_radiation_wavelength.wt           1.0 
# 
_diffrn_source.diffrn_id                   1 
_diffrn_source.source                      SYNCHROTRON 
_diffrn_source.type                        'APS BEAMLINE 22-ID' 
_diffrn_source.pdbx_synchrotron_site       APS 
_diffrn_source.pdbx_synchrotron_beamline   22-ID 
_diffrn_source.pdbx_wavelength             ? 
_diffrn_source.pdbx_wavelength_list        1.5798 
# 
_reflns.entry_id                     1Y80 
_reflns.observed_criterion_sigma_I   ? 
_reflns.observed_criterion_sigma_F   ? 
_reflns.d_resolution_low             50.00 
_reflns.d_resolution_high            1.60 
_reflns.number_obs                   13939 
_reflns.number_all                   ? 
_reflns.percent_possible_obs         ? 
_reflns.pdbx_Rmerge_I_obs            0.077 
_reflns.pdbx_Rsym_value              ? 
_reflns.pdbx_netI_over_sigmaI        ? 
_reflns.B_iso_Wilson_estimate        ? 
_reflns.pdbx_redundancy              ? 
_reflns.R_free_details               ? 
_reflns.limit_h_max                  ? 
_reflns.limit_h_min                  ? 
_reflns.limit_k_max                  ? 
_reflns.limit_k_min                  ? 
_reflns.limit_l_max                  ? 
_reflns.limit_l_min                  ? 
_reflns.observed_criterion_F_max     ? 
_reflns.observed_criterion_F_min     ? 
_reflns.pdbx_chi_squared             ? 
_reflns.pdbx_scaling_rejects         ? 
_reflns.pdbx_ordinal                 1 
_reflns.pdbx_diffrn_id               1 
# 
loop_
_reflns_shell.d_res_high 
_reflns_shell.d_res_low 
_reflns_shell.percent_possible_all 
_reflns_shell.Rmerge_I_obs 
_reflns_shell.pdbx_Rsym_value 
_reflns_shell.meanI_over_sigI_obs 
_reflns_shell.pdbx_redundancy 
_reflns_shell.percent_possible_obs 
_reflns_shell.number_unique_all 
_reflns_shell.number_measured_all 
_reflns_shell.number_measured_obs 
_reflns_shell.number_unique_obs 
_reflns_shell.pdbx_chi_squared 
_reflns_shell.pdbx_ordinal 
_reflns_shell.pdbx_diffrn_id 
1.60 1.66  38.600 0.216 ? ? ? ? ? ? ? ? ? 1  1 
1.66 1.72  60.300 0.195 ? ? ? ? ? ? ? ? ? 2  1 
1.72 1.80  89.100 0.165 ? ? ? ? ? ? ? ? ? 3  1 
1.80 1.90  92.300 0.137 ? ? ? ? ? ? ? ? ? 4  1 
1.90 2.02  93.400 0.114 ? ? ? ? ? ? ? ? ? 5  1 
2.02 2.17  94.200 0.094 ? ? ? ? ? ? ? ? ? 6  1 
2.17 2.39  87.800 0.087 ? ? ? ? ? ? ? ? ? 7  1 
2.39 2.74  96.200 0.08  ? ? ? ? ? ? ? ? ? 8  1 
2.74 3.45  97.400 0.072 ? ? ? ? ? ? ? ? ? 9  1 
3.45 50.00 89.300 0.064 ? ? ? ? ? ? ? ? ? 10 1 
# 
_refine.entry_id                                 1Y80 
_refine.ls_number_reflns_obs                     12184 
_refine.ls_number_reflns_all                     ? 
_refine.pdbx_ls_sigma_I                          ? 
_refine.pdbx_ls_sigma_F                          ? 
_refine.pdbx_data_cutoff_high_absF               ? 
_refine.pdbx_data_cutoff_low_absF                ? 
_refine.pdbx_data_cutoff_high_rms_absF           ? 
_refine.ls_d_res_low                             41.63 
_refine.ls_d_res_high                            1.70 
_refine.ls_percent_reflns_obs                    91.51 
_refine.ls_R_factor_obs                          0.1757 
_refine.ls_R_factor_all                          ? 
_refine.ls_R_factor_R_work                       0.17425 
_refine.ls_R_factor_R_free                       0.2101 
_refine.ls_R_factor_R_free_error                 ? 
_refine.ls_R_factor_R_free_error_details         ? 
_refine.ls_percent_reflns_R_free                 4.2 
_refine.ls_number_reflns_R_free                  528 
_refine.ls_number_parameters                     ? 
_refine.ls_number_restraints                     ? 
_refine.occupancy_min                            ? 
_refine.occupancy_max                            ? 
_refine.correlation_coeff_Fo_to_Fc               0.954 
_refine.correlation_coeff_Fo_to_Fc_free          0.944 
_refine.B_iso_mean                               14.075 
_refine.aniso_B[1][1]                            0.32 
_refine.aniso_B[2][2]                            -1.09 
_refine.aniso_B[3][3]                            0.77 
_refine.aniso_B[1][2]                            0.00 
_refine.aniso_B[1][3]                            0.00 
_refine.aniso_B[2][3]                            0.00 
_refine.solvent_model_details                    MASK 
_refine.solvent_model_param_ksol                 ? 
_refine.solvent_model_param_bsol                 ? 
_refine.pdbx_solvent_vdw_probe_radii             1.20 
_refine.pdbx_solvent_ion_probe_radii             0.80 
_refine.pdbx_solvent_shrinkage_radii             0.80 
_refine.pdbx_ls_cross_valid_method               THROUGHOUT 
_refine.details                                  'HYDROGENS HAVE BEEN ADDED IN THE RIDING POSITIONS' 
_refine.pdbx_starting_model                      ? 
_refine.pdbx_method_to_determine_struct          SAD 
_refine.pdbx_isotropic_thermal_model             ? 
_refine.pdbx_stereochemistry_target_values       'MAXIMUM LIKELIHOOD' 
_refine.pdbx_stereochem_target_val_spec_case     ? 
_refine.pdbx_R_Free_selection_details            RANDOM 
_refine.pdbx_overall_ESU_R                       0.115 
_refine.pdbx_overall_ESU_R_Free                  0.112 
_refine.overall_SU_ML                            0.066 
_refine.overall_SU_B                             1.945 
_refine.ls_redundancy_reflns_obs                 ? 
_refine.B_iso_min                                ? 
_refine.B_iso_max                                ? 
_refine.overall_SU_R_Cruickshank_DPI             ? 
_refine.overall_SU_R_free                        ? 
_refine.ls_wR_factor_R_free                      ? 
_refine.ls_wR_factor_R_work                      ? 
_refine.overall_FOM_free_R_set                   ? 
_refine.overall_FOM_work_R_set                   ? 
_refine.pdbx_refine_id                           'X-RAY DIFFRACTION' 
_refine.pdbx_overall_phase_error                 ? 
_refine.pdbx_diffrn_id                           1 
_refine.pdbx_TLS_residual_ADP_flag               ? 
_refine.pdbx_overall_SU_R_free_Cruickshank_DPI   ? 
_refine.pdbx_overall_SU_R_Blow_DPI               ? 
_refine.pdbx_overall_SU_R_free_Blow_DPI          ? 
# 
_refine_hist.pdbx_refine_id                   'X-RAY DIFFRACTION' 
_refine_hist.cycle_id                         LAST 
_refine_hist.pdbx_number_atoms_protein        909 
_refine_hist.pdbx_number_atoms_nucleic_acid   0 
_refine_hist.pdbx_number_atoms_ligand         96 
_refine_hist.number_atoms_solvent             72 
_refine_hist.number_atoms_total               1077 
_refine_hist.d_res_high                       1.70 
_refine_hist.d_res_low                        41.63 
# 
loop_
_refine_ls_restr.type 
_refine_ls_restr.dev_ideal 
_refine_ls_restr.dev_ideal_target 
_refine_ls_restr.weight 
_refine_ls_restr.number 
_refine_ls_restr.pdbx_refine_id 
_refine_ls_restr.pdbx_restraint_function 
r_bond_refined_d             0.015  0.022  ? 1031 'X-RAY DIFFRACTION' ? 
r_bond_other_d               0.003  0.020  ? 987  'X-RAY DIFFRACTION' ? 
r_angle_refined_deg          1.954  2.120  ? 1422 'X-RAY DIFFRACTION' ? 
r_angle_other_deg            0.753  3.000  ? 2290 'X-RAY DIFFRACTION' ? 
r_dihedral_angle_1_deg       4.929  5.000  ? 124  'X-RAY DIFFRACTION' ? 
r_dihedral_angle_2_deg       29.320 26.333 ? 30   'X-RAY DIFFRACTION' ? 
r_dihedral_angle_3_deg       10.938 15.000 ? 170  'X-RAY DIFFRACTION' ? 
r_dihedral_angle_4_deg       3.964  15.000 ? 2    'X-RAY DIFFRACTION' ? 
r_chiral_restr               0.067  0.200  ? 168  'X-RAY DIFFRACTION' ? 
r_gen_planes_refined         0.005  0.020  ? 1127 'X-RAY DIFFRACTION' ? 
r_gen_planes_other           0.002  0.020  ? 189  'X-RAY DIFFRACTION' ? 
r_nbd_refined                0.205  0.200  ? 188  'X-RAY DIFFRACTION' ? 
r_nbd_other                  0.171  0.200  ? 1067 'X-RAY DIFFRACTION' ? 
r_nbtor_refined              0.162  0.200  ? 497  'X-RAY DIFFRACTION' ? 
r_nbtor_other                0.081  0.200  ? 561  'X-RAY DIFFRACTION' ? 
r_xyhbond_nbd_refined        0.096  0.200  ? 50   'X-RAY DIFFRACTION' ? 
r_xyhbond_nbd_other          ?      ?      ? ?    'X-RAY DIFFRACTION' ? 
r_metal_ion_refined          ?      ?      ? ?    'X-RAY DIFFRACTION' ? 
r_metal_ion_other            ?      ?      ? ?    'X-RAY DIFFRACTION' ? 
r_symmetry_vdw_refined       0.102  0.200  ? 4    'X-RAY DIFFRACTION' ? 
r_symmetry_vdw_other         0.231  0.200  ? 31   'X-RAY DIFFRACTION' ? 
r_symmetry_hbond_refined     0.075  0.200  ? 7    'X-RAY DIFFRACTION' ? 
r_symmetry_hbond_other       ?      ?      ? ?    'X-RAY DIFFRACTION' ? 
r_symmetry_metal_ion_refined ?      ?      ? ?    'X-RAY DIFFRACTION' ? 
r_symmetry_metal_ion_other   ?      ?      ? ?    'X-RAY DIFFRACTION' ? 
r_mcbond_it                  1.861  2.000  ? 674  'X-RAY DIFFRACTION' ? 
r_mcbond_other               0.466  2.000  ? 261  'X-RAY DIFFRACTION' ? 
r_mcangle_it                 2.299  3.000  ? 989  'X-RAY DIFFRACTION' ? 
r_scbond_it                  2.077  2.000  ? 456  'X-RAY DIFFRACTION' ? 
r_scangle_it                 3.029  3.000  ? 433  'X-RAY DIFFRACTION' ? 
r_rigid_bond_restr           ?      ?      ? ?    'X-RAY DIFFRACTION' ? 
r_sphericity_free            ?      ?      ? ?    'X-RAY DIFFRACTION' ? 
r_sphericity_bonded          ?      ?      ? ?    'X-RAY DIFFRACTION' ? 
# 
_refine_ls_shell.pdbx_total_number_of_bins_used   20 
_refine_ls_shell.d_res_high                       1.700 
_refine_ls_shell.d_res_low                        1.744 
_refine_ls_shell.number_reflns_R_work             719 
_refine_ls_shell.R_factor_R_work                  0.214 
_refine_ls_shell.percent_reflns_obs               73.61 
_refine_ls_shell.R_factor_R_free                  0.222 
_refine_ls_shell.R_factor_R_free_error            ? 
_refine_ls_shell.percent_reflns_R_free            ? 
_refine_ls_shell.number_reflns_R_free             34 
_refine_ls_shell.redundancy_reflns_obs            ? 
_refine_ls_shell.number_reflns_all                ? 
_refine_ls_shell.number_reflns_obs                ? 
_refine_ls_shell.R_factor_all                     ? 
_refine_ls_shell.pdbx_refine_id                   'X-RAY DIFFRACTION' 
# 
_struct.entry_id                  1Y80 
_struct.title                     'Structure of a corrinoid (factor IIIm)-binding protein from Moorella thermoacetica' 
_struct.pdbx_model_details        ? 
_struct.pdbx_CASP_flag            ? 
_struct.pdbx_model_type_details   ? 
# 
_struct_keywords.text            
;corrinoid, factor IIIm, methyl transferase, Structural Genomics, PSI, Protein Structure Initiative, Southeast Collaboratory for Structural Genomics, SECSG, UNKNOWN FUNCTION
;
_struct_keywords.entry_id        1Y80 
_struct_keywords.pdbx_keywords   'STRUCTURAL GENOMICS, UNKNOWN FUNCTION' 
# 
loop_
_struct_asym.id 
_struct_asym.pdbx_blank_PDB_chainid_flag 
_struct_asym.pdbx_modified 
_struct_asym.entity_id 
_struct_asym.details 
A N N 1 ? 
B N N 2 ? 
C N N 3 ? 
D N N 3 ? 
E N N 3 ? 
F N N 3 ? 
G N N 3 ? 
H N N 4 ? 
# 
_struct_ref.id                         1 
_struct_ref.db_name                    GB 
_struct_ref.db_code                    ZP_00329980 
_struct_ref.pdbx_db_accession          49235916 
_struct_ref.entity_id                  1 
_struct_ref.pdbx_seq_one_letter_code   
;MPTYEELSQAVFEGDEAQVVELTRSLLSGGAEPLEVINKGLIAGMDRVGVLFKNNEMFVPEVLMSANAMNAGVEVVKQSQ
QAFDMPSVGKIVLGTVKGDLHDIGKNLVAMMLESGGFTVYNLGVDIEPGKFVEAVKKYQPDIVGMSALLTTTMMNMKSTI
DALIAAGLRDRVKVIVGGAPLSQDFADEIGADGYAPDAASATELCRQLLE
;
_struct_ref.pdbx_align_begin           1 
_struct_ref.pdbx_db_isoform            ? 
# 
_struct_ref_seq.align_id                      1 
_struct_ref_seq.ref_id                        1 
_struct_ref_seq.pdbx_PDB_id_code              1Y80 
_struct_ref_seq.pdbx_strand_id                A 
_struct_ref_seq.seq_align_beg                 1 
_struct_ref_seq.pdbx_seq_align_beg_ins_code   ? 
_struct_ref_seq.seq_align_end                 210 
_struct_ref_seq.pdbx_seq_align_end_ins_code   ? 
_struct_ref_seq.pdbx_db_accession             49235916 
_struct_ref_seq.db_align_beg                  1 
_struct_ref_seq.pdbx_db_align_beg_ins_code    ? 
_struct_ref_seq.db_align_end                  210 
_struct_ref_seq.pdbx_db_align_end_ins_code    ? 
_struct_ref_seq.pdbx_auth_seq_align_beg       1 
_struct_ref_seq.pdbx_auth_seq_align_end       210 
# 
_pdbx_struct_assembly.id                   1 
_pdbx_struct_assembly.details              author_and_software_defined_assembly 
_pdbx_struct_assembly.method_details       PISA 
_pdbx_struct_assembly.oligomeric_details   monomeric 
_pdbx_struct_assembly.oligomeric_count     1 
# 
_pdbx_struct_assembly_gen.assembly_id       1 
_pdbx_struct_assembly_gen.oper_expression   1 
_pdbx_struct_assembly_gen.asym_id_list      A,B,C,D,E,F,G,H 
# 
_pdbx_struct_oper_list.id                   1 
_pdbx_struct_oper_list.type                 'identity operation' 
_pdbx_struct_oper_list.name                 1_555 
_pdbx_struct_oper_list.symmetry_operation   x,y,z 
_pdbx_struct_oper_list.matrix[1][1]         1.0000000000 
_pdbx_struct_oper_list.matrix[1][2]         0.0000000000 
_pdbx_struct_oper_list.matrix[1][3]         0.0000000000 
_pdbx_struct_oper_list.vector[1]            0.0000000000 
_pdbx_struct_oper_list.matrix[2][1]         0.0000000000 
_pdbx_struct_oper_list.matrix[2][2]         1.0000000000 
_pdbx_struct_oper_list.matrix[2][3]         0.0000000000 
_pdbx_struct_oper_list.vector[2]            0.0000000000 
_pdbx_struct_oper_list.matrix[3][1]         0.0000000000 
_pdbx_struct_oper_list.matrix[3][2]         0.0000000000 
_pdbx_struct_oper_list.matrix[3][3]         1.0000000000 
_pdbx_struct_oper_list.vector[3]            0.0000000000 
# 
_struct_biol.id                    1 
_struct_biol.details               'not known' 
_struct_biol.pdbx_parent_biol_id   ? 
# 
loop_
_struct_conf.conf_type_id 
_struct_conf.id 
_struct_conf.pdbx_PDB_helix_id 
_struct_conf.beg_label_comp_id 
_struct_conf.beg_label_asym_id 
_struct_conf.beg_label_seq_id 
_struct_conf.pdbx_beg_PDB_ins_code 
_struct_conf.end_label_comp_id 
_struct_conf.end_label_asym_id 
_struct_conf.end_label_seq_id 
_struct_conf.pdbx_end_PDB_ins_code 
_struct_conf.beg_auth_comp_id 
_struct_conf.beg_auth_asym_id 
_struct_conf.beg_auth_seq_id 
_struct_conf.end_auth_comp_id 
_struct_conf.end_auth_asym_id 
_struct_conf.end_auth_seq_id 
_struct_conf.pdbx_PDB_helix_class 
_struct_conf.details 
_struct_conf.pdbx_PDB_helix_length 
HELX_P HELX_P1 1 ASP A 102 ? GLY A 115 ? ASP A 102 GLY A 115 1 ? 14 
HELX_P HELX_P2 2 GLU A 127 ? GLN A 139 ? GLU A 127 GLN A 139 1 ? 13 
HELX_P HELX_P3 3 LEU A 149 ? THR A 152 ? LEU A 149 THR A 152 5 ? 4  
HELX_P HELX_P4 4 MET A 153 ? ALA A 166 ? MET A 153 ALA A 166 1 ? 14 
HELX_P HELX_P5 5 LEU A 168 ? VAL A 172 ? LEU A 168 VAL A 172 5 ? 5  
HELX_P HELX_P6 6 SER A 182 ? GLY A 190 ? SER A 182 GLY A 190 1 ? 9  
HELX_P HELX_P7 7 ASP A 197 ? LEU A 209 ? ASP A 197 LEU A 209 1 ? 13 
# 
_struct_conf_type.id          HELX_P 
_struct_conf_type.criteria    ? 
_struct_conf_type.reference   ? 
# 
loop_
_struct_conn.id 
_struct_conn.conn_type_id 
_struct_conn.pdbx_leaving_atom_flag 
_struct_conn.pdbx_PDB_id 
_struct_conn.ptnr1_label_asym_id 
_struct_conn.ptnr1_label_comp_id 
_struct_conn.ptnr1_label_seq_id 
_struct_conn.ptnr1_label_atom_id 
_struct_conn.pdbx_ptnr1_label_alt_id 
_struct_conn.pdbx_ptnr1_PDB_ins_code 
_struct_conn.pdbx_ptnr1_standard_comp_id 
_struct_conn.ptnr1_symmetry 
_struct_conn.ptnr2_label_asym_id 
_struct_conn.ptnr2_label_comp_id 
_struct_conn.ptnr2_label_seq_id 
_struct_conn.ptnr2_label_atom_id 
_struct_conn.pdbx_ptnr2_label_alt_id 
_struct_conn.pdbx_ptnr2_PDB_ins_code 
_struct_conn.ptnr1_auth_asym_id 
_struct_conn.ptnr1_auth_comp_id 
_struct_conn.ptnr1_auth_seq_id 
_struct_conn.ptnr2_auth_asym_id 
_struct_conn.ptnr2_auth_comp_id 
_struct_conn.ptnr2_auth_seq_id 
_struct_conn.ptnr2_symmetry 
_struct_conn.pdbx_ptnr3_label_atom_id 
_struct_conn.pdbx_ptnr3_label_seq_id 
_struct_conn.pdbx_ptnr3_label_comp_id 
_struct_conn.pdbx_ptnr3_label_asym_id 
_struct_conn.pdbx_ptnr3_label_alt_id 
_struct_conn.pdbx_ptnr3_PDB_ins_code 
_struct_conn.details 
_struct_conn.pdbx_dist_value 
_struct_conn.pdbx_value_order 
_struct_conn.pdbx_role 
metalc1 metalc ? ? A HIS 101 NE2 ? ? ? 1_555 B B1M . CO ? ? A HIS 101 A B1M 301 1_555 ? ? ? ? ? ? ? 2.416 ? ? 
metalc2 metalc ? ? B B1M .   CO  ? ? ? 1_555 H HOH . O  ? ? A B1M 301 A HOH 458 1_555 ? ? ? ? ? ? ? 2.656 ? ? 
# 
_struct_conn_type.id          metalc 
_struct_conn_type.criteria    ? 
_struct_conn_type.reference   ? 
# 
loop_
_pdbx_struct_conn_angle.id 
_pdbx_struct_conn_angle.ptnr1_label_atom_id 
_pdbx_struct_conn_angle.ptnr1_label_alt_id 
_pdbx_struct_conn_angle.ptnr1_label_asym_id 
_pdbx_struct_conn_angle.ptnr1_label_comp_id 
_pdbx_struct_conn_angle.ptnr1_label_seq_id 
_pdbx_struct_conn_angle.ptnr1_auth_atom_id 
_pdbx_struct_conn_angle.ptnr1_auth_asym_id 
_pdbx_struct_conn_angle.ptnr1_auth_comp_id 
_pdbx_struct_conn_angle.ptnr1_auth_seq_id 
_pdbx_struct_conn_angle.ptnr1_PDB_ins_code 
_pdbx_struct_conn_angle.ptnr1_symmetry 
_pdbx_struct_conn_angle.ptnr2_label_atom_id 
_pdbx_struct_conn_angle.ptnr2_label_alt_id 
_pdbx_struct_conn_angle.ptnr2_label_asym_id 
_pdbx_struct_conn_angle.ptnr2_label_comp_id 
_pdbx_struct_conn_angle.ptnr2_label_seq_id 
_pdbx_struct_conn_angle.ptnr2_auth_atom_id 
_pdbx_struct_conn_angle.ptnr2_auth_asym_id 
_pdbx_struct_conn_angle.ptnr2_auth_comp_id 
_pdbx_struct_conn_angle.ptnr2_auth_seq_id 
_pdbx_struct_conn_angle.ptnr2_PDB_ins_code 
_pdbx_struct_conn_angle.ptnr2_symmetry 
_pdbx_struct_conn_angle.ptnr3_label_atom_id 
_pdbx_struct_conn_angle.ptnr3_label_alt_id 
_pdbx_struct_conn_angle.ptnr3_label_asym_id 
_pdbx_struct_conn_angle.ptnr3_label_comp_id 
_pdbx_struct_conn_angle.ptnr3_label_seq_id 
_pdbx_struct_conn_angle.ptnr3_auth_atom_id 
_pdbx_struct_conn_angle.ptnr3_auth_asym_id 
_pdbx_struct_conn_angle.ptnr3_auth_comp_id 
_pdbx_struct_conn_angle.ptnr3_auth_seq_id 
_pdbx_struct_conn_angle.ptnr3_PDB_ins_code 
_pdbx_struct_conn_angle.ptnr3_symmetry 
_pdbx_struct_conn_angle.value 
_pdbx_struct_conn_angle.value_esd 
1  NE2 ? A HIS 101 ? A HIS 101 ? 1_555 CO ? B B1M . ? A B1M 301 ? 1_555 N21 ? B B1M . ? A B1M 301 ? 1_555 96.2  ? 
2  NE2 ? A HIS 101 ? A HIS 101 ? 1_555 CO ? B B1M . ? A B1M 301 ? 1_555 N22 ? B B1M . ? A B1M 301 ? 1_555 94.2  ? 
3  N21 ? B B1M .   ? A B1M 301 ? 1_555 CO ? B B1M . ? A B1M 301 ? 1_555 N22 ? B B1M . ? A B1M 301 ? 1_555 91.6  ? 
4  NE2 ? A HIS 101 ? A HIS 101 ? 1_555 CO ? B B1M . ? A B1M 301 ? 1_555 N23 ? B B1M . ? A B1M 301 ? 1_555 83.5  ? 
5  N21 ? B B1M .   ? A B1M 301 ? 1_555 CO ? B B1M . ? A B1M 301 ? 1_555 N23 ? B B1M . ? A B1M 301 ? 1_555 174.2 ? 
6  N22 ? B B1M .   ? A B1M 301 ? 1_555 CO ? B B1M . ? A B1M 301 ? 1_555 N23 ? B B1M . ? A B1M 301 ? 1_555 94.2  ? 
7  NE2 ? A HIS 101 ? A HIS 101 ? 1_555 CO ? B B1M . ? A B1M 301 ? 1_555 N24 ? B B1M . ? A B1M 301 ? 1_555 95.5  ? 
8  N21 ? B B1M .   ? A B1M 301 ? 1_555 CO ? B B1M . ? A B1M 301 ? 1_555 N24 ? B B1M . ? A B1M 301 ? 1_555 82.0  ? 
9  N22 ? B B1M .   ? A B1M 301 ? 1_555 CO ? B B1M . ? A B1M 301 ? 1_555 N24 ? B B1M . ? A B1M 301 ? 1_555 168.9 ? 
10 N23 ? B B1M .   ? A B1M 301 ? 1_555 CO ? B B1M . ? A B1M 301 ? 1_555 N24 ? B B1M . ? A B1M 301 ? 1_555 92.2  ? 
11 NE2 ? A HIS 101 ? A HIS 101 ? 1_555 CO ? B B1M . ? A B1M 301 ? 1_555 O   ? H HOH . ? A HOH 458 ? 1_555 174.9 ? 
12 N21 ? B B1M .   ? A B1M 301 ? 1_555 CO ? B B1M . ? A B1M 301 ? 1_555 O   ? H HOH . ? A HOH 458 ? 1_555 88.3  ? 
13 N22 ? B B1M .   ? A B1M 301 ? 1_555 CO ? B B1M . ? A B1M 301 ? 1_555 O   ? H HOH . ? A HOH 458 ? 1_555 83.1  ? 
14 N23 ? B B1M .   ? A B1M 301 ? 1_555 CO ? B B1M . ? A B1M 301 ? 1_555 O   ? H HOH . ? A HOH 458 ? 1_555 92.3  ? 
15 N24 ? B B1M .   ? A B1M 301 ? 1_555 CO ? B B1M . ? A B1M 301 ? 1_555 O   ? H HOH . ? A HOH 458 ? 1_555 87.6  ? 
# 
_struct_sheet.id               A 
_struct_sheet.type             ? 
_struct_sheet.number_strands   5 
_struct_sheet.details          ? 
# 
loop_
_struct_sheet_order.sheet_id 
_struct_sheet_order.range_id_1 
_struct_sheet_order.range_id_2 
_struct_sheet_order.offset 
_struct_sheet_order.sense 
A 1 2 ? parallel 
A 2 3 ? parallel 
A 3 4 ? parallel 
A 4 5 ? parallel 
# 
loop_
_struct_sheet_range.sheet_id 
_struct_sheet_range.id 
_struct_sheet_range.beg_label_comp_id 
_struct_sheet_range.beg_label_asym_id 
_struct_sheet_range.beg_label_seq_id 
_struct_sheet_range.pdbx_beg_PDB_ins_code 
_struct_sheet_range.end_label_comp_id 
_struct_sheet_range.end_label_asym_id 
_struct_sheet_range.end_label_seq_id 
_struct_sheet_range.pdbx_end_PDB_ins_code 
_struct_sheet_range.beg_auth_comp_id 
_struct_sheet_range.beg_auth_asym_id 
_struct_sheet_range.beg_auth_seq_id 
_struct_sheet_range.end_auth_comp_id 
_struct_sheet_range.end_auth_asym_id 
_struct_sheet_range.end_auth_seq_id 
A 1 THR A 118 ? ASN A 121 ? THR A 118 ASN A 121 
A 2 LYS A 90  ? THR A 95  ? LYS A 90  THR A 95  
A 3 ILE A 142 ? SER A 146 ? ILE A 142 SER A 146 
A 4 LYS A 173 ? GLY A 177 ? LYS A 173 GLY A 177 
A 5 GLY A 193 ? TYR A 194 ? GLY A 193 TYR A 194 
# 
loop_
_pdbx_struct_sheet_hbond.sheet_id 
_pdbx_struct_sheet_hbond.range_id_1 
_pdbx_struct_sheet_hbond.range_id_2 
_pdbx_struct_sheet_hbond.range_1_label_atom_id 
_pdbx_struct_sheet_hbond.range_1_label_comp_id 
_pdbx_struct_sheet_hbond.range_1_label_asym_id 
_pdbx_struct_sheet_hbond.range_1_label_seq_id 
_pdbx_struct_sheet_hbond.range_1_PDB_ins_code 
_pdbx_struct_sheet_hbond.range_1_auth_atom_id 
_pdbx_struct_sheet_hbond.range_1_auth_comp_id 
_pdbx_struct_sheet_hbond.range_1_auth_asym_id 
_pdbx_struct_sheet_hbond.range_1_auth_seq_id 
_pdbx_struct_sheet_hbond.range_2_label_atom_id 
_pdbx_struct_sheet_hbond.range_2_label_comp_id 
_pdbx_struct_sheet_hbond.range_2_label_asym_id 
_pdbx_struct_sheet_hbond.range_2_label_seq_id 
_pdbx_struct_sheet_hbond.range_2_PDB_ins_code 
_pdbx_struct_sheet_hbond.range_2_auth_atom_id 
_pdbx_struct_sheet_hbond.range_2_auth_comp_id 
_pdbx_struct_sheet_hbond.range_2_auth_asym_id 
_pdbx_struct_sheet_hbond.range_2_auth_seq_id 
A 1 2 O TYR A 120 ? O TYR A 120 N ILE A 91  ? N ILE A 91  
A 2 3 N VAL A 92  ? N VAL A 92  O GLY A 144 ? O GLY A 144 
A 3 4 N VAL A 143 ? N VAL A 143 O LYS A 173 ? O LYS A 173 
A 4 5 N VAL A 176 ? N VAL A 176 O GLY A 193 ? O GLY A 193 
# 
loop_
_struct_site.id 
_struct_site.pdbx_evidence_code 
_struct_site.pdbx_auth_asym_id 
_struct_site.pdbx_auth_comp_id 
_struct_site.pdbx_auth_seq_id 
_struct_site.pdbx_auth_ins_code 
_struct_site.pdbx_num_residues 
_struct_site.details 
AC1 Software A B1M 301 ? 39 'BINDING SITE FOR RESIDUE B1M A 301' 
AC2 Software A UNX 601 ? 3  'BINDING SITE FOR RESIDUE UNX A 601' 
AC3 Software A UNX 602 ? 1  'BINDING SITE FOR RESIDUE UNX A 602' 
AC4 Software A UNX 603 ? 4  'BINDING SITE FOR RESIDUE UNX A 603' 
AC5 Software A UNX 604 ? 4  'BINDING SITE FOR RESIDUE UNX A 604' 
AC6 Software A UNX 605 ? 6  'BINDING SITE FOR RESIDUE UNX A 605' 
# 
loop_
_struct_site_gen.id 
_struct_site_gen.site_id 
_struct_site_gen.pdbx_num_res 
_struct_site_gen.label_comp_id 
_struct_site_gen.label_asym_id 
_struct_site_gen.label_seq_id 
_struct_site_gen.pdbx_auth_ins_code 
_struct_site_gen.auth_comp_id 
_struct_site_gen.auth_asym_id 
_struct_site_gen.auth_seq_id 
_struct_site_gen.label_atom_id 
_struct_site_gen.label_alt_id 
_struct_site_gen.symmetry 
_struct_site_gen.details 
1  AC1 39 GLY A 98  ? GLY A 98  . ? 1_555 ? 
2  AC1 39 ASP A 99  ? ASP A 99  . ? 1_555 ? 
3  AC1 39 LEU A 100 ? LEU A 100 . ? 1_555 ? 
4  AC1 39 HIS A 101 ? HIS A 101 . ? 1_555 ? 
5  AC1 39 ASP A 102 ? ASP A 102 . ? 1_555 ? 
6  AC1 39 ILE A 103 ? ILE A 103 . ? 1_555 ? 
7  AC1 39 GLY A 104 ? GLY A 104 . ? 1_555 ? 
8  AC1 39 VAL A 108 ? VAL A 108 . ? 1_555 ? 
9  AC1 39 SER A 114 ? SER A 114 . ? 1_556 ? 
10 AC1 39 GLY A 115 ? GLY A 115 . ? 1_556 ? 
11 AC1 39 GLY A 144 ? GLY A 144 . ? 1_555 ? 
12 AC1 39 MET A 145 ? MET A 145 . ? 1_555 ? 
13 AC1 39 SER A 146 ? SER A 146 . ? 1_555 ? 
14 AC1 39 LEU A 148 ? LEU A 148 . ? 1_555 ? 
15 AC1 39 LEU A 149 ? LEU A 149 . ? 1_555 ? 
16 AC1 39 THR A 150 ? THR A 150 . ? 1_555 ? 
17 AC1 39 ALA A 165 ? ALA A 165 . ? 3_547 ? 
18 AC1 39 ALA A 166 ? ALA A 166 . ? 3_547 ? 
19 AC1 39 GLY A 167 ? GLY A 167 . ? 3_547 ? 
20 AC1 39 ASP A 170 ? ASP A 170 . ? 4_557 ? 
21 AC1 39 ASP A 170 ? ASP A 170 . ? 3_547 ? 
22 AC1 39 ILE A 175 ? ILE A 175 . ? 1_555 ? 
23 AC1 39 GLY A 177 ? GLY A 177 . ? 1_555 ? 
24 AC1 39 GLY A 178 ? GLY A 178 . ? 1_555 ? 
25 AC1 39 ALA A 179 ? ALA A 179 . ? 1_555 ? 
26 AC1 39 ALA A 195 ? ALA A 195 . ? 1_555 ? 
27 AC1 39 PRO A 196 ? PRO A 196 . ? 1_555 ? 
28 AC1 39 ASP A 197 ? ASP A 197 . ? 1_555 ? 
29 AC1 39 ALA A 198 ? ALA A 198 . ? 1_555 ? 
30 AC1 39 ARG A 206 ? ARG A 206 . ? 1_556 ? 
31 AC1 39 HOH H .   ? HOH A 401 . ? 1_555 ? 
32 AC1 39 HOH H .   ? HOH A 403 . ? 1_556 ? 
33 AC1 39 HOH H .   ? HOH A 414 . ? 3_547 ? 
34 AC1 39 HOH H .   ? HOH A 430 . ? 1_555 ? 
35 AC1 39 HOH H .   ? HOH A 441 . ? 3_547 ? 
36 AC1 39 HOH H .   ? HOH A 447 . ? 1_555 ? 
37 AC1 39 HOH H .   ? HOH A 453 . ? 1_555 ? 
38 AC1 39 HOH H .   ? HOH A 458 . ? 1_555 ? 
39 AC1 39 HOH H .   ? HOH A 459 . ? 1_555 ? 
40 AC2 3  THR A 150 ? THR A 150 . ? 1_554 ? 
41 AC2 3  THR A 151 ? THR A 151 . ? 1_554 ? 
42 AC2 3  GLN A 207 ? GLN A 207 . ? 1_555 ? 
43 AC3 1  THR A 151 ? THR A 151 . ? 1_554 ? 
44 AC4 4  SER A 182 ? SER A 182 . ? 1_555 ? 
45 AC4 4  GLN A 183 ? GLN A 183 . ? 1_555 ? 
46 AC4 4  UNX F .   ? UNX A 604 . ? 1_555 ? 
47 AC4 4  UNX G .   ? UNX A 605 . ? 3_547 ? 
48 AC5 4  SER A 182 ? SER A 182 . ? 1_555 ? 
49 AC5 4  GLN A 183 ? GLN A 183 . ? 1_555 ? 
50 AC5 4  ASP A 184 ? ASP A 184 . ? 1_555 ? 
51 AC5 4  UNX E .   ? UNX A 603 . ? 1_555 ? 
52 AC6 6  LYS A 136 ? LYS A 136 . ? 1_555 ? 
53 AC6 6  SER A 182 ? SER A 182 . ? 3_557 ? 
54 AC6 6  TYR A 194 ? TYR A 194 . ? 3_557 ? 
55 AC6 6  HOH H .   ? HOH A 423 . ? 3_557 ? 
56 AC6 6  HOH H .   ? HOH A 428 . ? 1_555 ? 
57 AC6 6  UNX E .   ? UNX A 603 . ? 3_557 ? 
# 
_pdbx_entry_details.entry_id                   1Y80 
_pdbx_entry_details.compound_details           ? 
_pdbx_entry_details.source_details             ? 
_pdbx_entry_details.nonpolymer_details         ? 
_pdbx_entry_details.sequence_details           ? 
_pdbx_entry_details.has_ligand_of_interest     ? 
_pdbx_entry_details.has_protein_modification   N 
# 
loop_
_pdbx_validate_chiral.id 
_pdbx_validate_chiral.PDB_model_num 
_pdbx_validate_chiral.auth_atom_id 
_pdbx_validate_chiral.label_alt_id 
_pdbx_validate_chiral.auth_asym_id 
_pdbx_validate_chiral.auth_comp_id 
_pdbx_validate_chiral.auth_seq_id 
_pdbx_validate_chiral.PDB_ins_code 
_pdbx_validate_chiral.details 
_pdbx_validate_chiral.omega 
1 1 N21 ? A B1M 301 ? PLANAR . 
2 1 N22 ? A B1M 301 ? PLANAR . 
3 1 N23 ? A B1M 301 ? PLANAR . 
4 1 N24 ? A B1M 301 ? PLANAR . 
# 
_pdbx_SG_project.project_name          'PSI, Protein Structure Initiative' 
_pdbx_SG_project.full_name_of_center   'Southeast Collaboratory for Structural Genomics' 
_pdbx_SG_project.initial_of_center     SECSG 
_pdbx_SG_project.id                    1 
# 
loop_
_pdbx_phasing_MAD_shell.d_res_low 
_pdbx_phasing_MAD_shell.d_res_high 
_pdbx_phasing_MAD_shell.reflns 
_pdbx_phasing_MAD_shell.fom 
62.652 7.82 348  0.33 
7.82   4.91 581  0.38 
4.91   3.83 730  0.37 
3.83   3.24 837  0.37 
3.24   2.86 875  0.31 
2.86   2.59 1024 0.29 
2.59   2.38 1124 0.24 
2.38   2.22 1187 0.17 
# 
_pdbx_phasing_dm.entry_id          1Y80 
_pdbx_phasing_dm.fom_acentric      0.58 
_pdbx_phasing_dm.fom_centric       0.48 
_pdbx_phasing_dm.fom               0.56 
_pdbx_phasing_dm.reflns_acentric   5548 
_pdbx_phasing_dm.reflns_centric    1158 
_pdbx_phasing_dm.reflns            6706 
# 
loop_
_pdbx_phasing_dm_shell.d_res_low 
_pdbx_phasing_dm_shell.d_res_high 
_pdbx_phasing_dm_shell.fom_acentric 
_pdbx_phasing_dm_shell.fom_centric 
_pdbx_phasing_dm_shell.fom 
_pdbx_phasing_dm_shell.reflns_acentric 
_pdbx_phasing_dm_shell.reflns_centric 
_pdbx_phasing_dm_shell.reflns 
41.551 6.1 0.85 0.63 0.85 197  141 338  
6.1    3.8 0.82 0.63 0.77 705  234 939  
3.8    3.1 0.75 0.58 0.72 929  212 1141 
3.1    2.7 0.60 0.46 0.58 906  162 1068 
2.7    2.3 0.48 0.34 0.46 1732 264 1996 
2.3    2.2 0.35 0.25 0.34 1079 145 1224 
# 
_phasing.method   sad 
# 
_phasing_MAD.pdbx_d_res_high   2.150 
_phasing_MAD.pdbx_d_res_low    62.652 
_phasing_MAD.pdbx_reflns       6706 
_phasing_MAD.pdbx_fom          0.29 
_phasing_MAD.entry_id          1Y80 
# 
_pdbx_database_remark.id     300 
_pdbx_database_remark.text   
;BIOMOLECULE:
THIS ENTRY CONTAINS THE CRYSTALLOGRAPHIC ASYMMETRIC UNIT
WHICH CONSISTS OF 1 CHAIN. THE BIOLOGICAL UNIT IS UNKNOWN.
;
# 
loop_
_pdbx_unobs_or_zero_occ_residues.id 
_pdbx_unobs_or_zero_occ_residues.PDB_model_num 
_pdbx_unobs_or_zero_occ_residues.polymer_flag 
_pdbx_unobs_or_zero_occ_residues.occupancy_flag 
_pdbx_unobs_or_zero_occ_residues.auth_asym_id 
_pdbx_unobs_or_zero_occ_residues.auth_comp_id 
_pdbx_unobs_or_zero_occ_residues.auth_seq_id 
_pdbx_unobs_or_zero_occ_residues.PDB_ins_code 
_pdbx_unobs_or_zero_occ_residues.label_asym_id 
_pdbx_unobs_or_zero_occ_residues.label_comp_id 
_pdbx_unobs_or_zero_occ_residues.label_seq_id 
1  1 Y 1 A MET 1   ? A MET 1   
2  1 Y 1 A PRO 2   ? A PRO 2   
3  1 Y 1 A THR 3   ? A THR 3   
4  1 Y 1 A TYR 4   ? A TYR 4   
5  1 Y 1 A GLU 5   ? A GLU 5   
6  1 Y 1 A GLU 6   ? A GLU 6   
7  1 Y 1 A LEU 7   ? A LEU 7   
8  1 Y 1 A SER 8   ? A SER 8   
9  1 Y 1 A GLN 9   ? A GLN 9   
10 1 Y 1 A ALA 10  ? A ALA 10  
11 1 Y 1 A VAL 11  ? A VAL 11  
12 1 Y 1 A PHE 12  ? A PHE 12  
13 1 Y 1 A GLU 13  ? A GLU 13  
14 1 Y 1 A GLY 14  ? A GLY 14  
15 1 Y 1 A ASP 15  ? A ASP 15  
16 1 Y 1 A GLU 16  ? A GLU 16  
17 1 Y 1 A ALA 17  ? A ALA 17  
18 1 Y 1 A GLN 18  ? A GLN 18  
19 1 Y 1 A VAL 19  ? A VAL 19  
20 1 Y 1 A VAL 20  ? A VAL 20  
21 1 Y 1 A GLU 21  ? A GLU 21  
22 1 Y 1 A LEU 22  ? A LEU 22  
23 1 Y 1 A THR 23  ? A THR 23  
24 1 Y 1 A ARG 24  ? A ARG 24  
25 1 Y 1 A SER 25  ? A SER 25  
26 1 Y 1 A LEU 26  ? A LEU 26  
27 1 Y 1 A LEU 27  ? A LEU 27  
28 1 Y 1 A SER 28  ? A SER 28  
29 1 Y 1 A GLY 29  ? A GLY 29  
30 1 Y 1 A GLY 30  ? A GLY 30  
31 1 Y 1 A ALA 31  ? A ALA 31  
32 1 Y 1 A GLU 32  ? A GLU 32  
33 1 Y 1 A PRO 33  ? A PRO 33  
34 1 Y 1 A LEU 34  ? A LEU 34  
35 1 Y 1 A GLU 35  ? A GLU 35  
36 1 Y 1 A VAL 36  ? A VAL 36  
37 1 Y 1 A ILE 37  ? A ILE 37  
38 1 Y 1 A ASN 38  ? A ASN 38  
39 1 Y 1 A LYS 39  ? A LYS 39  
40 1 Y 1 A GLY 40  ? A GLY 40  
41 1 Y 1 A LEU 41  ? A LEU 41  
42 1 Y 1 A ILE 42  ? A ILE 42  
43 1 Y 1 A ALA 43  ? A ALA 43  
44 1 Y 1 A GLY 44  ? A GLY 44  
45 1 Y 1 A MET 45  ? A MET 45  
46 1 Y 1 A ASP 46  ? A ASP 46  
47 1 Y 1 A ARG 47  ? A ARG 47  
48 1 Y 1 A VAL 48  ? A VAL 48  
49 1 Y 1 A GLY 49  ? A GLY 49  
50 1 Y 1 A VAL 50  ? A VAL 50  
51 1 Y 1 A LEU 51  ? A LEU 51  
52 1 Y 1 A PHE 52  ? A PHE 52  
53 1 Y 1 A LYS 53  ? A LYS 53  
54 1 Y 1 A ASN 54  ? A ASN 54  
55 1 Y 1 A ASN 55  ? A ASN 55  
56 1 Y 1 A GLU 56  ? A GLU 56  
57 1 Y 1 A MET 57  ? A MET 57  
58 1 Y 1 A PHE 58  ? A PHE 58  
59 1 Y 1 A VAL 59  ? A VAL 59  
60 1 Y 1 A PRO 60  ? A PRO 60  
61 1 Y 1 A GLU 61  ? A GLU 61  
62 1 Y 1 A VAL 62  ? A VAL 62  
63 1 Y 1 A LEU 63  ? A LEU 63  
64 1 Y 1 A MET 64  ? A MET 64  
65 1 Y 1 A SER 65  ? A SER 65  
66 1 Y 1 A ALA 66  ? A ALA 66  
67 1 Y 1 A ASN 67  ? A ASN 67  
68 1 Y 1 A ALA 68  ? A ALA 68  
69 1 Y 1 A MET 69  ? A MET 69  
70 1 Y 1 A ASN 70  ? A ASN 70  
71 1 Y 1 A ALA 71  ? A ALA 71  
72 1 Y 1 A GLY 72  ? A GLY 72  
73 1 Y 1 A VAL 73  ? A VAL 73  
74 1 Y 1 A GLU 74  ? A GLU 74  
75 1 Y 1 A VAL 75  ? A VAL 75  
76 1 Y 1 A VAL 76  ? A VAL 76  
77 1 Y 1 A LYS 77  ? A LYS 77  
78 1 Y 1 A GLN 78  ? A GLN 78  
79 1 Y 1 A SER 79  ? A SER 79  
80 1 Y 1 A GLN 80  ? A GLN 80  
81 1 Y 1 A GLN 81  ? A GLN 81  
82 1 Y 1 A ALA 82  ? A ALA 82  
83 1 Y 1 A PHE 83  ? A PHE 83  
84 1 Y 1 A ASP 84  ? A ASP 84  
85 1 Y 1 A GLU 210 ? A GLU 210 
# 
loop_
_chem_comp_atom.comp_id 
_chem_comp_atom.atom_id 
_chem_comp_atom.type_symbol 
_chem_comp_atom.pdbx_aromatic_flag 
_chem_comp_atom.pdbx_stereo_config 
_chem_comp_atom.pdbx_ordinal 
ALA N    N  N N 1   
ALA CA   C  N S 2   
ALA C    C  N N 3   
ALA O    O  N N 4   
ALA CB   C  N N 5   
ALA OXT  O  N N 6   
ALA H    H  N N 7   
ALA H2   H  N N 8   
ALA HA   H  N N 9   
ALA HB1  H  N N 10  
ALA HB2  H  N N 11  
ALA HB3  H  N N 12  
ALA HXT  H  N N 13  
ARG N    N  N N 14  
ARG CA   C  N S 15  
ARG C    C  N N 16  
ARG O    O  N N 17  
ARG CB   C  N N 18  
ARG CG   C  N N 19  
ARG CD   C  N N 20  
ARG NE   N  N N 21  
ARG CZ   C  N N 22  
ARG NH1  N  N N 23  
ARG NH2  N  N N 24  
ARG OXT  O  N N 25  
ARG H    H  N N 26  
ARG H2   H  N N 27  
ARG HA   H  N N 28  
ARG HB2  H  N N 29  
ARG HB3  H  N N 30  
ARG HG2  H  N N 31  
ARG HG3  H  N N 32  
ARG HD2  H  N N 33  
ARG HD3  H  N N 34  
ARG HE   H  N N 35  
ARG HH11 H  N N 36  
ARG HH12 H  N N 37  
ARG HH21 H  N N 38  
ARG HH22 H  N N 39  
ARG HXT  H  N N 40  
ASN N    N  N N 41  
ASN CA   C  N S 42  
ASN C    C  N N 43  
ASN O    O  N N 44  
ASN CB   C  N N 45  
ASN CG   C  N N 46  
ASN OD1  O  N N 47  
ASN ND2  N  N N 48  
ASN OXT  O  N N 49  
ASN H    H  N N 50  
ASN H2   H  N N 51  
ASN HA   H  N N 52  
ASN HB2  H  N N 53  
ASN HB3  H  N N 54  
ASN HD21 H  N N 55  
ASN HD22 H  N N 56  
ASN HXT  H  N N 57  
ASP N    N  N N 58  
ASP CA   C  N S 59  
ASP C    C  N N 60  
ASP O    O  N N 61  
ASP CB   C  N N 62  
ASP CG   C  N N 63  
ASP OD1  O  N N 64  
ASP OD2  O  N N 65  
ASP OXT  O  N N 66  
ASP H    H  N N 67  
ASP H2   H  N N 68  
ASP HA   H  N N 69  
ASP HB2  H  N N 70  
ASP HB3  H  N N 71  
ASP HD2  H  N N 72  
ASP HXT  H  N N 73  
B1M CO   CO N N 74  
B1M N21  N  N R 75  
B1M N22  N  N R 76  
B1M N23  N  N S 77  
B1M N24  N  N S 78  
B1M C1   C  N R 79  
B1M C20  C  N N 80  
B1M C2   C  N S 81  
B1M C25  C  N N 82  
B1M C26  C  N N 83  
B1M C27  C  N N 84  
B1M O28  O  N N 85  
B1M N29  N  N N 86  
B1M C3   C  N S 87  
B1M C30  C  N N 88  
B1M C31  C  N N 89  
B1M C32  C  N N 90  
B1M O34  O  N N 91  
B1M N33  N  N N 92  
B1M C4   C  N N 93  
B1M C5   C  N N 94  
B1M C35  C  N N 95  
B1M C6   C  N N 96  
B1M C7   C  N S 97  
B1M C36  C  N N 98  
B1M C37  C  N N 99  
B1M C38  C  N N 100 
B1M O39  O  N N 101 
B1M N40  N  N N 102 
B1M C8   C  N S 103 
B1M C41  C  N N 104 
B1M C42  C  N N 105 
B1M C43  C  N N 106 
B1M O44  O  N N 107 
B1M N45  N  N N 108 
B1M C9   C  N N 109 
B1M C10  C  N N 110 
B1M C11  C  N N 111 
B1M C12  C  N N 112 
B1M C46  C  N N 113 
B1M C47  C  N N 114 
B1M C13  C  N S 115 
B1M C48  C  N N 116 
B1M C49  C  N N 117 
B1M C50  C  N N 118 
B1M O51  O  N N 119 
B1M N52  N  N N 120 
B1M C14  C  N N 121 
B1M C15  C  N N 122 
B1M C53  C  N N 123 
B1M C16  C  N N 124 
B1M C17  C  N R 125 
B1M C54  C  N N 126 
B1M C55  C  N N 127 
B1M C56  C  N N 128 
B1M C57  C  N N 129 
B1M O58  O  N N 130 
B1M N59  N  N N 131 
B1M C18  C  N R 132 
B1M C60  C  N N 133 
B1M C61  C  N N 134 
B1M O63  O  N N 135 
B1M N62  N  N N 136 
B1M C19  C  N N 137 
B1M C1P  C  N N 138 
B1M C2P  C  N R 139 
B1M C3P  C  N N 140 
B1M O3   O  N N 141 
B1M O4   O  N N 142 
B1M O5   O  N N 143 
B1M P    P  N N 144 
B1M O2   O  N N 145 
B1M C3R  C  N S 146 
B1M C2R  C  N R 147 
B1M O7R  O  N N 148 
B1M C1R  C  N S 149 
B1M O6R  O  N N 150 
B1M C4R  C  N R 151 
B1M C5R  C  N N 152 
B1M O8R  O  N N 153 
B1M N1B  N  Y N 154 
B1M C8B  C  Y N 155 
B1M C2B  C  Y N 156 
B1M N3B  N  Y N 157 
B1M C9B  C  Y N 158 
B1M C4B  C  Y N 159 
B1M C5B  C  Y N 160 
B1M C6B  C  Y N 161 
B1M C7B  C  Y N 162 
B1M O5M  O  N N 163 
B1M C5O  C  N N 164 
B1M H201 H  N N 165 
B1M H202 H  N N 166 
B1M H203 H  N N 167 
B1M H251 H  N N 168 
B1M H252 H  N N 169 
B1M H253 H  N N 170 
B1M H261 H  N N 171 
B1M H262 H  N N 172 
B1M H291 H  N N 173 
B1M H292 H  N N 174 
B1M H3   H  N N 175 
B1M H301 H  N N 176 
B1M H302 H  N N 177 
B1M H311 H  N N 178 
B1M H312 H  N N 179 
B1M H331 H  N N 180 
B1M H332 H  N N 181 
B1M H351 H  N N 182 
B1M H352 H  N N 183 
B1M H353 H  N N 184 
B1M H361 H  N N 185 
B1M H362 H  N N 186 
B1M H363 H  N N 187 
B1M H371 H  N N 188 
B1M H372 H  N N 189 
B1M H401 H  N N 190 
B1M H402 H  N N 191 
B1M H8   H  N N 192 
B1M H411 H  N N 193 
B1M H412 H  N N 194 
B1M H421 H  N N 195 
B1M H422 H  N N 196 
B1M H451 H  N N 197 
B1M H452 H  N N 198 
B1M H10  H  N N 199 
B1M H461 H  N N 200 
B1M H462 H  N N 201 
B1M H463 H  N N 202 
B1M H471 H  N N 203 
B1M H472 H  N N 204 
B1M H473 H  N N 205 
B1M H13  H  N N 206 
B1M H481 H  N N 207 
B1M H482 H  N N 208 
B1M H491 H  N N 209 
B1M H492 H  N N 210 
B1M H521 H  N N 211 
B1M H522 H  N N 212 
B1M H531 H  N N 213 
B1M H532 H  N N 214 
B1M H533 H  N N 215 
B1M H541 H  N N 216 
B1M H542 H  N N 217 
B1M H543 H  N N 218 
B1M H551 H  N N 219 
B1M H552 H  N N 220 
B1M H561 H  N N 221 
B1M H562 H  N N 222 
B1M H59  H  N N 223 
B1M H18  H  N N 224 
B1M H601 H  N N 225 
B1M H602 H  N N 226 
B1M H621 H  N N 227 
B1M H622 H  N N 228 
B1M H1P1 H  N N 229 
B1M H1P2 H  N N 230 
B1M H2P  H  N N 231 
B1M H3P1 H  N N 232 
B1M H3P2 H  N N 233 
B1M H3P3 H  N N 234 
B1M HOP5 H  N N 235 
B1M H3R  H  N N 236 
B1M H2R  H  N N 237 
B1M HOR7 H  N N 238 
B1M H1R  H  N N 239 
B1M H4R  H  N N 240 
B1M H5R1 H  N N 241 
B1M H5R2 H  N N 242 
B1M HOR8 H  N N 243 
B1M H2B  H  N N 244 
B1M H4B  H  N N 245 
B1M H6B  H  N N 246 
B1M H7B  H  N N 247 
B1M HO51 H  N N 248 
B1M HO52 H  N N 249 
B1M HO53 H  N N 250 
CYS N    N  N N 251 
CYS CA   C  N R 252 
CYS C    C  N N 253 
CYS O    O  N N 254 
CYS CB   C  N N 255 
CYS SG   S  N N 256 
CYS OXT  O  N N 257 
CYS H    H  N N 258 
CYS H2   H  N N 259 
CYS HA   H  N N 260 
CYS HB2  H  N N 261 
CYS HB3  H  N N 262 
CYS HG   H  N N 263 
CYS HXT  H  N N 264 
GLN N    N  N N 265 
GLN CA   C  N S 266 
GLN C    C  N N 267 
GLN O    O  N N 268 
GLN CB   C  N N 269 
GLN CG   C  N N 270 
GLN CD   C  N N 271 
GLN OE1  O  N N 272 
GLN NE2  N  N N 273 
GLN OXT  O  N N 274 
GLN H    H  N N 275 
GLN H2   H  N N 276 
GLN HA   H  N N 277 
GLN HB2  H  N N 278 
GLN HB3  H  N N 279 
GLN HG2  H  N N 280 
GLN HG3  H  N N 281 
GLN HE21 H  N N 282 
GLN HE22 H  N N 283 
GLN HXT  H  N N 284 
GLU N    N  N N 285 
GLU CA   C  N S 286 
GLU C    C  N N 287 
GLU O    O  N N 288 
GLU CB   C  N N 289 
GLU CG   C  N N 290 
GLU CD   C  N N 291 
GLU OE1  O  N N 292 
GLU OE2  O  N N 293 
GLU OXT  O  N N 294 
GLU H    H  N N 295 
GLU H2   H  N N 296 
GLU HA   H  N N 297 
GLU HB2  H  N N 298 
GLU HB3  H  N N 299 
GLU HG2  H  N N 300 
GLU HG3  H  N N 301 
GLU HE2  H  N N 302 
GLU HXT  H  N N 303 
GLY N    N  N N 304 
GLY CA   C  N N 305 
GLY C    C  N N 306 
GLY O    O  N N 307 
GLY OXT  O  N N 308 
GLY H    H  N N 309 
GLY H2   H  N N 310 
GLY HA2  H  N N 311 
GLY HA3  H  N N 312 
GLY HXT  H  N N 313 
HIS N    N  N N 314 
HIS CA   C  N S 315 
HIS C    C  N N 316 
HIS O    O  N N 317 
HIS CB   C  N N 318 
HIS CG   C  Y N 319 
HIS ND1  N  Y N 320 
HIS CD2  C  Y N 321 
HIS CE1  C  Y N 322 
HIS NE2  N  Y N 323 
HIS OXT  O  N N 324 
HIS H    H  N N 325 
HIS H2   H  N N 326 
HIS HA   H  N N 327 
HIS HB2  H  N N 328 
HIS HB3  H  N N 329 
HIS HD1  H  N N 330 
HIS HD2  H  N N 331 
HIS HE1  H  N N 332 
HIS HE2  H  N N 333 
HIS HXT  H  N N 334 
HOH O    O  N N 335 
HOH H1   H  N N 336 
HOH H2   H  N N 337 
ILE N    N  N N 338 
ILE CA   C  N S 339 
ILE C    C  N N 340 
ILE O    O  N N 341 
ILE CB   C  N S 342 
ILE CG1  C  N N 343 
ILE CG2  C  N N 344 
ILE CD1  C  N N 345 
ILE OXT  O  N N 346 
ILE H    H  N N 347 
ILE H2   H  N N 348 
ILE HA   H  N N 349 
ILE HB   H  N N 350 
ILE HG12 H  N N 351 
ILE HG13 H  N N 352 
ILE HG21 H  N N 353 
ILE HG22 H  N N 354 
ILE HG23 H  N N 355 
ILE HD11 H  N N 356 
ILE HD12 H  N N 357 
ILE HD13 H  N N 358 
ILE HXT  H  N N 359 
LEU N    N  N N 360 
LEU CA   C  N S 361 
LEU C    C  N N 362 
LEU O    O  N N 363 
LEU CB   C  N N 364 
LEU CG   C  N N 365 
LEU CD1  C  N N 366 
LEU CD2  C  N N 367 
LEU OXT  O  N N 368 
LEU H    H  N N 369 
LEU H2   H  N N 370 
LEU HA   H  N N 371 
LEU HB2  H  N N 372 
LEU HB3  H  N N 373 
LEU HG   H  N N 374 
LEU HD11 H  N N 375 
LEU HD12 H  N N 376 
LEU HD13 H  N N 377 
LEU HD21 H  N N 378 
LEU HD22 H  N N 379 
LEU HD23 H  N N 380 
LEU HXT  H  N N 381 
LYS N    N  N N 382 
LYS CA   C  N S 383 
LYS C    C  N N 384 
LYS O    O  N N 385 
LYS CB   C  N N 386 
LYS CG   C  N N 387 
LYS CD   C  N N 388 
LYS CE   C  N N 389 
LYS NZ   N  N N 390 
LYS OXT  O  N N 391 
LYS H    H  N N 392 
LYS H2   H  N N 393 
LYS HA   H  N N 394 
LYS HB2  H  N N 395 
LYS HB3  H  N N 396 
LYS HG2  H  N N 397 
LYS HG3  H  N N 398 
LYS HD2  H  N N 399 
LYS HD3  H  N N 400 
LYS HE2  H  N N 401 
LYS HE3  H  N N 402 
LYS HZ1  H  N N 403 
LYS HZ2  H  N N 404 
LYS HZ3  H  N N 405 
LYS HXT  H  N N 406 
MET N    N  N N 407 
MET CA   C  N S 408 
MET C    C  N N 409 
MET O    O  N N 410 
MET CB   C  N N 411 
MET CG   C  N N 412 
MET SD   S  N N 413 
MET CE   C  N N 414 
MET OXT  O  N N 415 
MET H    H  N N 416 
MET H2   H  N N 417 
MET HA   H  N N 418 
MET HB2  H  N N 419 
MET HB3  H  N N 420 
MET HG2  H  N N 421 
MET HG3  H  N N 422 
MET HE1  H  N N 423 
MET HE2  H  N N 424 
MET HE3  H  N N 425 
MET HXT  H  N N 426 
PHE N    N  N N 427 
PHE CA   C  N S 428 
PHE C    C  N N 429 
PHE O    O  N N 430 
PHE CB   C  N N 431 
PHE CG   C  Y N 432 
PHE CD1  C  Y N 433 
PHE CD2  C  Y N 434 
PHE CE1  C  Y N 435 
PHE CE2  C  Y N 436 
PHE CZ   C  Y N 437 
PHE OXT  O  N N 438 
PHE H    H  N N 439 
PHE H2   H  N N 440 
PHE HA   H  N N 441 
PHE HB2  H  N N 442 
PHE HB3  H  N N 443 
PHE HD1  H  N N 444 
PHE HD2  H  N N 445 
PHE HE1  H  N N 446 
PHE HE2  H  N N 447 
PHE HZ   H  N N 448 
PHE HXT  H  N N 449 
PRO N    N  N N 450 
PRO CA   C  N S 451 
PRO C    C  N N 452 
PRO O    O  N N 453 
PRO CB   C  N N 454 
PRO CG   C  N N 455 
PRO CD   C  N N 456 
PRO OXT  O  N N 457 
PRO H    H  N N 458 
PRO HA   H  N N 459 
PRO HB2  H  N N 460 
PRO HB3  H  N N 461 
PRO HG2  H  N N 462 
PRO HG3  H  N N 463 
PRO HD2  H  N N 464 
PRO HD3  H  N N 465 
PRO HXT  H  N N 466 
SER N    N  N N 467 
SER CA   C  N S 468 
SER C    C  N N 469 
SER O    O  N N 470 
SER CB   C  N N 471 
SER OG   O  N N 472 
SER OXT  O  N N 473 
SER H    H  N N 474 
SER H2   H  N N 475 
SER HA   H  N N 476 
SER HB2  H  N N 477 
SER HB3  H  N N 478 
SER HG   H  N N 479 
SER HXT  H  N N 480 
THR N    N  N N 481 
THR CA   C  N S 482 
THR C    C  N N 483 
THR O    O  N N 484 
THR CB   C  N R 485 
THR OG1  O  N N 486 
THR CG2  C  N N 487 
THR OXT  O  N N 488 
THR H    H  N N 489 
THR H2   H  N N 490 
THR HA   H  N N 491 
THR HB   H  N N 492 
THR HG1  H  N N 493 
THR HG21 H  N N 494 
THR HG22 H  N N 495 
THR HG23 H  N N 496 
THR HXT  H  N N 497 
TYR N    N  N N 498 
TYR CA   C  N S 499 
TYR C    C  N N 500 
TYR O    O  N N 501 
TYR CB   C  N N 502 
TYR CG   C  Y N 503 
TYR CD1  C  Y N 504 
TYR CD2  C  Y N 505 
TYR CE1  C  Y N 506 
TYR CE2  C  Y N 507 
TYR CZ   C  Y N 508 
TYR OH   O  N N 509 
TYR OXT  O  N N 510 
TYR H    H  N N 511 
TYR H2   H  N N 512 
TYR HA   H  N N 513 
TYR HB2  H  N N 514 
TYR HB3  H  N N 515 
TYR HD1  H  N N 516 
TYR HD2  H  N N 517 
TYR HE1  H  N N 518 
TYR HE2  H  N N 519 
TYR HH   H  N N 520 
TYR HXT  H  N N 521 
VAL N    N  N N 522 
VAL CA   C  N S 523 
VAL C    C  N N 524 
VAL O    O  N N 525 
VAL CB   C  N N 526 
VAL CG1  C  N N 527 
VAL CG2  C  N N 528 
VAL OXT  O  N N 529 
VAL H    H  N N 530 
VAL H2   H  N N 531 
VAL HA   H  N N 532 
VAL HB   H  N N 533 
VAL HG11 H  N N 534 
VAL HG12 H  N N 535 
VAL HG13 H  N N 536 
VAL HG21 H  N N 537 
VAL HG22 H  N N 538 
VAL HG23 H  N N 539 
VAL HXT  H  N N 540 
# 
loop_
_chem_comp_bond.comp_id 
_chem_comp_bond.atom_id_1 
_chem_comp_bond.atom_id_2 
_chem_comp_bond.value_order 
_chem_comp_bond.pdbx_aromatic_flag 
_chem_comp_bond.pdbx_stereo_config 
_chem_comp_bond.pdbx_ordinal 
ALA N   CA   sing N N 1   
ALA N   H    sing N N 2   
ALA N   H2   sing N N 3   
ALA CA  C    sing N N 4   
ALA CA  CB   sing N N 5   
ALA CA  HA   sing N N 6   
ALA C   O    doub N N 7   
ALA C   OXT  sing N N 8   
ALA CB  HB1  sing N N 9   
ALA CB  HB2  sing N N 10  
ALA CB  HB3  sing N N 11  
ALA OXT HXT  sing N N 12  
ARG N   CA   sing N N 13  
ARG N   H    sing N N 14  
ARG N   H2   sing N N 15  
ARG CA  C    sing N N 16  
ARG CA  CB   sing N N 17  
ARG CA  HA   sing N N 18  
ARG C   O    doub N N 19  
ARG C   OXT  sing N N 20  
ARG CB  CG   sing N N 21  
ARG CB  HB2  sing N N 22  
ARG CB  HB3  sing N N 23  
ARG CG  CD   sing N N 24  
ARG CG  HG2  sing N N 25  
ARG CG  HG3  sing N N 26  
ARG CD  NE   sing N N 27  
ARG CD  HD2  sing N N 28  
ARG CD  HD3  sing N N 29  
ARG NE  CZ   sing N N 30  
ARG NE  HE   sing N N 31  
ARG CZ  NH1  sing N N 32  
ARG CZ  NH2  doub N N 33  
ARG NH1 HH11 sing N N 34  
ARG NH1 HH12 sing N N 35  
ARG NH2 HH21 sing N N 36  
ARG NH2 HH22 sing N N 37  
ARG OXT HXT  sing N N 38  
ASN N   CA   sing N N 39  
ASN N   H    sing N N 40  
ASN N   H2   sing N N 41  
ASN CA  C    sing N N 42  
ASN CA  CB   sing N N 43  
ASN CA  HA   sing N N 44  
ASN C   O    doub N N 45  
ASN C   OXT  sing N N 46  
ASN CB  CG   sing N N 47  
ASN CB  HB2  sing N N 48  
ASN CB  HB3  sing N N 49  
ASN CG  OD1  doub N N 50  
ASN CG  ND2  sing N N 51  
ASN ND2 HD21 sing N N 52  
ASN ND2 HD22 sing N N 53  
ASN OXT HXT  sing N N 54  
ASP N   CA   sing N N 55  
ASP N   H    sing N N 56  
ASP N   H2   sing N N 57  
ASP CA  C    sing N N 58  
ASP CA  CB   sing N N 59  
ASP CA  HA   sing N N 60  
ASP C   O    doub N N 61  
ASP C   OXT  sing N N 62  
ASP CB  CG   sing N N 63  
ASP CB  HB2  sing N N 64  
ASP CB  HB3  sing N N 65  
ASP CG  OD1  doub N N 66  
ASP CG  OD2  sing N N 67  
ASP OD2 HD2  sing N N 68  
ASP OXT HXT  sing N N 69  
B1M CO  N21  sing N N 70  
B1M CO  N22  sing N N 71  
B1M CO  N23  sing N N 72  
B1M CO  N24  sing N N 73  
B1M N21 C1   sing N N 74  
B1M N21 C4   doub N N 75  
B1M N22 C6   sing N N 76  
B1M N22 C9   doub N N 77  
B1M N23 C11  sing N N 78  
B1M N23 C14  doub N N 79  
B1M N24 C16  sing N N 80  
B1M N24 C19  doub N N 81  
B1M C1  C20  sing N N 82  
B1M C1  C2   sing N N 83  
B1M C1  C19  sing N N 84  
B1M C20 H201 sing N N 85  
B1M C20 H202 sing N N 86  
B1M C20 H203 sing N N 87  
B1M C2  C25  sing N N 88  
B1M C2  C26  sing N N 89  
B1M C2  C3   sing N N 90  
B1M C25 H251 sing N N 91  
B1M C25 H252 sing N N 92  
B1M C25 H253 sing N N 93  
B1M C26 C27  sing N N 94  
B1M C26 H261 sing N N 95  
B1M C26 H262 sing N N 96  
B1M C27 O28  doub N N 97  
B1M C27 N29  sing N N 98  
B1M N29 H291 sing N N 99  
B1M N29 H292 sing N N 100 
B1M C3  C30  sing N N 101 
B1M C3  C4   sing N N 102 
B1M C3  H3   sing N N 103 
B1M C30 C31  sing N N 104 
B1M C30 H301 sing N N 105 
B1M C30 H302 sing N N 106 
B1M C31 C32  sing N N 107 
B1M C31 H311 sing N N 108 
B1M C31 H312 sing N N 109 
B1M C32 O34  doub N N 110 
B1M C32 N33  sing N N 111 
B1M N33 H331 sing N N 112 
B1M N33 H332 sing N N 113 
B1M C4  C5   sing N N 114 
B1M C5  C35  sing N N 115 
B1M C5  C6   doub N N 116 
B1M C35 H351 sing N N 117 
B1M C35 H352 sing N N 118 
B1M C35 H353 sing N N 119 
B1M C6  C7   sing N N 120 
B1M C7  C36  sing N N 121 
B1M C7  C37  sing N N 122 
B1M C7  C8   sing N N 123 
B1M C36 H361 sing N N 124 
B1M C36 H362 sing N N 125 
B1M C36 H363 sing N N 126 
B1M C37 C38  sing N N 127 
B1M C37 H371 sing N N 128 
B1M C37 H372 sing N N 129 
B1M C38 O39  doub N N 130 
B1M C38 N40  sing N N 131 
B1M N40 H401 sing N N 132 
B1M N40 H402 sing N N 133 
B1M C8  C41  sing N N 134 
B1M C8  C9   sing N N 135 
B1M C8  H8   sing N N 136 
B1M C41 C42  sing N N 137 
B1M C41 H411 sing N N 138 
B1M C41 H412 sing N N 139 
B1M C42 C43  sing N N 140 
B1M C42 H421 sing N N 141 
B1M C42 H422 sing N N 142 
B1M C43 O44  doub N N 143 
B1M C43 N45  sing N N 144 
B1M N45 H451 sing N N 145 
B1M N45 H452 sing N N 146 
B1M C9  C10  sing N N 147 
B1M C10 C11  doub N N 148 
B1M C10 H10  sing N N 149 
B1M C11 C12  sing N N 150 
B1M C12 C46  sing N N 151 
B1M C12 C47  sing N N 152 
B1M C12 C13  sing N N 153 
B1M C46 H461 sing N N 154 
B1M C46 H462 sing N N 155 
B1M C46 H463 sing N N 156 
B1M C47 H471 sing N N 157 
B1M C47 H472 sing N N 158 
B1M C47 H473 sing N N 159 
B1M C13 C48  sing N N 160 
B1M C13 C14  sing N N 161 
B1M C13 H13  sing N N 162 
B1M C48 C49  sing N N 163 
B1M C48 H481 sing N N 164 
B1M C48 H482 sing N N 165 
B1M C49 C50  sing N N 166 
B1M C49 H491 sing N N 167 
B1M C49 H492 sing N N 168 
B1M C50 O51  doub N N 169 
B1M C50 N52  sing N N 170 
B1M N52 H521 sing N N 171 
B1M N52 H522 sing N N 172 
B1M C14 C15  sing N N 173 
B1M C15 C53  sing N N 174 
B1M C15 C16  doub N N 175 
B1M C53 H531 sing N N 176 
B1M C53 H532 sing N N 177 
B1M C53 H533 sing N N 178 
B1M C16 C17  sing N N 179 
B1M C17 C54  sing N N 180 
B1M C17 C55  sing N N 181 
B1M C17 C18  sing N N 182 
B1M C54 H541 sing N N 183 
B1M C54 H542 sing N N 184 
B1M C54 H543 sing N N 185 
B1M C55 C56  sing N N 186 
B1M C55 H551 sing N N 187 
B1M C55 H552 sing N N 188 
B1M C56 C57  sing N N 189 
B1M C56 H561 sing N N 190 
B1M C56 H562 sing N N 191 
B1M C57 O58  doub N N 192 
B1M C57 N59  sing N N 193 
B1M N59 C1P  sing N N 194 
B1M N59 H59  sing N N 195 
B1M C18 C60  sing N N 196 
B1M C18 C19  sing N N 197 
B1M C18 H18  sing N N 198 
B1M C60 C61  sing N N 199 
B1M C60 H601 sing N N 200 
B1M C60 H602 sing N N 201 
B1M C61 O63  doub N N 202 
B1M C61 N62  sing N N 203 
B1M N62 H621 sing N N 204 
B1M N62 H622 sing N N 205 
B1M C1P C2P  sing N N 206 
B1M C1P H1P1 sing N N 207 
B1M C1P H1P2 sing N N 208 
B1M C2P C3P  sing N N 209 
B1M C2P O3   sing N N 210 
B1M C2P H2P  sing N N 211 
B1M C3P H3P1 sing N N 212 
B1M C3P H3P2 sing N N 213 
B1M C3P H3P3 sing N N 214 
B1M O3  P    sing N N 215 
B1M O4  P    doub N N 216 
B1M O5  P    sing N N 217 
B1M O5  HOP5 sing N N 218 
B1M P   O2   sing N N 219 
B1M O2  C3R  sing N N 220 
B1M C3R C2R  sing N N 221 
B1M C3R C4R  sing N N 222 
B1M C3R H3R  sing N N 223 
B1M C2R O7R  sing N N 224 
B1M C2R C1R  sing N N 225 
B1M C2R H2R  sing N N 226 
B1M O7R HOR7 sing N N 227 
B1M C1R O6R  sing N N 228 
B1M C1R N1B  sing N N 229 
B1M C1R H1R  sing N N 230 
B1M O6R C4R  sing N N 231 
B1M C4R C5R  sing N N 232 
B1M C4R H4R  sing N N 233 
B1M C5R O8R  sing N N 234 
B1M C5R H5R1 sing N N 235 
B1M C5R H5R2 sing N N 236 
B1M O8R HOR8 sing N N 237 
B1M N1B C8B  sing Y N 238 
B1M N1B C2B  sing Y N 239 
B1M C8B C9B  doub Y N 240 
B1M C8B C7B  sing Y N 241 
B1M C2B N3B  doub Y N 242 
B1M C2B H2B  sing N N 243 
B1M N3B C9B  sing Y N 244 
B1M C9B C4B  sing Y N 245 
B1M C4B C5B  doub Y N 246 
B1M C4B H4B  sing N N 247 
B1M C5B C6B  sing Y N 248 
B1M C5B O5M  sing N N 249 
B1M C6B C7B  doub Y N 250 
B1M C6B H6B  sing N N 251 
B1M C7B H7B  sing N N 252 
B1M O5M C5O  sing N N 253 
B1M C5O HO51 sing N N 254 
B1M C5O HO52 sing N N 255 
B1M C5O HO53 sing N N 256 
CYS N   CA   sing N N 257 
CYS N   H    sing N N 258 
CYS N   H2   sing N N 259 
CYS CA  C    sing N N 260 
CYS CA  CB   sing N N 261 
CYS CA  HA   sing N N 262 
CYS C   O    doub N N 263 
CYS C   OXT  sing N N 264 
CYS CB  SG   sing N N 265 
CYS CB  HB2  sing N N 266 
CYS CB  HB3  sing N N 267 
CYS SG  HG   sing N N 268 
CYS OXT HXT  sing N N 269 
GLN N   CA   sing N N 270 
GLN N   H    sing N N 271 
GLN N   H2   sing N N 272 
GLN CA  C    sing N N 273 
GLN CA  CB   sing N N 274 
GLN CA  HA   sing N N 275 
GLN C   O    doub N N 276 
GLN C   OXT  sing N N 277 
GLN CB  CG   sing N N 278 
GLN CB  HB2  sing N N 279 
GLN CB  HB3  sing N N 280 
GLN CG  CD   sing N N 281 
GLN CG  HG2  sing N N 282 
GLN CG  HG3  sing N N 283 
GLN CD  OE1  doub N N 284 
GLN CD  NE2  sing N N 285 
GLN NE2 HE21 sing N N 286 
GLN NE2 HE22 sing N N 287 
GLN OXT HXT  sing N N 288 
GLU N   CA   sing N N 289 
GLU N   H    sing N N 290 
GLU N   H2   sing N N 291 
GLU CA  C    sing N N 292 
GLU CA  CB   sing N N 293 
GLU CA  HA   sing N N 294 
GLU C   O    doub N N 295 
GLU C   OXT  sing N N 296 
GLU CB  CG   sing N N 297 
GLU CB  HB2  sing N N 298 
GLU CB  HB3  sing N N 299 
GLU CG  CD   sing N N 300 
GLU CG  HG2  sing N N 301 
GLU CG  HG3  sing N N 302 
GLU CD  OE1  doub N N 303 
GLU CD  OE2  sing N N 304 
GLU OE2 HE2  sing N N 305 
GLU OXT HXT  sing N N 306 
GLY N   CA   sing N N 307 
GLY N   H    sing N N 308 
GLY N   H2   sing N N 309 
GLY CA  C    sing N N 310 
GLY CA  HA2  sing N N 311 
GLY CA  HA3  sing N N 312 
GLY C   O    doub N N 313 
GLY C   OXT  sing N N 314 
GLY OXT HXT  sing N N 315 
HIS N   CA   sing N N 316 
HIS N   H    sing N N 317 
HIS N   H2   sing N N 318 
HIS CA  C    sing N N 319 
HIS CA  CB   sing N N 320 
HIS CA  HA   sing N N 321 
HIS C   O    doub N N 322 
HIS C   OXT  sing N N 323 
HIS CB  CG   sing N N 324 
HIS CB  HB2  sing N N 325 
HIS CB  HB3  sing N N 326 
HIS CG  ND1  sing Y N 327 
HIS CG  CD2  doub Y N 328 
HIS ND1 CE1  doub Y N 329 
HIS ND1 HD1  sing N N 330 
HIS CD2 NE2  sing Y N 331 
HIS CD2 HD2  sing N N 332 
HIS CE1 NE2  sing Y N 333 
HIS CE1 HE1  sing N N 334 
HIS NE2 HE2  sing N N 335 
HIS OXT HXT  sing N N 336 
HOH O   H1   sing N N 337 
HOH O   H2   sing N N 338 
ILE N   CA   sing N N 339 
ILE N   H    sing N N 340 
ILE N   H2   sing N N 341 
ILE CA  C    sing N N 342 
ILE CA  CB   sing N N 343 
ILE CA  HA   sing N N 344 
ILE C   O    doub N N 345 
ILE C   OXT  sing N N 346 
ILE CB  CG1  sing N N 347 
ILE CB  CG2  sing N N 348 
ILE CB  HB   sing N N 349 
ILE CG1 CD1  sing N N 350 
ILE CG1 HG12 sing N N 351 
ILE CG1 HG13 sing N N 352 
ILE CG2 HG21 sing N N 353 
ILE CG2 HG22 sing N N 354 
ILE CG2 HG23 sing N N 355 
ILE CD1 HD11 sing N N 356 
ILE CD1 HD12 sing N N 357 
ILE CD1 HD13 sing N N 358 
ILE OXT HXT  sing N N 359 
LEU N   CA   sing N N 360 
LEU N   H    sing N N 361 
LEU N   H2   sing N N 362 
LEU CA  C    sing N N 363 
LEU CA  CB   sing N N 364 
LEU CA  HA   sing N N 365 
LEU C   O    doub N N 366 
LEU C   OXT  sing N N 367 
LEU CB  CG   sing N N 368 
LEU CB  HB2  sing N N 369 
LEU CB  HB3  sing N N 370 
LEU CG  CD1  sing N N 371 
LEU CG  CD2  sing N N 372 
LEU CG  HG   sing N N 373 
LEU CD1 HD11 sing N N 374 
LEU CD1 HD12 sing N N 375 
LEU CD1 HD13 sing N N 376 
LEU CD2 HD21 sing N N 377 
LEU CD2 HD22 sing N N 378 
LEU CD2 HD23 sing N N 379 
LEU OXT HXT  sing N N 380 
LYS N   CA   sing N N 381 
LYS N   H    sing N N 382 
LYS N   H2   sing N N 383 
LYS CA  C    sing N N 384 
LYS CA  CB   sing N N 385 
LYS CA  HA   sing N N 386 
LYS C   O    doub N N 387 
LYS C   OXT  sing N N 388 
LYS CB  CG   sing N N 389 
LYS CB  HB2  sing N N 390 
LYS CB  HB3  sing N N 391 
LYS CG  CD   sing N N 392 
LYS CG  HG2  sing N N 393 
LYS CG  HG3  sing N N 394 
LYS CD  CE   sing N N 395 
LYS CD  HD2  sing N N 396 
LYS CD  HD3  sing N N 397 
LYS CE  NZ   sing N N 398 
LYS CE  HE2  sing N N 399 
LYS CE  HE3  sing N N 400 
LYS NZ  HZ1  sing N N 401 
LYS NZ  HZ2  sing N N 402 
LYS NZ  HZ3  sing N N 403 
LYS OXT HXT  sing N N 404 
MET N   CA   sing N N 405 
MET N   H    sing N N 406 
MET N   H2   sing N N 407 
MET CA  C    sing N N 408 
MET CA  CB   sing N N 409 
MET CA  HA   sing N N 410 
MET C   O    doub N N 411 
MET C   OXT  sing N N 412 
MET CB  CG   sing N N 413 
MET CB  HB2  sing N N 414 
MET CB  HB3  sing N N 415 
MET CG  SD   sing N N 416 
MET CG  HG2  sing N N 417 
MET CG  HG3  sing N N 418 
MET SD  CE   sing N N 419 
MET CE  HE1  sing N N 420 
MET CE  HE2  sing N N 421 
MET CE  HE3  sing N N 422 
MET OXT HXT  sing N N 423 
PHE N   CA   sing N N 424 
PHE N   H    sing N N 425 
PHE N   H2   sing N N 426 
PHE CA  C    sing N N 427 
PHE CA  CB   sing N N 428 
PHE CA  HA   sing N N 429 
PHE C   O    doub N N 430 
PHE C   OXT  sing N N 431 
PHE CB  CG   sing N N 432 
PHE CB  HB2  sing N N 433 
PHE CB  HB3  sing N N 434 
PHE CG  CD1  doub Y N 435 
PHE CG  CD2  sing Y N 436 
PHE CD1 CE1  sing Y N 437 
PHE CD1 HD1  sing N N 438 
PHE CD2 CE2  doub Y N 439 
PHE CD2 HD2  sing N N 440 
PHE CE1 CZ   doub Y N 441 
PHE CE1 HE1  sing N N 442 
PHE CE2 CZ   sing Y N 443 
PHE CE2 HE2  sing N N 444 
PHE CZ  HZ   sing N N 445 
PHE OXT HXT  sing N N 446 
PRO N   CA   sing N N 447 
PRO N   CD   sing N N 448 
PRO N   H    sing N N 449 
PRO CA  C    sing N N 450 
PRO CA  CB   sing N N 451 
PRO CA  HA   sing N N 452 
PRO C   O    doub N N 453 
PRO C   OXT  sing N N 454 
PRO CB  CG   sing N N 455 
PRO CB  HB2  sing N N 456 
PRO CB  HB3  sing N N 457 
PRO CG  CD   sing N N 458 
PRO CG  HG2  sing N N 459 
PRO CG  HG3  sing N N 460 
PRO CD  HD2  sing N N 461 
PRO CD  HD3  sing N N 462 
PRO OXT HXT  sing N N 463 
SER N   CA   sing N N 464 
SER N   H    sing N N 465 
SER N   H2   sing N N 466 
SER CA  C    sing N N 467 
SER CA  CB   sing N N 468 
SER CA  HA   sing N N 469 
SER C   O    doub N N 470 
SER C   OXT  sing N N 471 
SER CB  OG   sing N N 472 
SER CB  HB2  sing N N 473 
SER CB  HB3  sing N N 474 
SER OG  HG   sing N N 475 
SER OXT HXT  sing N N 476 
THR N   CA   sing N N 477 
THR N   H    sing N N 478 
THR N   H2   sing N N 479 
THR CA  C    sing N N 480 
THR CA  CB   sing N N 481 
THR CA  HA   sing N N 482 
THR C   O    doub N N 483 
THR C   OXT  sing N N 484 
THR CB  OG1  sing N N 485 
THR CB  CG2  sing N N 486 
THR CB  HB   sing N N 487 
THR OG1 HG1  sing N N 488 
THR CG2 HG21 sing N N 489 
THR CG2 HG22 sing N N 490 
THR CG2 HG23 sing N N 491 
THR OXT HXT  sing N N 492 
TYR N   CA   sing N N 493 
TYR N   H    sing N N 494 
TYR N   H2   sing N N 495 
TYR CA  C    sing N N 496 
TYR CA  CB   sing N N 497 
TYR CA  HA   sing N N 498 
TYR C   O    doub N N 499 
TYR C   OXT  sing N N 500 
TYR CB  CG   sing N N 501 
TYR CB  HB2  sing N N 502 
TYR CB  HB3  sing N N 503 
TYR CG  CD1  doub Y N 504 
TYR CG  CD2  sing Y N 505 
TYR CD1 CE1  sing Y N 506 
TYR CD1 HD1  sing N N 507 
TYR CD2 CE2  doub Y N 508 
TYR CD2 HD2  sing N N 509 
TYR CE1 CZ   doub Y N 510 
TYR CE1 HE1  sing N N 511 
TYR CE2 CZ   sing Y N 512 
TYR CE2 HE2  sing N N 513 
TYR CZ  OH   sing N N 514 
TYR OH  HH   sing N N 515 
TYR OXT HXT  sing N N 516 
VAL N   CA   sing N N 517 
VAL N   H    sing N N 518 
VAL N   H2   sing N N 519 
VAL CA  C    sing N N 520 
VAL CA  CB   sing N N 521 
VAL CA  HA   sing N N 522 
VAL C   O    doub N N 523 
VAL C   OXT  sing N N 524 
VAL CB  CG1  sing N N 525 
VAL CB  CG2  sing N N 526 
VAL CB  HB   sing N N 527 
VAL CG1 HG11 sing N N 528 
VAL CG1 HG12 sing N N 529 
VAL CG1 HG13 sing N N 530 
VAL CG2 HG21 sing N N 531 
VAL CG2 HG22 sing N N 532 
VAL CG2 HG23 sing N N 533 
VAL OXT HXT  sing N N 534 
# 
_atom_sites.entry_id                    1Y80 
_atom_sites.fract_transf_matrix[1][1]   -0.00343516 
_atom_sites.fract_transf_matrix[1][2]   -0.00854957 
_atom_sites.fract_transf_matrix[1][3]   0.01541293 
_atom_sites.fract_transf_matrix[2][1]   0.01561349 
_atom_sites.fract_transf_matrix[2][2]   -0.00059710 
_atom_sites.fract_transf_matrix[2][3]   0.00314865 
_atom_sites.fract_transf_matrix[3][1]   -0.00179191 
_atom_sites.fract_transf_matrix[3][2]   0.02543417 
_atom_sites.fract_transf_matrix[3][3]   0.01370900 
_atom_sites.fract_transf_vector[1]      0.298894 
_atom_sites.fract_transf_vector[2]      0.210864 
_atom_sites.fract_transf_vector[3]      0.938154 
# 
loop_
_atom_type.symbol 
C  
CO 
N  
O  
P  
S  
X  
# 
loop_
_atom_site.group_PDB 
_atom_site.id 
_atom_site.type_symbol 
_atom_site.label_atom_id 
_atom_site.label_alt_id 
_atom_site.label_comp_id 
_atom_site.label_asym_id 
_atom_site.label_entity_id 
_atom_site.label_seq_id 
_atom_site.pdbx_PDB_ins_code 
_atom_site.Cartn_x 
_atom_site.Cartn_y 
_atom_site.Cartn_z 
_atom_site.occupancy 
_atom_site.B_iso_or_equiv 
_atom_site.pdbx_formal_charge 
_atom_site.auth_seq_id 
_atom_site.auth_comp_id 
_atom_site.auth_asym_id 
_atom_site.auth_atom_id 
_atom_site.pdbx_PDB_model_num 
ATOM   1    N  N   . MET A 1 85  ? -1.155  -21.944 5.100   1.00 35.08 ? 85  MET A N   1 
ATOM   2    C  CA  . MET A 1 85  ? -1.364  -21.723 3.647   1.00 33.49 ? 85  MET A CA  1 
ATOM   3    C  C   . MET A 1 85  ? -0.052  -21.239 3.041   1.00 31.48 ? 85  MET A C   1 
ATOM   4    O  O   . MET A 1 85  ? 0.533   -20.290 3.541   1.00 29.92 ? 85  MET A O   1 
ATOM   5    C  CB  . MET A 1 85  ? -2.466  -20.677 3.432   1.00 35.20 ? 85  MET A CB  1 
ATOM   6    C  CG  . MET A 1 85  ? -3.091  -20.697 2.063   1.00 34.66 ? 85  MET A CG  1 
ATOM   7    S  SD  . MET A 1 85  ? -4.369  -19.414 1.806   1.00 33.58 ? 85  MET A SD  1 
ATOM   8    C  CE  . MET A 1 85  ? -5.419  -19.597 3.241   1.00 35.12 ? 85  MET A CE  1 
ATOM   9    N  N   . PRO A 1 86  ? 0.429   -21.893 1.963   1.00 28.63 ? 86  PRO A N   1 
ATOM   10   C  CA  . PRO A 1 86  ? 1.674   -21.392 1.352   1.00 27.71 ? 86  PRO A CA  1 
ATOM   11   C  C   . PRO A 1 86  ? 1.559   -19.917 0.961   1.00 25.55 ? 86  PRO A C   1 
ATOM   12   O  O   . PRO A 1 86  ? 0.490   -19.482 0.549   1.00 27.92 ? 86  PRO A O   1 
ATOM   13   C  CB  . PRO A 1 86  ? 1.830   -22.267 0.110   1.00 26.98 ? 86  PRO A CB  1 
ATOM   14   C  CG  . PRO A 1 86  ? 1.024   -23.493 0.398   1.00 27.71 ? 86  PRO A CG  1 
ATOM   15   C  CD  . PRO A 1 86  ? -0.100  -23.071 1.254   1.00 28.45 ? 86  PRO A CD  1 
ATOM   16   N  N   . SER A 1 87  ? 2.644   -19.160 1.101   1.00 23.35 ? 87  SER A N   1 
ATOM   17   C  CA  . SER A 1 87  ? 2.644   -17.733 0.732   1.00 21.49 ? 87  SER A CA  1 
ATOM   18   C  C   . SER A 1 87  ? 2.716   -17.556 -0.787  1.00 20.24 ? 87  SER A C   1 
ATOM   19   O  O   . SER A 1 87  ? 3.607   -18.105 -1.440  1.00 21.83 ? 87  SER A O   1 
ATOM   20   C  CB  . SER A 1 87  ? 3.819   -16.990 1.387   1.00 21.77 ? 87  SER A CB  1 
ATOM   21   O  OG  . SER A 1 87  ? 3.859   -15.632 0.954   1.00 20.03 ? 87  SER A OG  1 
ATOM   22   N  N   . VAL A 1 88  ? 1.787   -16.781 -1.348  1.00 16.03 ? 88  VAL A N   1 
ATOM   23   C  CA  . VAL A 1 88  ? 1.798   -16.483 -2.797  1.00 16.81 ? 88  VAL A CA  1 
ATOM   24   C  C   . VAL A 1 88  ? 2.345   -15.072 -3.100  1.00 15.51 ? 88  VAL A C   1 
ATOM   25   O  O   . VAL A 1 88  ? 2.305   -14.589 -4.259  1.00 13.74 ? 88  VAL A O   1 
ATOM   26   C  CB  . VAL A 1 88  ? 0.388   -16.651 -3.431  1.00 16.59 ? 88  VAL A CB  1 
ATOM   27   C  CG1 . VAL A 1 88  ? -0.142  -18.032 -3.159  1.00 18.84 ? 88  VAL A CG1 1 
ATOM   28   C  CG2 . VAL A 1 88  ? -0.590  -15.570 -2.930  1.00 17.61 ? 88  VAL A CG2 1 
ATOM   29   N  N   . GLY A 1 89  ? 2.856   -14.418 -2.067  1.00 14.97 ? 89  GLY A N   1 
ATOM   30   C  CA  . GLY A 1 89  ? 3.394   -13.081 -2.202  1.00 15.18 ? 89  GLY A CA  1 
ATOM   31   C  C   . GLY A 1 89  ? 3.492   -12.390 -0.868  1.00 14.13 ? 89  GLY A C   1 
ATOM   32   O  O   . GLY A 1 89  ? 2.903   -12.837 0.135   1.00 13.55 ? 89  GLY A O   1 
ATOM   33   N  N   . LYS A 1 90  ? 4.249   -11.299 -0.848  1.00 14.53 ? 90  LYS A N   1 
ATOM   34   C  CA  . LYS A 1 90  ? 4.450   -10.517 0.361   1.00 15.31 ? 90  LYS A CA  1 
ATOM   35   C  C   . LYS A 1 90  ? 4.020   -9.088  0.131   1.00 12.42 ? 90  LYS A C   1 
ATOM   36   O  O   . LYS A 1 90  ? 4.427   -8.457  -0.851  1.00 11.91 ? 90  LYS A O   1 
ATOM   37   C  CB  . LYS A 1 90  ? 5.910   -10.561 0.784   1.00 17.21 ? 90  LYS A CB  1 
ATOM   38   C  CG  . LYS A 1 90  ? 6.334   -11.892 1.372   1.00 18.92 ? 90  LYS A CG  1 
ATOM   39   C  CD  . LYS A 1 90  ? 7.796   -11.897 1.720   1.00 20.35 ? 90  LYS A CD  1 
ATOM   40   C  CE  . LYS A 1 90  ? 8.214   -13.247 2.310   1.00 22.50 ? 90  LYS A CE  1 
ATOM   41   N  NZ  . LYS A 1 90  ? 9.624   -13.221 2.820   1.00 27.50 ? 90  LYS A NZ  1 
ATOM   42   N  N   . ILE A 1 91  ? 3.212   -8.573  1.053   1.00 12.36 ? 91  ILE A N   1 
ATOM   43   C  CA  . ILE A 1 91  ? 2.641   -7.247  0.935   1.00 14.10 ? 91  ILE A CA  1 
ATOM   44   C  C   . ILE A 1 91  ? 2.881   -6.494  2.237   1.00 12.86 ? 91  ILE A C   1 
ATOM   45   O  O   . ILE A 1 91  ? 2.573   -7.007  3.330   1.00 13.55 ? 91  ILE A O   1 
ATOM   46   C  CB  . ILE A 1 91  ? 1.122   -7.327  0.632   1.00 15.85 ? 91  ILE A CB  1 
ATOM   47   C  CG1 . ILE A 1 91  ? 0.870   -8.218  -0.608  1.00 16.93 ? 91  ILE A CG1 1 
ATOM   48   C  CG2 . ILE A 1 91  ? 0.520   -5.914  0.440   1.00 16.49 ? 91  ILE A CG2 1 
ATOM   49   C  CD1 . ILE A 1 91  ? -0.603  -8.379  -0.981  1.00 18.13 ? 91  ILE A CD1 1 
ATOM   50   N  N   . VAL A 1 92  ? 3.458   -5.298  2.123   1.00 12.23 ? 92  VAL A N   1 
ATOM   51   C  CA  . VAL A 1 92  ? 3.529   -4.345  3.246   1.00 12.67 ? 92  VAL A CA  1 
ATOM   52   C  C   . VAL A 1 92  ? 2.345   -3.364  3.085   1.00 11.94 ? 92  VAL A C   1 
ATOM   53   O  O   . VAL A 1 92  ? 2.149   -2.803  1.994   1.00 12.81 ? 92  VAL A O   1 
ATOM   54   C  CB  . VAL A 1 92  ? 4.881   -3.597  3.278   1.00 11.43 ? 92  VAL A CB  1 
ATOM   55   C  CG1 . VAL A 1 92  ? 4.811   -2.350  4.173   1.00 15.61 ? 92  VAL A CG1 1 
ATOM   56   C  CG2 . VAL A 1 92  ? 5.976   -4.511  3.746   1.00 12.40 ? 92  VAL A CG2 1 
ATOM   57   N  N   . LEU A 1 93  ? 1.561   -3.192  4.155   1.00 12.80 ? 93  LEU A N   1 
ATOM   58   C  CA  . LEU A 1 93  ? 0.388   -2.295  4.155   1.00 12.73 ? 93  LEU A CA  1 
ATOM   59   C  C   . LEU A 1 93  ? 0.467   -1.297  5.299   1.00 12.81 ? 93  LEU A C   1 
ATOM   60   O  O   . LEU A 1 93  ? 0.847   -1.652  6.406   1.00 12.21 ? 93  LEU A O   1 
ATOM   61   C  CB  . LEU A 1 93  ? -0.912  -3.085  4.321   1.00 15.68 ? 93  LEU A CB  1 
ATOM   62   C  CG  . LEU A 1 93  ? -1.410  -3.982  3.197   1.00 17.34 ? 93  LEU A CG  1 
ATOM   63   C  CD1 . LEU A 1 93  ? -2.779  -4.555  3.607   1.00 19.46 ? 93  LEU A CD1 1 
ATOM   64   C  CD2 . LEU A 1 93  ? -1.504  -3.230  1.884   1.00 17.90 ? 93  LEU A CD2 1 
ATOM   65   N  N   . GLY A 1 94  ? 0.065   -0.054  5.041   1.00 10.44 ? 94  GLY A N   1 
ATOM   66   C  CA  . GLY A 1 94  ? -0.027  0.931   6.096   1.00 10.65 ? 94  GLY A CA  1 
ATOM   67   C  C   . GLY A 1 94  ? -0.963  2.061   5.759   1.00 11.31 ? 94  GLY A C   1 
ATOM   68   O  O   . GLY A 1 94  ? -1.215  2.342   4.577   1.00 10.50 ? 94  GLY A O   1 
ATOM   69   N  N   . THR A 1 95  ? -1.489  2.709   6.797   1.00 11.61 ? 95  THR A N   1 
ATOM   70   C  CA  . THR A 1 95  ? -2.181  3.963   6.620   1.00 10.89 ? 95  THR A CA  1 
ATOM   71   C  C   . THR A 1 95  ? -1.138  5.072   6.738   1.00 11.65 ? 95  THR A C   1 
ATOM   72   O  O   . THR A 1 95  ? -0.252  5.023   7.585   1.00 9.98  ? 95  THR A O   1 
ATOM   73   C  CB  . THR A 1 95  ? -3.350  4.122   7.609   1.00 13.62 ? 95  THR A CB  1 
ATOM   74   O  OG1 . THR A 1 95  ? -4.327  3.111   7.312   1.00 12.90 ? 95  THR A OG1 1 
ATOM   75   C  CG2 . THR A 1 95  ? -3.985  5.473   7.484   1.00 14.17 ? 95  THR A CG2 1 
ATOM   76   N  N   . VAL A 1 96  ? -1.234  6.049   5.844   1.00 10.91 ? 96  VAL A N   1 
ATOM   77   C  CA  . VAL A 1 96  ? -0.167  7.022   5.656   1.00 10.81 ? 96  VAL A CA  1 
ATOM   78   C  C   . VAL A 1 96  ? -0.049  8.047   6.784   1.00 12.33 ? 96  VAL A C   1 
ATOM   79   O  O   . VAL A 1 96  ? -0.921  8.163   7.647   1.00 10.29 ? 96  VAL A O   1 
ATOM   80   C  CB  . VAL A 1 96  ? -0.302  7.751   4.301   1.00 10.87 ? 96  VAL A CB  1 
ATOM   81   C  CG1 . VAL A 1 96  ? -0.153  6.745   3.130   1.00 11.76 ? 96  VAL A CG1 1 
ATOM   82   C  CG2 . VAL A 1 96  ? -1.630  8.549   4.231   1.00 12.06 ? 96  VAL A CG2 1 
ATOM   83   N  N   . LYS A 1 97  ? 1.063   8.774   6.766   1.00 12.77 ? 97  LYS A N   1 
ATOM   84   C  CA  . LYS A 1 97  ? 1.333   9.813   7.736   1.00 12.70 ? 97  LYS A CA  1 
ATOM   85   C  C   . LYS A 1 97  ? 0.129   10.763  7.909   1.00 12.10 ? 97  LYS A C   1 
ATOM   86   O  O   . LYS A 1 97  ? -0.468  11.215  6.923   1.00 12.04 ? 97  LYS A O   1 
ATOM   87   C  CB  . LYS A 1 97  ? 2.547   10.617  7.271   1.00 14.18 ? 97  LYS A CB  1 
ATOM   88   C  CG  . LYS A 1 97  ? 3.016   11.660  8.227   1.00 15.87 ? 97  LYS A CG  1 
ATOM   89   C  CD  . LYS A 1 97  ? 4.131   12.481  7.596   1.00 18.68 ? 97  LYS A CD  1 
ATOM   90   C  CE  . LYS A 1 97  ? 4.624   13.543  8.544   1.00 21.98 ? 97  LYS A CE  1 
ATOM   91   N  NZ  . LYS A 1 97  ? 5.667   14.406  7.919   1.00 26.38 ? 97  LYS A NZ  1 
ATOM   92   N  N   . GLY A 1 98  ? -0.197  11.065  9.161   1.00 13.58 ? 98  GLY A N   1 
ATOM   93   C  CA  . GLY A 1 98  ? -1.274  12.002  9.490   1.00 12.31 ? 98  GLY A CA  1 
ATOM   94   C  C   . GLY A 1 98  ? -2.648  11.371  9.590   1.00 13.29 ? 98  GLY A C   1 
ATOM   95   O  O   . GLY A 1 98  ? -3.608  12.027  10.015  1.00 11.62 ? 98  GLY A O   1 
ATOM   96   N  N   . ASP A 1 99  ? -2.741  10.093  9.215   1.00 10.24 ? 99  ASP A N   1 
ATOM   97   C  CA  . ASP A 1 99  ? -4.021  9.404   9.050   1.00 12.32 ? 99  ASP A CA  1 
ATOM   98   C  C   . ASP A 1 99  ? -4.130  8.238   10.046  1.00 12.63 ? 99  ASP A C   1 
ATOM   99   O  O   . ASP A 1 99  ? -3.221  7.445   10.159  1.00 11.40 ? 99  ASP A O   1 
ATOM   100  C  CB  . ASP A 1 99  ? -4.157  8.919   7.598   1.00 12.00 ? 99  ASP A CB  1 
ATOM   101  C  CG  . ASP A 1 99  ? -5.608  8.736   7.166   1.00 12.90 ? 99  ASP A CG  1 
ATOM   102  O  OD1 . ASP A 1 99  ? -6.407  8.240   7.972   1.00 15.11 ? 99  ASP A OD1 1 
ATOM   103  O  OD2 . ASP A 1 99  ? -5.951  9.116   6.013   1.00 13.16 ? 99  ASP A OD2 1 
ATOM   104  N  N   . LEU A 1 100 ? -5.249  8.158   10.770  1.00 10.72 ? 100 LEU A N   1 
ATOM   105  C  CA  . LEU A 1 100 ? -5.445  7.171   11.824  1.00 12.11 ? 100 LEU A CA  1 
ATOM   106  C  C   . LEU A 1 100 ? -6.563  6.162   11.467  1.00 12.89 ? 100 LEU A C   1 
ATOM   107  O  O   . LEU A 1 100 ? -6.904  5.304   12.281  1.00 13.12 ? 100 LEU A O   1 
ATOM   108  C  CB  . LEU A 1 100 ? -5.759  7.858   13.148  1.00 14.19 ? 100 LEU A CB  1 
ATOM   109  C  CG  . LEU A 1 100 ? -4.733  8.887   13.633  1.00 13.57 ? 100 LEU A CG  1 
ATOM   110  C  CD1 . LEU A 1 100 ? -5.175  9.515   14.949  1.00 16.97 ? 100 LEU A CD1 1 
ATOM   111  C  CD2 . LEU A 1 100 ? -3.361  8.224   13.771  1.00 13.54 ? 100 LEU A CD2 1 
ATOM   112  N  N   . HIS A 1 101 ? -7.108  6.264   10.249  1.00 13.05 ? 101 HIS A N   1 
ATOM   113  C  CA  . HIS A 1 101 ? -8.178  5.351   9.789   1.00 12.19 ? 101 HIS A CA  1 
ATOM   114  C  C   . HIS A 1 101 ? -7.566  4.025   9.360   1.00 15.43 ? 101 HIS A C   1 
ATOM   115  O  O   . HIS A 1 101 ? -6.649  4.007   8.545   1.00 14.68 ? 101 HIS A O   1 
ATOM   116  C  CB  . HIS A 1 101 ? -8.945  5.971   8.600   1.00 13.15 ? 101 HIS A CB  1 
ATOM   117  C  CG  . HIS A 1 101 ? -9.641  7.276   8.921   1.00 11.91 ? 101 HIS A CG  1 
ATOM   118  N  ND1 . HIS A 1 101 ? -8.987  8.493   8.917   1.00 12.63 ? 101 HIS A ND1 1 
ATOM   119  C  CD2 . HIS A 1 101 ? -10.930 7.545   9.251   1.00 13.93 ? 101 HIS A CD2 1 
ATOM   120  C  CE1 . HIS A 1 101 ? -9.844  9.455   9.230   1.00 12.34 ? 101 HIS A CE1 1 
ATOM   121  N  NE2 . HIS A 1 101 ? -11.028 8.905   9.446   1.00 13.36 ? 101 HIS A NE2 1 
ATOM   122  N  N   . ASP A 1 102 ? -8.091  2.907   9.878   1.00 11.73 ? 102 ASP A N   1 
ATOM   123  C  CA  . ASP A 1 102 ? -7.568  1.568   9.491   1.00 12.88 ? 102 ASP A CA  1 
ATOM   124  C  C   . ASP A 1 102 ? -8.613  0.446   9.323   1.00 11.41 ? 102 ASP A C   1 
ATOM   125  O  O   . ASP A 1 102 ? -8.248  -0.685  9.022   1.00 12.18 ? 102 ASP A O   1 
ATOM   126  C  CB  . ASP A 1 102 ? -6.472  1.124   10.468  1.00 15.11 ? 102 ASP A CB  1 
ATOM   127  C  CG  . ASP A 1 102 ? -6.971  0.910   11.873  1.00 16.08 ? 102 ASP A CG  1 
ATOM   128  O  OD1 . ASP A 1 102 ? -8.203  0.908   12.104  1.00 15.92 ? 102 ASP A OD1 1 
ATOM   129  O  OD2 . ASP A 1 102 ? -6.111  0.757   12.778  1.00 17.88 ? 102 ASP A OD2 1 
ATOM   130  N  N   . ILE A 1 103 ? -9.894  0.757   9.487   1.00 12.46 ? 103 ILE A N   1 
ATOM   131  C  CA  . ILE A 1 103 ? -10.960 -0.248  9.294   1.00 12.63 ? 103 ILE A CA  1 
ATOM   132  C  C   . ILE A 1 103 ? -10.923 -0.837  7.866   1.00 12.70 ? 103 ILE A C   1 
ATOM   133  O  O   . ILE A 1 103 ? -10.930 -2.063  7.689   1.00 14.30 ? 103 ILE A O   1 
ATOM   134  C  CB  . ILE A 1 103 ? -12.367 0.345   9.642   1.00 13.06 ? 103 ILE A CB  1 
ATOM   135  C  CG1 . ILE A 1 103 ? -12.473 0.597   11.138  1.00 16.23 ? 103 ILE A CG1 1 
ATOM   136  C  CG2 . ILE A 1 103 ? -13.503 -0.599  9.193   1.00 13.95 ? 103 ILE A CG2 1 
ATOM   137  C  CD1 . ILE A 1 103 ? -13.664 1.517   11.538  1.00 15.26 ? 103 ILE A CD1 1 
ATOM   138  N  N   . GLY A 1 104 ? -10.855 0.042   6.853   1.00 12.31 ? 104 GLY A N   1 
ATOM   139  C  CA  . GLY A 1 104 ? -10.772 -0.370  5.464   1.00 13.21 ? 104 GLY A CA  1 
ATOM   140  C  C   . GLY A 1 104 ? -9.494  -1.147  5.172   1.00 12.22 ? 104 GLY A C   1 
ATOM   141  O  O   . GLY A 1 104 ? -9.536  -2.237  4.598   1.00 11.99 ? 104 GLY A O   1 
ATOM   142  N  N   . LYS A 1 105 ? -8.355  -0.575  5.575   1.00 12.25 ? 105 LYS A N   1 
ATOM   143  C  CA  . LYS A 1 105 ? -7.045  -1.225  5.416   1.00 12.30 ? 105 LYS A CA  1 
ATOM   144  C  C   . LYS A 1 105 ? -7.047  -2.634  6.018   1.00 10.84 ? 105 LYS A C   1 
ATOM   145  O  O   . LYS A 1 105 ? -6.540  -3.593  5.411   1.00 12.37 ? 105 LYS A O   1 
ATOM   146  C  CB  . LYS A 1 105 ? -5.946  -0.378  6.093   1.00 12.90 ? 105 LYS A CB  1 
ATOM   147  C  CG  . LYS A 1 105 ? -4.552  -1.074  6.170   1.00 13.34 ? 105 LYS A CG  1 
ATOM   148  C  CD  . LYS A 1 105 ? -3.488  -0.187  6.812   1.00 13.73 ? 105 LYS A CD  1 
ATOM   149  C  CE  . LYS A 1 105 ? -3.760  0.149   8.289   1.00 15.83 ? 105 LYS A CE  1 
ATOM   150  N  NZ  . LYS A 1 105 ? -3.880  -1.033  9.170   1.00 19.30 ? 105 LYS A NZ  1 
ATOM   151  N  N   . ASN A 1 106 ? -7.632  -2.761  7.197   1.00 9.95  ? 106 ASN A N   1 
ATOM   152  C  CA  . ASN A 1 106 ? -7.674  -4.044  7.887   1.00 12.06 ? 106 ASN A CA  1 
ATOM   153  C  C   . ASN A 1 106 ? -8.544  -5.079  7.165   1.00 11.74 ? 106 ASN A C   1 
ATOM   154  O  O   . ASN A 1 106 ? -8.238  -6.252  7.182   1.00 13.26 ? 106 ASN A O   1 
ATOM   155  C  CB  . ASN A 1 106 ? -8.138  -3.858  9.331   1.00 12.90 ? 106 ASN A CB  1 
ATOM   156  C  CG  . ASN A 1 106 ? -7.050  -3.234  10.238  1.00 13.28 ? 106 ASN A CG  1 
ATOM   157  O  OD1 . ASN A 1 106 ? -5.888  -3.075  9.837   1.00 14.65 ? 106 ASN A OD1 1 
ATOM   158  N  ND2 . ASN A 1 106 ? -7.442  -2.862  11.465  1.00 15.35 ? 106 ASN A ND2 1 
ATOM   159  N  N   . LEU A 1 107 ? -9.628  -4.635  6.541   1.00 12.71 ? 107 LEU A N   1 
ATOM   160  C  CA  . LEU A 1 107 ? -10.444 -5.534  5.701   1.00 14.15 ? 107 LEU A CA  1 
ATOM   161  C  C   . LEU A 1 107 ? -9.669  -5.983  4.453   1.00 12.16 ? 107 LEU A C   1 
ATOM   162  O  O   . LEU A 1 107 ? -9.701  -7.154  4.071   1.00 12.71 ? 107 LEU A O   1 
ATOM   163  C  CB  . LEU A 1 107 ? -11.766 -4.857  5.304   1.00 15.25 ? 107 LEU A CB  1 
ATOM   164  C  CG  . LEU A 1 107 ? -12.756 -5.715  4.492   1.00 17.41 ? 107 LEU A CG  1 
ATOM   165  C  CD1 . LEU A 1 107 ? -13.011 -7.044  5.179   1.00 18.21 ? 107 LEU A CD1 1 
ATOM   166  C  CD2 . LEU A 1 107 ? -14.081 -4.977  4.258   1.00 18.57 ? 107 LEU A CD2 1 
ATOM   167  N  N   . VAL A 1 108 ? -8.958  -5.040  3.816   1.00 12.69 ? 108 VAL A N   1 
ATOM   168  C  CA  . VAL A 1 108 ? -8.078  -5.360  2.704   1.00 12.60 ? 108 VAL A CA  1 
ATOM   169  C  C   . VAL A 1 108 ? -7.052  -6.431  3.122   1.00 12.59 ? 108 VAL A C   1 
ATOM   170  O  O   . VAL A 1 108 ? -6.859  -7.424  2.419   1.00 9.96  ? 108 VAL A O   1 
ATOM   171  C  CB  . VAL A 1 108 ? -7.358  -4.065  2.154   1.00 12.72 ? 108 VAL A CB  1 
ATOM   172  C  CG1 . VAL A 1 108 ? -6.292  -4.432  1.133   1.00 12.45 ? 108 VAL A CG1 1 
ATOM   173  C  CG2 . VAL A 1 108 ? -8.408  -3.077  1.562   1.00 11.51 ? 108 VAL A CG2 1 
ATOM   174  N  N   . ALA A 1 109 ? -6.417  -6.233  4.278   1.00 13.65 ? 109 ALA A N   1 
ATOM   175  C  CA  . ALA A 1 109 ? -5.423  -7.194  4.809   1.00 12.97 ? 109 ALA A CA  1 
ATOM   176  C  C   . ALA A 1 109 ? -6.025  -8.580  4.973   1.00 13.32 ? 109 ALA A C   1 
ATOM   177  O  O   . ALA A 1 109 ? -5.460  -9.581  4.508   1.00 13.86 ? 109 ALA A O   1 
ATOM   178  C  CB  . ALA A 1 109 ? -4.879  -6.699  6.140   1.00 14.31 ? 109 ALA A CB  1 
ATOM   179  N  N   . MET A 1 110 ? -7.182  -8.635  5.635   1.00 13.42 ? 110 MET A N   1 
ATOM   180  C  CA  . MET A 1 110 ? -7.916  -9.883  5.839   1.00 18.96 ? 110 MET A CA  1 
ATOM   181  C  C   . MET A 1 110 ? -8.212  -10.596 4.514   1.00 15.22 ? 110 MET A C   1 
ATOM   182  O  O   . MET A 1 110 ? -7.984  -11.808 4.385   1.00 13.98 ? 110 MET A O   1 
ATOM   183  C  CB  . MET A 1 110 ? -9.225  -9.584  6.585   1.00 21.64 ? 110 MET A CB  1 
ATOM   184  C  CG  . MET A 1 110 ? -9.994  -10.792 7.050   1.00 26.44 ? 110 MET A CG  1 
ATOM   185  S  SD  . MET A 1 110 ? -11.689 -10.320 7.498   1.00 32.25 ? 110 MET A SD  1 
ATOM   186  C  CE  . MET A 1 110 ? -12.446 -10.262 5.885   1.00 33.72 ? 110 MET A CE  1 
ATOM   187  N  N   . MET A 1 111 ? -8.698  -9.849  3.515   1.00 13.89 ? 111 MET A N   1 
ATOM   188  C  CA  . MET A 1 111 ? -9.032  -10.475 2.222   1.00 13.98 ? 111 MET A CA  1 
ATOM   189  C  C   . MET A 1 111 ? -7.800  -10.943 1.453   1.00 13.80 ? 111 MET A C   1 
ATOM   190  O  O   . MET A 1 111 ? -7.827  -11.993 0.818   1.00 11.40 ? 111 MET A O   1 
ATOM   191  C  CB  . MET A 1 111 ? -9.868  -9.534  1.358   1.00 16.77 ? 111 MET A CB  1 
ATOM   192  C  CG  A MET A 1 111 ? -11.271 -9.270  1.902   0.65 18.81 ? 111 MET A CG  1 
ATOM   193  C  CG  B MET A 1 111 ? -11.243 -9.204  1.937   0.35 16.61 ? 111 MET A CG  1 
ATOM   194  S  SD  A MET A 1 111 ? -12.409 -8.791  0.577   0.65 22.08 ? 111 MET A SD  1 
ATOM   195  S  SD  B MET A 1 111 ? -12.239 -10.646 2.330   0.35 16.71 ? 111 MET A SD  1 
ATOM   196  C  CE  A MET A 1 111 ? -13.945 -8.611  1.466   0.65 21.52 ? 111 MET A CE  1 
ATOM   197  C  CE  B MET A 1 111 ? -13.759 -9.873  2.875   0.35 17.05 ? 111 MET A CE  1 
ATOM   198  N  N   . LEU A 1 112 ? -6.726  -10.166 1.509   1.00 13.05 ? 112 LEU A N   1 
ATOM   199  C  CA  . LEU A 1 112 ? -5.455  -10.582 0.909   1.00 12.79 ? 112 LEU A CA  1 
ATOM   200  C  C   . LEU A 1 112 ? -4.916  -11.873 1.550   1.00 12.39 ? 112 LEU A C   1 
ATOM   201  O  O   . LEU A 1 112 ? -4.457  -12.781 0.857   1.00 12.79 ? 112 LEU A O   1 
ATOM   202  C  CB  . LEU A 1 112 ? -4.417  -9.466  1.044   1.00 13.09 ? 112 LEU A CB  1 
ATOM   203  C  CG  . LEU A 1 112 ? -4.590  -8.261  0.118   1.00 13.21 ? 112 LEU A CG  1 
ATOM   204  C  CD1 . LEU A 1 112 ? -3.748  -7.139  0.619   1.00 14.36 ? 112 LEU A CD1 1 
ATOM   205  C  CD2 . LEU A 1 112 ? -4.224  -8.636  -1.320  1.00 14.32 ? 112 LEU A CD2 1 
ATOM   206  N  N   . GLU A 1 113 ? -5.000  -11.958 2.867   1.00 13.67 ? 113 GLU A N   1 
ATOM   207  C  CA  . GLU A 1 113 ? -4.538  -13.158 3.570   1.00 14.86 ? 113 GLU A CA  1 
ATOM   208  C  C   . GLU A 1 113 ? -5.347  -14.379 3.153   1.00 12.84 ? 113 GLU A C   1 
ATOM   209  O  O   . GLU A 1 113 ? -4.797  -15.473 3.058   1.00 14.87 ? 113 GLU A O   1 
ATOM   210  C  CB  . GLU A 1 113 ? -4.586  -12.960 5.076   1.00 15.41 ? 113 GLU A CB  1 
ATOM   211  C  CG  . GLU A 1 113 ? -3.479  -12.024 5.566   1.00 16.31 ? 113 GLU A CG  1 
ATOM   212  C  CD  . GLU A 1 113 ? -3.448  -11.854 7.077   1.00 18.50 ? 113 GLU A CD  1 
ATOM   213  O  OE1 . GLU A 1 113 ? -4.445  -12.217 7.745   1.00 23.37 ? 113 GLU A OE1 1 
ATOM   214  O  OE2 . GLU A 1 113 ? -2.411  -11.371 7.591   1.00 19.06 ? 113 GLU A OE2 1 
ATOM   215  N  N   . SER A 1 114 ? -6.640  -14.179 2.883   1.00 13.26 ? 114 SER A N   1 
ATOM   216  C  CA  . SER A 1 114 ? -7.541  -15.289 2.483   1.00 14.58 ? 114 SER A CA  1 
ATOM   217  C  C   . SER A 1 114 ? -7.104  -15.932 1.157   1.00 15.30 ? 114 SER A C   1 
ATOM   218  O  O   . SER A 1 114 ? -7.378  -17.118 0.909   1.00 17.28 ? 114 SER A O   1 
ATOM   219  C  CB  . SER A 1 114 ? -9.023  -14.825 2.423   1.00 13.45 ? 114 SER A CB  1 
ATOM   220  O  OG  . SER A 1 114 ? -9.330  -14.156 1.203   1.00 15.57 ? 114 SER A OG  1 
ATOM   221  N  N   . GLY A 1 115 ? -6.411  -15.165 0.316   1.00 13.83 ? 115 GLY A N   1 
ATOM   222  C  CA  . GLY A 1 115 ? -5.917  -15.668 -0.986  1.00 14.28 ? 115 GLY A CA  1 
ATOM   223  C  C   . GLY A 1 115 ? -4.482  -16.180 -0.962  1.00 13.11 ? 115 GLY A C   1 
ATOM   224  O  O   . GLY A 1 115 ? -3.943  -16.543 -2.003  1.00 16.13 ? 115 GLY A O   1 
ATOM   225  N  N   . GLY A 1 116 ? -3.860  -16.209 0.215   1.00 14.03 ? 116 GLY A N   1 
ATOM   226  C  CA  . GLY A 1 116 ? -2.514  -16.773 0.353   1.00 14.96 ? 116 GLY A CA  1 
ATOM   227  C  C   . GLY A 1 116 ? -1.406  -15.741 0.541   1.00 14.55 ? 116 GLY A C   1 
ATOM   228  O  O   . GLY A 1 116 ? -0.247  -16.108 0.716   1.00 14.06 ? 116 GLY A O   1 
ATOM   229  N  N   . PHE A 1 117 ? -1.743  -14.452 0.504   1.00 12.05 ? 117 PHE A N   1 
ATOM   230  C  CA  . PHE A 1 117 ? -0.719  -13.422 0.683   1.00 13.94 ? 117 PHE A CA  1 
ATOM   231  C  C   . PHE A 1 117 ? -0.238  -13.347 2.141   1.00 13.99 ? 117 PHE A C   1 
ATOM   232  O  O   . PHE A 1 117 ? -1.016  -13.573 3.082   1.00 12.73 ? 117 PHE A O   1 
ATOM   233  C  CB  . PHE A 1 117 ? -1.213  -12.063 0.229   1.00 15.90 ? 117 PHE A CB  1 
ATOM   234  C  CG  . PHE A 1 117 ? -1.230  -11.900 -1.262  1.00 14.47 ? 117 PHE A CG  1 
ATOM   235  C  CD1 . PHE A 1 117 ? -0.050  -11.665 -1.951  1.00 17.35 ? 117 PHE A CD1 1 
ATOM   236  C  CD2 . PHE A 1 117 ? -2.421  -11.972 -1.975  1.00 17.00 ? 117 PHE A CD2 1 
ATOM   237  C  CE1 . PHE A 1 117 ? -0.059  -11.489 -3.349  1.00 18.13 ? 117 PHE A CE1 1 
ATOM   238  C  CE2 . PHE A 1 117 ? -2.433  -11.800 -3.363  1.00 16.90 ? 117 PHE A CE2 1 
ATOM   239  C  CZ  . PHE A 1 117 ? -1.247  -11.563 -4.044  1.00 17.32 ? 117 PHE A CZ  1 
ATOM   240  N  N   . THR A 1 118 ? 1.060   -13.081 2.295   1.00 13.68 ? 118 THR A N   1 
ATOM   241  C  CA  . THR A 1 118 ? 1.648   -12.716 3.565   1.00 14.93 ? 118 THR A CA  1 
ATOM   242  C  C   . THR A 1 118 ? 1.562   -11.198 3.666   1.00 14.69 ? 118 THR A C   1 
ATOM   243  O  O   . THR A 1 118 ? 2.095   -10.464 2.807   1.00 16.25 ? 118 THR A O   1 
ATOM   244  C  CB  . THR A 1 118 ? 3.110   -13.131 3.650   1.00 16.91 ? 118 THR A CB  1 
ATOM   245  O  OG1 . THR A 1 118 ? 3.220   -14.539 3.434   1.00 15.55 ? 118 THR A OG1 1 
ATOM   246  C  CG2 . THR A 1 118 ? 3.690   -12.774 5.004   1.00 17.34 ? 118 THR A CG2 1 
ATOM   247  N  N   . VAL A 1 119 ? 0.895   -10.726 4.699   1.00 13.27 ? 119 VAL A N   1 
ATOM   248  C  CA  . VAL A 1 119 ? 0.646   -9.310  4.855   1.00 11.86 ? 119 VAL A CA  1 
ATOM   249  C  C   . VAL A 1 119 ? 1.308   -8.783  6.135   1.00 13.69 ? 119 VAL A C   1 
ATOM   250  O  O   . VAL A 1 119 ? 1.078   -9.314  7.247   1.00 15.24 ? 119 VAL A O   1 
ATOM   251  C  CB  . VAL A 1 119 ? -0.880  -8.996  4.857   1.00 13.96 ? 119 VAL A CB  1 
ATOM   252  C  CG1 . VAL A 1 119 ? -1.119  -7.478  4.994   1.00 15.94 ? 119 VAL A CG1 1 
ATOM   253  C  CG2 . VAL A 1 119 ? -1.546  -9.547  3.595   1.00 15.39 ? 119 VAL A CG2 1 
ATOM   254  N  N   . TYR A 1 120 ? 2.141   -7.760  5.971   1.00 12.49 ? 120 TYR A N   1 
ATOM   255  C  CA  . TYR A 1 120 ? 2.741   -7.044  7.094   1.00 12.54 ? 120 TYR A CA  1 
ATOM   256  C  C   . TYR A 1 120 ? 1.992   -5.721  7.225   1.00 13.30 ? 120 TYR A C   1 
ATOM   257  O  O   . TYR A 1 120 ? 2.182   -4.797  6.461   1.00 13.09 ? 120 TYR A O   1 
ATOM   258  C  CB  . TYR A 1 120 ? 4.243   -6.844  6.888   1.00 13.55 ? 120 TYR A CB  1 
ATOM   259  C  CG  . TYR A 1 120 ? 4.971   -8.143  6.581   1.00 14.39 ? 120 TYR A CG  1 
ATOM   260  C  CD1 . TYR A 1 120 ? 5.278   -9.045  7.594   1.00 14.81 ? 120 TYR A CD1 1 
ATOM   261  C  CD2 . TYR A 1 120 ? 5.337   -8.467  5.273   1.00 14.99 ? 120 TYR A CD2 1 
ATOM   262  C  CE1 . TYR A 1 120 ? 5.960   -10.264 7.305   1.00 14.97 ? 120 TYR A CE1 1 
ATOM   263  C  CE2 . TYR A 1 120 ? 6.019   -9.674  4.972   1.00 15.58 ? 120 TYR A CE2 1 
ATOM   264  C  CZ  . TYR A 1 120 ? 6.322   -10.555 5.993   1.00 14.95 ? 120 TYR A CZ  1 
ATOM   265  O  OH  . TYR A 1 120 ? 6.978   -11.732 5.701   1.00 18.21 ? 120 TYR A OH  1 
ATOM   266  N  N   . ASN A 1 121 ? 1.110   -5.685  8.199   1.00 14.27 ? 121 ASN A N   1 
ATOM   267  C  CA  . ASN A 1 121 ? 0.277   -4.531  8.471   1.00 15.26 ? 121 ASN A CA  1 
ATOM   268  C  C   . ASN A 1 121 ? 1.032   -3.600  9.458   1.00 13.96 ? 121 ASN A C   1 
ATOM   269  O  O   . ASN A 1 121 ? 1.167   -3.894  10.659  1.00 14.23 ? 121 ASN A O   1 
ATOM   270  C  CB  . ASN A 1 121 ? -1.063  -5.019  9.018   1.00 16.46 ? 121 ASN A CB  1 
ATOM   271  C  CG  . ASN A 1 121 ? -2.105  -3.922  9.105   1.00 17.91 ? 121 ASN A CG  1 
ATOM   272  O  OD1 . ASN A 1 121 ? -1.780  -2.725  9.120   1.00 18.67 ? 121 ASN A OD1 1 
ATOM   273  N  ND2 . ASN A 1 121 ? -3.379  -4.332  9.192   1.00 19.57 ? 121 ASN A ND2 1 
ATOM   274  N  N   . LEU A 1 122 ? 1.551   -2.506  8.932   1.00 13.00 ? 122 LEU A N   1 
ATOM   275  C  CA  . LEU A 1 122 ? 2.426   -1.601  9.696   1.00 11.93 ? 122 LEU A CA  1 
ATOM   276  C  C   . LEU A 1 122 ? 1.663   -0.742  10.734  1.00 13.76 ? 122 LEU A C   1 
ATOM   277  O  O   . LEU A 1 122 ? 2.263   -0.245  11.694  1.00 15.51 ? 122 LEU A O   1 
ATOM   278  C  CB  . LEU A 1 122 ? 3.167   -0.674  8.752   1.00 13.40 ? 122 LEU A CB  1 
ATOM   279  C  CG  . LEU A 1 122 ? 4.008   -1.277  7.633   1.00 14.18 ? 122 LEU A CG  1 
ATOM   280  C  CD1 . LEU A 1 122 ? 4.758   -0.143  6.946   1.00 13.38 ? 122 LEU A CD1 1 
ATOM   281  C  CD2 . LEU A 1 122 ? 4.961   -2.359  8.133   1.00 13.06 ? 122 LEU A CD2 1 
ATOM   282  N  N   . GLY A 1 123 ? 0.363   -0.572  10.535  1.00 11.97 ? 123 GLY A N   1 
ATOM   283  C  CA  . GLY A 1 123 ? -0.434  0.272   11.394  1.00 12.68 ? 123 GLY A CA  1 
ATOM   284  C  C   . GLY A 1 123 ? -0.776  1.587   10.718  1.00 12.91 ? 123 GLY A C   1 
ATOM   285  O  O   . GLY A 1 123 ? -0.838  1.668   9.485   1.00 12.41 ? 123 GLY A O   1 
ATOM   286  N  N   . VAL A 1 124 ? -0.965  2.622   11.531  1.00 13.35 ? 124 VAL A N   1 
ATOM   287  C  CA  . VAL A 1 124 ? -1.424  3.919   11.055  1.00 13.87 ? 124 VAL A CA  1 
ATOM   288  C  C   . VAL A 1 124 ? -0.362  5.005   11.258  1.00 12.55 ? 124 VAL A C   1 
ATOM   289  O  O   . VAL A 1 124 ? 0.654   4.778   11.952  1.00 13.60 ? 124 VAL A O   1 
ATOM   290  C  CB  . VAL A 1 124 ? -2.767  4.332   11.745  1.00 14.24 ? 124 VAL A CB  1 
ATOM   291  C  CG1 . VAL A 1 124 ? -3.831  3.307   11.455  1.00 14.65 ? 124 VAL A CG1 1 
ATOM   292  C  CG2 . VAL A 1 124 ? -2.597  4.507   13.251  1.00 14.30 ? 124 VAL A CG2 1 
ATOM   293  N  N   . ASP A 1 125 ? -0.585  6.161   10.633  1.00 12.98 ? 125 ASP A N   1 
ATOM   294  C  CA  . ASP A 1 125 ? 0.297   7.311   10.782  1.00 14.83 ? 125 ASP A CA  1 
ATOM   295  C  C   . ASP A 1 125 ? 1.737   6.915   10.422  1.00 12.67 ? 125 ASP A C   1 
ATOM   296  O  O   . ASP A 1 125 ? 2.678   7.320   11.071  1.00 14.08 ? 125 ASP A O   1 
ATOM   297  C  CB  . ASP A 1 125 ? 0.198   7.866   12.224  1.00 15.82 ? 125 ASP A CB  1 
ATOM   298  C  CG  . ASP A 1 125 ? 1.009   9.133   12.429  1.00 19.00 ? 125 ASP A CG  1 
ATOM   299  O  OD1 . ASP A 1 125 ? 1.046   10.003  11.516  1.00 19.76 ? 125 ASP A OD1 1 
ATOM   300  O  OD2 . ASP A 1 125 ? 1.621   9.255   13.513  1.00 20.19 ? 125 ASP A OD2 1 
ATOM   301  N  N   . ILE A 1 126 ? 1.872   6.117   9.363   1.00 13.01 ? 126 ILE A N   1 
ATOM   302  C  CA  . ILE A 1 126 ? 3.170   5.566   8.954   1.00 10.63 ? 126 ILE A CA  1 
ATOM   303  C  C   . ILE A 1 126 ? 3.949   6.579   8.111   1.00 12.81 ? 126 ILE A C   1 
ATOM   304  O  O   . ILE A 1 126 ? 3.530   6.956   7.000   1.00 12.68 ? 126 ILE A O   1 
ATOM   305  C  CB  . ILE A 1 126 ? 3.004   4.259   8.164   1.00 11.69 ? 126 ILE A CB  1 
ATOM   306  C  CG1 . ILE A 1 126 ? 2.152   3.233   8.952   1.00 12.41 ? 126 ILE A CG1 1 
ATOM   307  C  CG2 . ILE A 1 126 ? 4.382   3.679   7.804   1.00 11.84 ? 126 ILE A CG2 1 
ATOM   308  C  CD1 . ILE A 1 126 ? 2.771   2.725   10.263  1.00 12.11 ? 126 ILE A CD1 1 
ATOM   309  N  N   . GLU A 1 127 ? 5.092   6.995   8.645   1.00 13.68 ? 127 GLU A N   1 
ATOM   310  C  CA  . GLU A 1 127 ? 5.997   7.923   7.974   1.00 14.71 ? 127 GLU A CA  1 
ATOM   311  C  C   . GLU A 1 127 ? 6.589   7.304   6.701   1.00 13.10 ? 127 GLU A C   1 
ATOM   312  O  O   . GLU A 1 127 ? 6.830   6.109   6.653   1.00 12.93 ? 127 GLU A O   1 
ATOM   313  C  CB  . GLU A 1 127 ? 7.149   8.301   8.906   1.00 18.02 ? 127 GLU A CB  1 
ATOM   314  C  CG  . GLU A 1 127 ? 6.736   9.021   10.222  1.00 23.37 ? 127 GLU A CG  1 
ATOM   315  C  CD  . GLU A 1 127 ? 6.357   10.467  10.024  1.00 27.44 ? 127 GLU A CD  1 
ATOM   316  O  OE1 . GLU A 1 127 ? 6.480   10.978  8.890   1.00 32.24 ? 127 GLU A OE1 1 
ATOM   317  O  OE2 . GLU A 1 127 ? 5.940   11.109  11.014  1.00 32.66 ? 127 GLU A OE2 1 
ATOM   318  N  N   . PRO A 1 128 ? 6.877   8.143   5.684   1.00 13.60 ? 128 PRO A N   1 
ATOM   319  C  CA  . PRO A 1 128 ? 7.535   7.643   4.471   1.00 13.85 ? 128 PRO A CA  1 
ATOM   320  C  C   . PRO A 1 128 ? 8.756   6.743   4.770   1.00 12.17 ? 128 PRO A C   1 
ATOM   321  O  O   . PRO A 1 128 ? 8.896   5.674   4.183   1.00 12.68 ? 128 PRO A O   1 
ATOM   322  C  CB  . PRO A 1 128 ? 7.947   8.928   3.757   1.00 15.03 ? 128 PRO A CB  1 
ATOM   323  C  CG  . PRO A 1 128 ? 6.890   9.925   4.156   1.00 15.98 ? 128 PRO A CG  1 
ATOM   324  C  CD  . PRO A 1 128 ? 6.592   9.591   5.599   1.00 15.37 ? 128 PRO A CD  1 
ATOM   325  N  N   . GLY A 1 129 ? 9.606   7.172   5.704   1.00 13.19 ? 129 GLY A N   1 
ATOM   326  C  CA  . GLY A 1 129 ? 10.813  6.412   6.071   1.00 13.66 ? 129 GLY A CA  1 
ATOM   327  C  C   . GLY A 1 129 ? 10.556  5.074   6.724   1.00 13.82 ? 129 GLY A C   1 
ATOM   328  O  O   . GLY A 1 129 ? 11.386  4.144   6.636   1.00 14.81 ? 129 GLY A O   1 
ATOM   329  N  N   . LYS A 1 130 ? 9.404   4.946   7.378   1.00 12.58 ? 130 LYS A N   1 
ATOM   330  C  CA  . LYS A 1 130 ? 9.026   3.692   7.980   1.00 12.75 ? 130 LYS A CA  1 
ATOM   331  C  C   . LYS A 1 130 ? 8.528   2.711   6.908   1.00 11.03 ? 130 LYS A C   1 
ATOM   332  O  O   . LYS A 1 130 ? 8.755   1.501   7.014   1.00 12.80 ? 130 LYS A O   1 
ATOM   333  C  CB  . LYS A 1 130 ? 8.001   3.907   9.093   1.00 16.41 ? 130 LYS A CB  1 
ATOM   334  C  CG  . LYS A 1 130 ? 8.595   4.615   10.311  1.00 21.01 ? 130 LYS A CG  1 
ATOM   335  C  CD  . LYS A 1 130 ? 9.577   3.713   11.082  1.00 22.62 ? 130 LYS A CD  1 
ATOM   336  C  CE  . LYS A 1 130 ? 10.168  4.430   12.295  1.00 23.29 ? 130 LYS A CE  1 
ATOM   337  N  NZ  . LYS A 1 130 ? 11.320  3.657   12.893  1.00 25.76 ? 130 LYS A NZ  1 
ATOM   338  N  N   . PHE A 1 131 ? 7.890   3.219   5.852   1.00 10.73 ? 131 PHE A N   1 
ATOM   339  C  CA  . PHE A 1 131 ? 7.594   2.350   4.677   1.00 10.97 ? 131 PHE A CA  1 
ATOM   340  C  C   . PHE A 1 131 ? 8.894   1.819   4.046   1.00 11.77 ? 131 PHE A C   1 
ATOM   341  O  O   . PHE A 1 131 ? 8.999   0.646   3.697   1.00 10.72 ? 131 PHE A O   1 
ATOM   342  C  CB  . PHE A 1 131 ? 6.775   3.083   3.625   1.00 10.75 ? 131 PHE A CB  1 
ATOM   343  C  CG  . PHE A 1 131 ? 5.275   3.122   3.922   1.00 10.87 ? 131 PHE A CG  1 
ATOM   344  C  CD1 . PHE A 1 131 ? 4.471   1.999   3.696   1.00 12.88 ? 131 PHE A CD1 1 
ATOM   345  C  CD2 . PHE A 1 131 ? 4.692   4.275   4.411   1.00 11.14 ? 131 PHE A CD2 1 
ATOM   346  C  CE1 . PHE A 1 131 ? 3.087   2.034   3.967   1.00 12.84 ? 131 PHE A CE1 1 
ATOM   347  C  CE2 . PHE A 1 131 ? 3.309   4.330   4.671   1.00 11.03 ? 131 PHE A CE2 1 
ATOM   348  C  CZ  . PHE A 1 131 ? 2.516   3.202   4.447   1.00 11.94 ? 131 PHE A CZ  1 
ATOM   349  N  N   . VAL A 1 132 ? 9.875   2.702   3.916   1.00 10.75 ? 132 VAL A N   1 
ATOM   350  C  CA  . VAL A 1 132 ? 11.178  2.341   3.369   1.00 10.71 ? 132 VAL A CA  1 
ATOM   351  C  C   . VAL A 1 132 ? 11.853  1.252   4.231   1.00 12.30 ? 132 VAL A C   1 
ATOM   352  O  O   . VAL A 1 132 ? 12.320  0.215   3.704   1.00 11.42 ? 132 VAL A O   1 
ATOM   353  C  CB  . VAL A 1 132 ? 12.081  3.614   3.226   1.00 11.11 ? 132 VAL A CB  1 
ATOM   354  C  CG1 . VAL A 1 132 ? 13.546  3.246   2.939   1.00 11.38 ? 132 VAL A CG1 1 
ATOM   355  C  CG2 . VAL A 1 132 ? 11.521  4.552   2.125   1.00 11.78 ? 132 VAL A CG2 1 
ATOM   356  N  N   . GLU A 1 133 ? 11.878  1.473   5.545   1.00 11.28 ? 133 GLU A N   1 
ATOM   357  C  CA  . GLU A 1 133 ? 12.430  0.488   6.485   1.00 14.21 ? 133 GLU A CA  1 
ATOM   358  C  C   . GLU A 1 133 ? 11.747  -0.892  6.323   1.00 12.32 ? 133 GLU A C   1 
ATOM   359  O  O   . GLU A 1 133 ? 12.431  -1.936  6.272   1.00 13.56 ? 133 GLU A O   1 
ATOM   360  C  CB  . GLU A 1 133 ? 12.319  0.983   7.926   1.00 16.69 ? 133 GLU A CB  1 
ATOM   361  C  CG  . GLU A 1 133 ? 13.274  2.114   8.261   1.00 19.24 ? 133 GLU A CG  1 
ATOM   362  C  CD  . GLU A 1 133 ? 13.190  2.575   9.719   1.00 22.11 ? 133 GLU A CD  1 
ATOM   363  O  OE1 . GLU A 1 133 ? 12.808  1.767   10.585  1.00 26.46 ? 133 GLU A OE1 1 
ATOM   364  O  OE2 . GLU A 1 133 ? 13.526  3.755   9.987   1.00 26.07 ? 133 GLU A OE2 1 
ATOM   365  N  N   . ALA A 1 134 ? 10.404  -0.881  6.220   1.00 11.75 ? 134 ALA A N   1 
ATOM   366  C  CA  . ALA A 1 134 ? 9.613   -2.101  6.052   1.00 12.52 ? 134 ALA A CA  1 
ATOM   367  C  C   . ALA A 1 134 ? 9.941   -2.824  4.770   1.00 9.82  ? 134 ALA A C   1 
ATOM   368  O  O   . ALA A 1 134 ? 10.016  -4.049  4.742   1.00 13.14 ? 134 ALA A O   1 
ATOM   369  C  CB  . ALA A 1 134 ? 8.126   -1.785  6.101   1.00 13.55 ? 134 ALA A CB  1 
ATOM   370  N  N   . VAL A 1 135 ? 10.146  -2.075  3.682   1.00 11.39 ? 135 VAL A N   1 
ATOM   371  C  CA  . VAL A 1 135 ? 10.487  -2.703  2.409   1.00 13.95 ? 135 VAL A CA  1 
ATOM   372  C  C   . VAL A 1 135 ? 11.850  -3.410  2.497   1.00 13.59 ? 135 VAL A C   1 
ATOM   373  O  O   . VAL A 1 135 ? 12.017  -4.518  1.992   1.00 13.36 ? 135 VAL A O   1 
ATOM   374  C  CB  . VAL A 1 135 ? 10.445  -1.677  1.239   1.00 15.05 ? 135 VAL A CB  1 
ATOM   375  C  CG1 . VAL A 1 135 ? 11.050  -2.240  -0.031  1.00 14.96 ? 135 VAL A CG1 1 
ATOM   376  C  CG2 . VAL A 1 135 ? 9.012   -1.253  0.986   1.00 16.51 ? 135 VAL A CG2 1 
ATOM   377  N  N   . LYS A 1 136 ? 12.811  -2.768  3.142   1.00 11.87 ? 136 LYS A N   1 
ATOM   378  C  CA  . LYS A 1 136 ? 14.116  -3.390  3.380   1.00 14.08 ? 136 LYS A CA  1 
ATOM   379  C  C   . LYS A 1 136 ? 14.024  -4.627  4.285   1.00 14.19 ? 136 LYS A C   1 
ATOM   380  O  O   . LYS A 1 136 ? 14.677  -5.650  4.025   1.00 17.46 ? 136 LYS A O   1 
ATOM   381  C  CB  . LYS A 1 136 ? 15.076  -2.374  3.961   1.00 14.59 ? 136 LYS A CB  1 
ATOM   382  C  CG  . LYS A 1 136 ? 15.616  -1.413  2.890   1.00 14.83 ? 136 LYS A CG  1 
ATOM   383  C  CD  . LYS A 1 136 ? 16.019  -0.089  3.480   1.00 16.01 ? 136 LYS A CD  1 
ATOM   384  C  CE  . LYS A 1 136 ? 16.620  0.839   2.427   1.00 16.07 ? 136 LYS A CE  1 
ATOM   385  N  NZ  . LYS A 1 136 ? 18.093  0.654   2.283   1.00 11.96 ? 136 LYS A NZ  1 
ATOM   386  N  N   . LYS A 1 137 ? 13.191  -4.544  5.310   1.00 14.24 ? 137 LYS A N   1 
ATOM   387  C  CA  . LYS A 1 137 ? 13.078  -5.612  6.308   1.00 16.12 ? 137 LYS A CA  1 
ATOM   388  C  C   . LYS A 1 137 ? 12.367  -6.834  5.723   1.00 17.46 ? 137 LYS A C   1 
ATOM   389  O  O   . LYS A 1 137 ? 12.853  -7.968  5.851   1.00 18.62 ? 137 LYS A O   1 
ATOM   390  C  CB  . LYS A 1 137 ? 12.333  -5.126  7.546   1.00 17.97 ? 137 LYS A CB  1 
ATOM   391  C  CG  . LYS A 1 137 ? 12.243  -6.189  8.700   1.00 18.16 ? 137 LYS A CG  1 
ATOM   392  C  CD  . LYS A 1 137 ? 11.513  -5.649  9.928   1.00 20.66 ? 137 LYS A CD  1 
ATOM   393  C  CE  . LYS A 1 137 ? 11.211  -6.773  10.992  1.00 21.21 ? 137 LYS A CE  1 
ATOM   394  N  NZ  . LYS A 1 137 ? 10.198  -6.329  12.040  1.00 22.88 ? 137 LYS A NZ  1 
ATOM   395  N  N   . TYR A 1 138 ? 11.224  -6.598  5.077   1.00 16.40 ? 138 TYR A N   1 
ATOM   396  C  CA  . TYR A 1 138 ? 10.332  -7.693  4.642   1.00 17.04 ? 138 TYR A CA  1 
ATOM   397  C  C   . TYR A 1 138 ? 10.492  -8.109  3.196   1.00 16.70 ? 138 TYR A C   1 
ATOM   398  O  O   . TYR A 1 138 ? 9.974   -9.164  2.799   1.00 17.06 ? 138 TYR A O   1 
ATOM   399  C  CB  . TYR A 1 138 ? 8.875   -7.308  4.904   1.00 18.72 ? 138 TYR A CB  1 
ATOM   400  C  CG  . TYR A 1 138 ? 8.591   -7.017  6.345   1.00 18.30 ? 138 TYR A CG  1 
ATOM   401  C  CD1 . TYR A 1 138 ? 8.800   -7.991  7.326   1.00 20.28 ? 138 TYR A CD1 1 
ATOM   402  C  CD2 . TYR A 1 138 ? 8.117   -5.763  6.748   1.00 18.36 ? 138 TYR A CD2 1 
ATOM   403  C  CE1 . TYR A 1 138 ? 8.550   -7.726  8.656   1.00 20.36 ? 138 TYR A CE1 1 
ATOM   404  C  CE2 . TYR A 1 138 ? 7.860   -5.494  8.077   1.00 19.48 ? 138 TYR A CE2 1 
ATOM   405  C  CZ  . TYR A 1 138 ? 8.081   -6.495  9.032   1.00 19.73 ? 138 TYR A CZ  1 
ATOM   406  O  OH  . TYR A 1 138 ? 7.833   -6.256  10.362  1.00 21.19 ? 138 TYR A OH  1 
ATOM   407  N  N   . GLN A 1 139 ? 11.182  -7.288  2.398   1.00 16.06 ? 139 GLN A N   1 
ATOM   408  C  CA  . GLN A 1 139 ? 11.367  -7.542  0.985   1.00 17.94 ? 139 GLN A CA  1 
ATOM   409  C  C   . GLN A 1 139 ? 10.045  -7.921  0.283   1.00 15.28 ? 139 GLN A C   1 
ATOM   410  O  O   . GLN A 1 139 ? 9.950   -8.951  -0.379  1.00 15.89 ? 139 GLN A O   1 
ATOM   411  C  CB  . GLN A 1 139 ? 12.460  -8.612  0.783   1.00 20.72 ? 139 GLN A CB  1 
ATOM   412  C  CG  . GLN A 1 139 ? 13.808  -8.184  1.391   1.00 22.98 ? 139 GLN A CG  1 
ATOM   413  C  CD  . GLN A 1 139 ? 15.002  -8.960  0.847   1.00 26.15 ? 139 GLN A CD  1 
ATOM   414  O  OE1 . GLN A 1 139 ? 15.023  -9.368  -0.321  1.00 31.54 ? 139 GLN A OE1 1 
ATOM   415  N  NE2 . GLN A 1 139 ? 16.011  -9.146  1.682   1.00 29.38 ? 139 GLN A NE2 1 
ATOM   416  N  N   . PRO A 1 140 ? 9.026   -7.056  0.412   1.00 12.75 ? 140 PRO A N   1 
ATOM   417  C  CA  . PRO A 1 140 ? 7.726   -7.337  -0.159  1.00 13.87 ? 140 PRO A CA  1 
ATOM   418  C  C   . PRO A 1 140 ? 7.691   -7.137  -1.668  1.00 12.99 ? 140 PRO A C   1 
ATOM   419  O  O   . PRO A 1 140 ? 8.541   -6.430  -2.240  1.00 13.64 ? 140 PRO A O   1 
ATOM   420  C  CB  . PRO A 1 140 ? 6.838   -6.304  0.513   1.00 13.58 ? 140 PRO A CB  1 
ATOM   421  C  CG  . PRO A 1 140 ? 7.740   -5.132  0.647   1.00 11.35 ? 140 PRO A CG  1 
ATOM   422  C  CD  . PRO A 1 140 ? 9.049   -5.725  1.051   1.00 10.84 ? 140 PRO A CD  1 
ATOM   423  N  N   . ASP A 1 141 ? 6.707   -7.772  -2.288  1.00 12.97 ? 141 ASP A N   1 
ATOM   424  C  CA  . ASP A 1 141 ? 6.414   -7.626  -3.701  1.00 13.85 ? 141 ASP A CA  1 
ATOM   425  C  C   . ASP A 1 141 ? 5.615   -6.351  -3.936  1.00 12.31 ? 141 ASP A C   1 
ATOM   426  O  O   . ASP A 1 141 ? 5.753   -5.684  -4.973  1.00 13.13 ? 141 ASP A O   1 
ATOM   427  C  CB  . ASP A 1 141 ? 5.605   -8.838  -4.153  1.00 15.20 ? 141 ASP A CB  1 
ATOM   428  C  CG  . ASP A 1 141 ? 6.374   -10.154 -3.956  1.00 17.66 ? 141 ASP A CG  1 
ATOM   429  O  OD1 . ASP A 1 141 ? 7.413   -10.299 -4.619  1.00 20.36 ? 141 ASP A OD1 1 
ATOM   430  O  OD2 . ASP A 1 141 ? 5.963   -11.007 -3.127  1.00 16.18 ? 141 ASP A OD2 1 
ATOM   431  N  N   . ILE A 1 142 ? 4.780   -6.020  -2.950  1.00 12.12 ? 142 ILE A N   1 
ATOM   432  C  CA  . ILE A 1 142 ? 3.866   -4.909  -3.043  1.00 12.76 ? 142 ILE A CA  1 
ATOM   433  C  C   . ILE A 1 142 ? 3.903   -4.048  -1.766  1.00 12.17 ? 142 ILE A C   1 
ATOM   434  O  O   . ILE A 1 142 ? 4.016   -4.577  -0.634  1.00 12.14 ? 142 ILE A O   1 
ATOM   435  C  CB  . ILE A 1 142 ? 2.414   -5.428  -3.266  1.00 13.43 ? 142 ILE A CB  1 
ATOM   436  C  CG1 . ILE A 1 142 ? 2.314   -6.225  -4.582  1.00 14.28 ? 142 ILE A CG1 1 
ATOM   437  C  CG2 . ILE A 1 142 ? 1.415   -4.275  -3.256  1.00 13.17 ? 142 ILE A CG2 1 
ATOM   438  C  CD1 . ILE A 1 142 ? 1.040   -7.087  -4.723  1.00 15.85 ? 142 ILE A CD1 1 
ATOM   439  N  N   . VAL A 1 143 ? 3.801   -2.735  -1.957  1.00 13.04 ? 143 VAL A N   1 
ATOM   440  C  CA  . VAL A 1 143 ? 3.544   -1.777  -0.877  1.00 13.56 ? 143 VAL A CA  1 
ATOM   441  C  C   . VAL A 1 143 ? 2.169   -1.160  -1.108  1.00 12.22 ? 143 VAL A C   1 
ATOM   442  O  O   . VAL A 1 143 ? 1.904   -0.624  -2.174  1.00 11.90 ? 143 VAL A O   1 
ATOM   443  C  CB  . VAL A 1 143 ? 4.601   -0.640  -0.818  1.00 17.04 ? 143 VAL A CB  1 
ATOM   444  C  CG1 . VAL A 1 143 ? 4.202   0.417   0.235   1.00 18.38 ? 143 VAL A CG1 1 
ATOM   445  C  CG2 . VAL A 1 143 ? 5.963   -1.203  -0.516  1.00 18.96 ? 143 VAL A CG2 1 
ATOM   446  N  N   . GLY A 1 144 ? 1.295   -1.263  -0.108  1.00 10.53 ? 144 GLY A N   1 
ATOM   447  C  CA  . GLY A 1 144 ? -0.046  -0.700  -0.188  1.00 9.12  ? 144 GLY A CA  1 
ATOM   448  C  C   . GLY A 1 144 ? -0.223  0.407   0.831   1.00 9.83  ? 144 GLY A C   1 
ATOM   449  O  O   . GLY A 1 144 ? 0.189   0.272   1.997   1.00 10.21 ? 144 GLY A O   1 
ATOM   450  N  N   . MET A 1 145 ? -0.864  1.483   0.402   1.00 9.41  ? 145 MET A N   1 
ATOM   451  C  CA  . MET A 1 145 ? -1.116  2.633   1.239   1.00 11.39 ? 145 MET A CA  1 
ATOM   452  C  C   . MET A 1 145 ? -2.608  2.969   1.246   1.00 11.67 ? 145 MET A C   1 
ATOM   453  O  O   . MET A 1 145 ? -3.260  2.953   0.197   1.00 10.52 ? 145 MET A O   1 
ATOM   454  C  CB  . MET A 1 145 ? -0.330  3.824   0.716   1.00 13.65 ? 145 MET A CB  1 
ATOM   455  C  CG  . MET A 1 145 ? 1.160   3.657   0.848   1.00 14.83 ? 145 MET A CG  1 
ATOM   456  S  SD  . MET A 1 145 ? 2.050   5.165   0.396   1.00 14.54 ? 145 MET A SD  1 
ATOM   457  C  CE  . MET A 1 145 ? 2.077   5.033   -1.367  1.00 16.21 ? 145 MET A CE  1 
ATOM   458  N  N   . SER A 1 146 ? -3.127  3.259   2.435   1.00 10.50 ? 146 SER A N   1 
ATOM   459  C  CA  . SER A 1 146 ? -4.502  3.665   2.605   1.00 7.57  ? 146 SER A CA  1 
ATOM   460  C  C   . SER A 1 146 ? -4.536  5.081   3.125   1.00 8.56  ? 146 SER A C   1 
ATOM   461  O  O   . SER A 1 146 ? -3.716  5.464   3.941   1.00 10.43 ? 146 SER A O   1 
ATOM   462  C  CB  . SER A 1 146 ? -5.210  2.707   3.593   1.00 13.12 ? 146 SER A CB  1 
ATOM   463  O  OG  . SER A 1 146 ? -6.596  2.993   3.714   1.00 12.50 ? 146 SER A OG  1 
ATOM   464  N  N   . ALA A 1 147 ? -5.485  5.868   2.624   1.00 9.27  ? 147 ALA A N   1 
ATOM   465  C  CA  . ALA A 1 147 ? -5.750  7.212   3.171   1.00 8.19  ? 147 ALA A CA  1 
ATOM   466  C  C   . ALA A 1 147 ? -7.239  7.478   3.089   1.00 10.27 ? 147 ALA A C   1 
ATOM   467  O  O   . ALA A 1 147 ? -7.874  7.190   2.051   1.00 9.61  ? 147 ALA A O   1 
ATOM   468  C  CB  . ALA A 1 147 ? -5.001  8.258   2.409   1.00 9.43  ? 147 ALA A CB  1 
ATOM   469  N  N   . LEU A 1 148 ? -7.801  7.997   4.176   1.00 11.02 ? 148 LEU A N   1 
ATOM   470  C  CA  . LEU A 1 148 ? -9.215  8.401   4.199   1.00 10.67 ? 148 LEU A CA  1 
ATOM   471  C  C   . LEU A 1 148 ? -9.406  9.908   4.258   1.00 12.23 ? 148 LEU A C   1 
ATOM   472  O  O   . LEU A 1 148 ? -10.511 10.394  3.998   1.00 14.07 ? 148 LEU A O   1 
ATOM   473  C  CB  . LEU A 1 148 ? -9.978  7.733   5.360   1.00 13.42 ? 148 LEU A CB  1 
ATOM   474  C  CG  A LEU A 1 148 ? -10.533 6.318   5.200   0.65 13.21 ? 148 LEU A CG  1 
ATOM   475  C  CG  B LEU A 1 148 ? -10.507 6.298   5.167   0.35 13.09 ? 148 LEU A CG  1 
ATOM   476  C  CD1 A LEU A 1 148 ? -11.775 6.345   4.357   0.65 14.12 ? 148 LEU A CD1 1 
ATOM   477  C  CD1 B LEU A 1 148 ? -11.682 6.040   6.096   0.35 13.84 ? 148 LEU A CD1 1 
ATOM   478  C  CD2 A LEU A 1 148 ? -9.483  5.331   4.622   0.65 13.62 ? 148 LEU A CD2 1 
ATOM   479  C  CD2 B LEU A 1 148 ? -10.918 6.002   3.722   0.35 13.06 ? 148 LEU A CD2 1 
ATOM   480  N  N   . LEU A 1 149 ? -8.350  10.647  4.613   1.00 12.35 ? 149 LEU A N   1 
ATOM   481  C  CA  . LEU A 1 149 ? -8.385  12.117  4.622   1.00 13.47 ? 149 LEU A CA  1 
ATOM   482  C  C   . LEU A 1 149 ? -7.838  12.668  3.305   1.00 12.17 ? 149 LEU A C   1 
ATOM   483  O  O   . LEU A 1 149 ? -6.743  12.305  2.884   1.00 12.80 ? 149 LEU A O   1 
ATOM   484  C  CB  . LEU A 1 149 ? -7.526  12.648  5.766   1.00 15.63 ? 149 LEU A CB  1 
ATOM   485  C  CG  . LEU A 1 149 ? -7.903  12.224  7.182   1.00 16.47 ? 149 LEU A CG  1 
ATOM   486  C  CD1 . LEU A 1 149 ? -6.823  12.700  8.193   1.00 16.71 ? 149 LEU A CD1 1 
ATOM   487  C  CD2 . LEU A 1 149 ? -9.277  12.769  7.537   1.00 18.12 ? 149 LEU A CD2 1 
ATOM   488  N  N   . THR A 1 150 ? -8.597  13.537  2.653   1.00 11.52 ? 150 THR A N   1 
ATOM   489  C  CA  . THR A 1 150 ? -8.090  14.280  1.481   1.00 11.84 ? 150 THR A CA  1 
ATOM   490  C  C   . THR A 1 150 ? -6.728  14.939  1.773   1.00 13.27 ? 150 THR A C   1 
ATOM   491  O  O   . THR A 1 150 ? -5.862  14.983  0.917   1.00 14.15 ? 150 THR A O   1 
ATOM   492  C  CB  . THR A 1 150 ? -9.113  15.361  1.007   1.00 15.37 ? 150 THR A CB  1 
ATOM   493  O  OG1 . THR A 1 150 ? -9.334  16.301  2.043   1.00 21.51 ? 150 THR A OG1 1 
ATOM   494  C  CG2 . THR A 1 150 ? -10.427 14.743  0.649   1.00 15.17 ? 150 THR A CG2 1 
ATOM   495  N  N   . THR A 1 151 ? -6.554  15.415  3.008   1.00 13.24 ? 151 THR A N   1 
ATOM   496  C  CA  . THR A 1 151 ? -5.354  16.127  3.418   1.00 12.62 ? 151 THR A CA  1 
ATOM   497  C  C   . THR A 1 151 ? -4.141  15.226  3.709   1.00 12.78 ? 151 THR A C   1 
ATOM   498  O  O   . THR A 1 151 ? -3.047  15.733  3.953   1.00 13.67 ? 151 THR A O   1 
ATOM   499  C  CB  . THR A 1 151 ? -5.630  16.982  4.664   1.00 13.55 ? 151 THR A CB  1 
ATOM   500  O  OG1 . THR A 1 151 ? -6.234  16.170  5.695   1.00 12.56 ? 151 THR A OG1 1 
ATOM   501  C  CG2 . THR A 1 151 ? -6.544  18.127  4.313   1.00 14.64 ? 151 THR A CG2 1 
ATOM   502  N  N   . THR A 1 152 ? -4.322  13.906  3.673   1.00 12.35 ? 152 THR A N   1 
ATOM   503  C  CA  . THR A 1 152 ? -3.181  12.998  3.820   1.00 11.53 ? 152 THR A CA  1 
ATOM   504  C  C   . THR A 1 152 ? -2.820  12.287  2.523   1.00 13.00 ? 152 THR A C   1 
ATOM   505  O  O   . THR A 1 152 ? -1.822  11.580  2.475   1.00 11.37 ? 152 THR A O   1 
ATOM   506  C  CB  . THR A 1 152 ? -3.437  11.952  4.908   1.00 11.02 ? 152 THR A CB  1 
ATOM   507  O  OG1 . THR A 1 152 ? -4.606  11.182  4.566   1.00 11.73 ? 152 THR A OG1 1 
ATOM   508  C  CG2 . THR A 1 152 ? -3.598  12.638  6.255   1.00 12.01 ? 152 THR A CG2 1 
ATOM   509  N  N   . MET A 1 153 ? -3.621  12.475  1.467   1.00 12.59 ? 153 MET A N   1 
ATOM   510  C  CA  . MET A 1 153 ? -3.381  11.771  0.193   1.00 12.71 ? 153 MET A CA  1 
ATOM   511  C  C   . MET A 1 153 ? -2.008  12.072  -0.394  1.00 13.66 ? 153 MET A C   1 
ATOM   512  O  O   . MET A 1 153 ? -1.373  11.182  -0.981  1.00 14.72 ? 153 MET A O   1 
ATOM   513  C  CB  . MET A 1 153 ? -4.461  12.126  -0.822  1.00 12.78 ? 153 MET A CB  1 
ATOM   514  C  CG  . MET A 1 153 ? -5.782  11.489  -0.510  1.00 15.72 ? 153 MET A CG  1 
ATOM   515  S  SD  . MET A 1 153 ? -7.118  12.106  -1.529  1.00 16.97 ? 153 MET A SD  1 
ATOM   516  C  CE  . MET A 1 153 ? -6.559  11.652  -3.176  1.00 17.19 ? 153 MET A CE  1 
ATOM   517  N  N   . MET A 1 154 ? -1.541  13.304  -0.244  1.00 16.01 ? 154 MET A N   1 
ATOM   518  C  CA  . MET A 1 154 ? -0.241  13.682  -0.829  1.00 18.12 ? 154 MET A CA  1 
ATOM   519  C  C   . MET A 1 154 ? 0.944   13.023  -0.103  1.00 15.97 ? 154 MET A C   1 
ATOM   520  O  O   . MET A 1 154 ? 2.033   12.967  -0.653  1.00 17.98 ? 154 MET A O   1 
ATOM   521  C  CB  . MET A 1 154 ? -0.076  15.197  -0.917  1.00 25.30 ? 154 MET A CB  1 
ATOM   522  C  CG  . MET A 1 154 ? -0.844  15.826  -2.108  1.00 27.82 ? 154 MET A CG  1 
ATOM   523  S  SD  . MET A 1 154 ? -0.443  15.117  -3.750  1.00 32.10 ? 154 MET A SD  1 
ATOM   524  C  CE  . MET A 1 154 ? -1.510  16.130  -4.786  1.00 31.55 ? 154 MET A CE  1 
ATOM   525  N  N   . ASN A 1 155 ? 0.730   12.495  1.109   1.00 13.76 ? 155 ASN A N   1 
ATOM   526  C  CA  . ASN A 1 155 ? 1.775   11.672  1.767   1.00 14.89 ? 155 ASN A CA  1 
ATOM   527  C  C   . ASN A 1 155 ? 2.008   10.337  1.081   1.00 14.70 ? 155 ASN A C   1 
ATOM   528  O  O   . ASN A 1 155 ? 3.045   9.667   1.314   1.00 13.69 ? 155 ASN A O   1 
ATOM   529  C  CB  . ASN A 1 155 ? 1.463   11.468  3.269   1.00 15.64 ? 155 ASN A CB  1 
ATOM   530  C  CG  . ASN A 1 155 ? 1.517   12.769  4.050   1.00 20.10 ? 155 ASN A CG  1 
ATOM   531  O  OD1 . ASN A 1 155 ? 2.308   13.658  3.730   1.00 22.93 ? 155 ASN A OD1 1 
ATOM   532  N  ND2 . ASN A 1 155 ? 0.673   12.894  5.078   1.00 21.34 ? 155 ASN A ND2 1 
ATOM   533  N  N   . MET A 1 156 ? 1.067   9.925   0.238   1.00 13.03 ? 156 MET A N   1 
ATOM   534  C  CA  . MET A 1 156 ? 1.301   8.772   -0.616  1.00 11.13 ? 156 MET A CA  1 
ATOM   535  C  C   . MET A 1 156 ? 2.422   9.109   -1.639  1.00 10.86 ? 156 MET A C   1 
ATOM   536  O  O   . MET A 1 156 ? 3.293   8.285   -1.910  1.00 11.40 ? 156 MET A O   1 
ATOM   537  C  CB  . MET A 1 156 ? 0.022   8.353   -1.322  1.00 11.23 ? 156 MET A CB  1 
ATOM   538  C  CG  . MET A 1 156 ? -1.040  7.825   -0.393  1.00 11.79 ? 156 MET A CG  1 
ATOM   539  S  SD  . MET A 1 156 ? -2.626  7.629   -1.202  1.00 13.86 ? 156 MET A SD  1 
ATOM   540  C  CE  . MET A 1 156 ? -3.315  6.246   -0.276  1.00 13.27 ? 156 MET A CE  1 
ATOM   541  N  N   . LYS A 1 157 ? 2.367   10.310  -2.212  1.00 12.75 ? 157 LYS A N   1 
ATOM   542  C  CA  . LYS A 1 157 ? 3.439   10.774  -3.110  1.00 13.50 ? 157 LYS A CA  1 
ATOM   543  C  C   . LYS A 1 157 ? 4.779   10.893  -2.354  1.00 13.36 ? 157 LYS A C   1 
ATOM   544  O  O   . LYS A 1 157 ? 5.830   10.492  -2.873  1.00 12.04 ? 157 LYS A O   1 
ATOM   545  C  CB  . LYS A 1 157 ? 3.073   12.102  -3.784  1.00 16.16 ? 157 LYS A CB  1 
ATOM   546  C  CG  . LYS A 1 157 ? 4.061   12.499  -4.917  1.00 17.54 ? 157 LYS A CG  1 
ATOM   547  C  CD  . LYS A 1 157 ? 3.833   13.909  -5.431  1.00 20.45 ? 157 LYS A CD  1 
ATOM   548  C  CE  . LYS A 1 157 ? 5.014   14.389  -6.304  1.00 22.17 ? 157 LYS A CE  1 
ATOM   549  N  NZ  . LYS A 1 157 ? 6.326   14.389  -5.552  1.00 22.62 ? 157 LYS A NZ  1 
ATOM   550  N  N   . SER A 1 158 ? 4.738   11.436  -1.133  1.00 12.15 ? 158 SER A N   1 
ATOM   551  C  CA  . SER A 1 158 ? 5.944   11.549  -0.286  1.00 12.95 ? 158 SER A CA  1 
ATOM   552  C  C   . SER A 1 158 ? 6.599   10.188  -0.056  1.00 13.33 ? 158 SER A C   1 
ATOM   553  O  O   . SER A 1 158 ? 7.830   10.064  -0.088  1.00 11.45 ? 158 SER A O   1 
ATOM   554  C  CB  . SER A 1 158 ? 5.602   12.186  1.058   1.00 17.18 ? 158 SER A CB  1 
ATOM   555  O  OG  . SER A 1 158 ? 5.091   13.484  0.866   1.00 20.19 ? 158 SER A OG  1 
ATOM   556  N  N   . THR A 1 159 ? 5.767   9.162   0.158   1.00 12.68 ? 159 THR A N   1 
ATOM   557  C  CA  . THR A 1 159 ? 6.255   7.793   0.360   1.00 11.78 ? 159 THR A CA  1 
ATOM   558  C  C   . THR A 1 159 ? 6.880   7.248   -0.909  1.00 11.20 ? 159 THR A C   1 
ATOM   559  O  O   . THR A 1 159 ? 7.947   6.644   -0.870  1.00 9.64  ? 159 THR A O   1 
ATOM   560  C  CB  . THR A 1 159 ? 5.125   6.876   0.852   1.00 12.06 ? 159 THR A CB  1 
ATOM   561  O  OG1 . THR A 1 159 ? 4.610   7.409   2.075   1.00 14.20 ? 159 THR A OG1 1 
ATOM   562  C  CG2 . THR A 1 159 ? 5.614   5.453   1.091   1.00 13.85 ? 159 THR A CG2 1 
ATOM   563  N  N   . ILE A 1 160 ? 6.220   7.480   -2.043  1.00 9.99  ? 160 ILE A N   1 
ATOM   564  C  CA  . ILE A 1 160 ? 6.765   7.067   -3.331  1.00 12.12 ? 160 ILE A CA  1 
ATOM   565  C  C   . ILE A 1 160 ? 8.124   7.739   -3.563  1.00 11.13 ? 160 ILE A C   1 
ATOM   566  O  O   . ILE A 1 160 ? 9.092   7.070   -3.961  1.00 11.22 ? 160 ILE A O   1 
ATOM   567  C  CB  . ILE A 1 160 ? 5.773   7.362   -4.483  1.00 14.03 ? 160 ILE A CB  1 
ATOM   568  C  CG1 . ILE A 1 160 ? 4.611   6.369   -4.418  1.00 12.85 ? 160 ILE A CG1 1 
ATOM   569  C  CG2 . ILE A 1 160 ? 6.467   7.291   -5.853  1.00 15.25 ? 160 ILE A CG2 1 
ATOM   570  C  CD1 . ILE A 1 160 ? 3.425   6.725   -5.308  1.00 15.16 ? 160 ILE A CD1 1 
ATOM   571  N  N   . ASP A 1 161 ? 8.203   9.038   -3.276  1.00 12.71 ? 161 ASP A N   1 
ATOM   572  C  CA  . ASP A 1 161 ? 9.476   9.776   -3.385  1.00 13.32 ? 161 ASP A CA  1 
ATOM   573  C  C   . ASP A 1 161 ? 10.558  9.209   -2.484  1.00 12.16 ? 161 ASP A C   1 
ATOM   574  O  O   . ASP A 1 161 ? 11.747  9.167   -2.876  1.00 11.35 ? 161 ASP A O   1 
ATOM   575  C  CB  . ASP A 1 161 ? 9.263   11.256  -3.063  1.00 14.60 ? 161 ASP A CB  1 
ATOM   576  C  CG  . ASP A 1 161 ? 8.449   11.975  -4.137  1.00 19.56 ? 161 ASP A CG  1 
ATOM   577  O  OD1 . ASP A 1 161 ? 8.403   11.485  -5.297  1.00 21.25 ? 161 ASP A OD1 1 
ATOM   578  O  OD2 . ASP A 1 161 ? 7.842   13.023  -3.816  1.00 23.64 ? 161 ASP A OD2 1 
ATOM   579  N  N   . ALA A 1 162 ? 10.172  8.788   -1.279  1.00 11.43 ? 162 ALA A N   1 
ATOM   580  C  CA  . ALA A 1 162 ? 11.130  8.203   -0.334  1.00 11.12 ? 162 ALA A CA  1 
ATOM   581  C  C   . ALA A 1 162 ? 11.629  6.876   -0.870  1.00 10.31 ? 162 ALA A C   1 
ATOM   582  O  O   . ALA A 1 162 ? 12.817  6.555   -0.731  1.00 10.74 ? 162 ALA A O   1 
ATOM   583  C  CB  . ALA A 1 162 ? 10.493  8.007   1.047   1.00 11.66 ? 162 ALA A CB  1 
ATOM   584  N  N   . LEU A 1 163 ? 10.725  6.103   -1.468  1.00 8.53  ? 163 LEU A N   1 
ATOM   585  C  CA  . LEU A 1 163 ? 11.098  4.800   -2.089  1.00 8.23  ? 163 LEU A CA  1 
ATOM   586  C  C   . LEU A 1 163 ? 12.097  5.018   -3.258  1.00 10.84 ? 163 LEU A C   1 
ATOM   587  O  O   . LEU A 1 163 ? 13.067  4.266   -3.399  1.00 11.24 ? 163 LEU A O   1 
ATOM   588  C  CB  . LEU A 1 163 ? 9.859   4.042   -2.568  1.00 11.39 ? 163 LEU A CB  1 
ATOM   589  C  CG  . LEU A 1 163 ? 8.994   3.421   -1.465  1.00 11.82 ? 163 LEU A CG  1 
ATOM   590  C  CD1 . LEU A 1 163 ? 7.632   2.925   -2.016  1.00 13.10 ? 163 LEU A CD1 1 
ATOM   591  C  CD2 . LEU A 1 163 ? 9.741   2.284   -0.791  1.00 12.29 ? 163 LEU A CD2 1 
ATOM   592  N  N   . ILE A 1 164 ? 11.849  6.051   -4.062  1.00 9.99  ? 164 ILE A N   1 
ATOM   593  C  CA  . ILE A 1 164 ? 12.761  6.443   -5.143  1.00 10.77 ? 164 ILE A CA  1 
ATOM   594  C  C   . ILE A 1 164 ? 14.147  6.832   -4.596  1.00 10.94 ? 164 ILE A C   1 
ATOM   595  O  O   . ILE A 1 164 ? 15.169  6.329   -5.078  1.00 12.76 ? 164 ILE A O   1 
ATOM   596  C  CB  . ILE A 1 164 ? 12.152  7.589   -6.017  1.00 11.76 ? 164 ILE A CB  1 
ATOM   597  C  CG1 . ILE A 1 164 ? 10.966  7.031   -6.828  1.00 13.22 ? 164 ILE A CG1 1 
ATOM   598  C  CG2 . ILE A 1 164 ? 13.209  8.205   -6.953  1.00 13.41 ? 164 ILE A CG2 1 
ATOM   599  C  CD1 . ILE A 1 164 ? 10.078  8.085   -7.454  1.00 13.33 ? 164 ILE A CD1 1 
ATOM   600  N  N   . ALA A 1 165 ? 14.176  7.721   -3.595  1.00 10.91 ? 165 ALA A N   1 
ATOM   601  C  CA  . ALA A 1 165 ? 15.439  8.161   -2.978  1.00 11.89 ? 165 ALA A CA  1 
ATOM   602  C  C   . ALA A 1 165 ? 16.244  6.996   -2.365  1.00 11.43 ? 165 ALA A C   1 
ATOM   603  O  O   . ALA A 1 165 ? 17.461  6.990   -2.421  1.00 12.40 ? 165 ALA A O   1 
ATOM   604  C  CB  . ALA A 1 165 ? 15.172  9.216   -1.922  1.00 13.35 ? 165 ALA A CB  1 
ATOM   605  N  N   . ALA A 1 166 ? 15.546  6.006   -1.798  1.00 11.64 ? 166 ALA A N   1 
ATOM   606  C  CA  . ALA A 1 166 ? 16.187  4.824   -1.183  1.00 11.27 ? 166 ALA A CA  1 
ATOM   607  C  C   . ALA A 1 166 ? 16.688  3.760   -2.189  1.00 10.77 ? 166 ALA A C   1 
ATOM   608  O  O   . ALA A 1 166 ? 17.368  2.776   -1.796  1.00 11.56 ? 166 ALA A O   1 
ATOM   609  C  CB  . ALA A 1 166 ? 15.219  4.171   -0.205  1.00 12.69 ? 166 ALA A CB  1 
ATOM   610  N  N   . GLY A 1 167 ? 16.325  3.921   -3.462  1.00 12.67 ? 167 GLY A N   1 
ATOM   611  C  CA  . GLY A 1 167 ? 16.685  2.948   -4.501  1.00 12.43 ? 167 GLY A CA  1 
ATOM   612  C  C   . GLY A 1 167 ? 15.778  1.720   -4.576  1.00 13.98 ? 167 GLY A C   1 
ATOM   613  O  O   . GLY A 1 167 ? 16.143  0.705   -5.201  1.00 13.87 ? 167 GLY A O   1 
ATOM   614  N  N   . LEU A 1 168 ? 14.600  1.812   -3.965  1.00 14.21 ? 168 LEU A N   1 
ATOM   615  C  CA  . LEU A 1 168 ? 13.693  0.668   -3.813  1.00 14.96 ? 168 LEU A CA  1 
ATOM   616  C  C   . LEU A 1 168 ? 12.494  0.667   -4.749  1.00 15.57 ? 168 LEU A C   1 
ATOM   617  O  O   . LEU A 1 168 ? 11.772  -0.318  -4.794  1.00 14.80 ? 168 LEU A O   1 
ATOM   618  C  CB  . LEU A 1 168 ? 13.156  0.611   -2.377  1.00 14.93 ? 168 LEU A CB  1 
ATOM   619  C  CG  . LEU A 1 168 ? 14.169  0.499   -1.247  1.00 16.36 ? 168 LEU A CG  1 
ATOM   620  C  CD1 . LEU A 1 168 ? 13.449  0.566   0.088   1.00 17.25 ? 168 LEU A CD1 1 
ATOM   621  C  CD2 . LEU A 1 168 ? 14.969  -0.772  -1.373  1.00 15.44 ? 168 LEU A CD2 1 
ATOM   622  N  N   . ARG A 1 169 ? 12.272  1.758   -5.482  1.00 15.85 ? 169 ARG A N   1 
ATOM   623  C  CA  . ARG A 1 169 ? 11.005  1.926   -6.209  1.00 16.91 ? 169 ARG A CA  1 
ATOM   624  C  C   . ARG A 1 169 ? 10.782  0.848   -7.261  1.00 16.71 ? 169 ARG A C   1 
ATOM   625  O  O   . ARG A 1 169 ? 9.654   0.410   -7.476  1.00 17.11 ? 169 ARG A O   1 
ATOM   626  C  CB  . ARG A 1 169 ? 10.928  3.310   -6.859  1.00 17.45 ? 169 ARG A CB  1 
ATOM   627  C  CG  . ARG A 1 169 ? 9.597   3.603   -7.575  1.00 16.50 ? 169 ARG A CG  1 
ATOM   628  C  CD  . ARG A 1 169 ? 8.394   3.565   -6.621  1.00 17.50 ? 169 ARG A CD  1 
ATOM   629  N  NE  . ARG A 1 169 ? 7.126   3.715   -7.350  1.00 17.04 ? 169 ARG A NE  1 
ATOM   630  C  CZ  . ARG A 1 169 ? 6.431   2.714   -7.893  1.00 15.98 ? 169 ARG A CZ  1 
ATOM   631  N  NH1 . ARG A 1 169 ? 6.851   1.442   -7.810  1.00 13.81 ? 169 ARG A NH1 1 
ATOM   632  N  NH2 . ARG A 1 169 ? 5.301   2.990   -8.534  1.00 17.31 ? 169 ARG A NH2 1 
ATOM   633  N  N   . ASP A 1 170 ? 11.852  0.409   -7.917  1.00 18.92 ? 170 ASP A N   1 
ATOM   634  C  CA  . ASP A 1 170 ? 11.721  -0.626  -8.958  1.00 20.78 ? 170 ASP A CA  1 
ATOM   635  C  C   . ASP A 1 170 ? 11.592  -2.049  -8.395  1.00 20.98 ? 170 ASP A C   1 
ATOM   636  O  O   . ASP A 1 170 ? 11.294  -2.992  -9.147  1.00 21.05 ? 170 ASP A O   1 
ATOM   637  C  CB  . ASP A 1 170 ? 12.890  -0.544  -9.936  1.00 24.76 ? 170 ASP A CB  1 
ATOM   638  C  CG  . ASP A 1 170 ? 12.907  0.767   -10.713 1.00 29.52 ? 170 ASP A CG  1 
ATOM   639  O  OD1 . ASP A 1 170 ? 11.810  1.228   -11.159 1.00 30.83 ? 170 ASP A OD1 1 
ATOM   640  O  OD2 . ASP A 1 170 ? 14.009  1.342   -10.881 1.00 33.37 ? 170 ASP A OD2 1 
ATOM   641  N  N   . ARG A 1 171 ? 11.812  -2.204  -7.089  1.00 18.96 ? 171 ARG A N   1 
ATOM   642  C  CA  . ARG A 1 171 ? 11.692  -3.514  -6.434  1.00 20.28 ? 171 ARG A CA  1 
ATOM   643  C  C   . ARG A 1 171 ? 10.282  -3.808  -5.938  1.00 19.57 ? 171 ARG A C   1 
ATOM   644  O  O   . ARG A 1 171 ? 9.994   -4.939  -5.535  1.00 20.28 ? 171 ARG A O   1 
ATOM   645  C  CB  . ARG A 1 171 ? 12.659  -3.612  -5.249  1.00 22.91 ? 171 ARG A CB  1 
ATOM   646  N  N   . VAL A 1 172 ? 9.410   -2.801  -5.937  1.00 16.81 ? 172 VAL A N   1 
ATOM   647  C  CA  . VAL A 1 172 ? 8.050   -2.984  -5.429  1.00 16.87 ? 172 VAL A CA  1 
ATOM   648  C  C   . VAL A 1 172 ? 7.013   -2.396  -6.356  1.00 18.04 ? 172 VAL A C   1 
ATOM   649  O  O   . VAL A 1 172 ? 7.283   -1.440  -7.086  1.00 17.17 ? 172 VAL A O   1 
ATOM   650  C  CB  . VAL A 1 172 ? 7.851   -2.357  -4.027  1.00 18.64 ? 172 VAL A CB  1 
ATOM   651  C  CG1 . VAL A 1 172 ? 8.555   -3.157  -2.995  1.00 18.84 ? 172 VAL A CG1 1 
ATOM   652  C  CG2 . VAL A 1 172 ? 8.310   -0.886  -3.992  1.00 18.07 ? 172 VAL A CG2 1 
ATOM   653  N  N   . LYS A 1 173 ? 5.818   -2.980  -6.314  1.00 16.11 ? 173 LYS A N   1 
ATOM   654  C  CA  . LYS A 1 173 ? 4.651   -2.395  -6.945  1.00 14.43 ? 173 LYS A CA  1 
ATOM   655  C  C   . LYS A 1 173 ? 3.898   -1.656  -5.854  1.00 12.89 ? 173 LYS A C   1 
ATOM   656  O  O   . LYS A 1 173 ? 3.756   -2.183  -4.740  1.00 15.56 ? 173 LYS A O   1 
ATOM   657  C  CB  . LYS A 1 173 ? 3.769   -3.476  -7.557  1.00 16.51 ? 173 LYS A CB  1 
ATOM   658  C  CG  . LYS A 1 173 ? 4.467   -4.309  -8.652  1.00 17.87 ? 173 LYS A CG  1 
ATOM   659  C  CD  . LYS A 1 173 ? 4.828   -3.461  -9.865  1.00 21.52 ? 173 LYS A CD  1 
ATOM   660  C  CE  . LYS A 1 173 ? 5.532   -4.294  -10.945 1.00 22.17 ? 173 LYS A CE  1 
ATOM   661  N  NZ  . LYS A 1 173 ? 4.623   -5.322  -11.507 1.00 27.59 ? 173 LYS A NZ  1 
ATOM   662  N  N   . VAL A 1 174 ? 3.449   -0.448  -6.151  1.00 12.64 ? 174 VAL A N   1 
ATOM   663  C  CA  . VAL A 1 174 ? 2.760   0.412   -5.159  1.00 11.71 ? 174 VAL A CA  1 
ATOM   664  C  C   . VAL A 1 174 ? 1.297   0.515   -5.488  1.00 12.07 ? 174 VAL A C   1 
ATOM   665  O  O   . VAL A 1 174 ? 0.938   0.919   -6.584  1.00 13.89 ? 174 VAL A O   1 
ATOM   666  C  CB  . VAL A 1 174 ? 3.351   1.824   -5.128  1.00 11.85 ? 174 VAL A CB  1 
ATOM   667  C  CG1 . VAL A 1 174 ? 2.550   2.771   -4.147  1.00 13.39 ? 174 VAL A CG1 1 
ATOM   668  C  CG2 . VAL A 1 174 ? 4.835   1.774   -4.768  1.00 11.38 ? 174 VAL A CG2 1 
ATOM   669  N  N   . ILE A 1 175 ? 0.449   0.166   -4.527  1.00 12.85 ? 175 ILE A N   1 
ATOM   670  C  CA  . ILE A 1 175 ? -1.000  0.275   -4.704  1.00 12.69 ? 175 ILE A CA  1 
ATOM   671  C  C   . ILE A 1 175 ? -1.558  1.257   -3.667  1.00 12.53 ? 175 ILE A C   1 
ATOM   672  O  O   . ILE A 1 175 ? -1.052  1.348   -2.573  1.00 10.94 ? 175 ILE A O   1 
ATOM   673  C  CB  A ILE A 1 175 ? -1.716  -1.084  -4.685  0.65 14.25 ? 175 ILE A CB  1 
ATOM   674  C  CB  B ILE A 1 175 ? -1.723  -1.137  -4.609  0.35 13.20 ? 175 ILE A CB  1 
ATOM   675  C  CG1 A ILE A 1 175 ? -1.532  -1.825  -3.359  0.65 14.54 ? 175 ILE A CG1 1 
ATOM   676  C  CG1 B ILE A 1 175 ? -3.255  -0.988  -4.474  0.35 12.91 ? 175 ILE A CG1 1 
ATOM   677  C  CG2 A ILE A 1 175 ? -1.221  -1.939  -5.826  0.65 15.13 ? 175 ILE A CG2 1 
ATOM   678  C  CG2 B ILE A 1 175 ? -1.177  -1.979  -3.437  0.35 13.45 ? 175 ILE A CG2 1 
ATOM   679  C  CD1 A ILE A 1 175 ? -2.522  -2.923  -3.161  0.65 14.92 ? 175 ILE A CD1 1 
ATOM   680  C  CD1 B ILE A 1 175 ? -4.012  -2.318  -4.436  0.35 13.17 ? 175 ILE A CD1 1 
ATOM   681  N  N   . VAL A 1 176 ? -2.592  1.994   -4.050  1.00 9.38  ? 176 VAL A N   1 
ATOM   682  C  CA  . VAL A 1 176 ? -3.235  2.957   -3.157  1.00 9.73  ? 176 VAL A CA  1 
ATOM   683  C  C   . VAL A 1 176 ? -4.755  2.728   -3.123  1.00 11.10 ? 176 VAL A C   1 
ATOM   684  O  O   . VAL A 1 176 ? -5.353  2.256   -4.109  1.00 11.40 ? 176 VAL A O   1 
ATOM   685  C  CB  . VAL A 1 176 ? -2.874  4.416   -3.561  1.00 12.55 ? 176 VAL A CB  1 
ATOM   686  C  CG1 . VAL A 1 176 ? -1.340  4.587   -3.533  1.00 11.74 ? 176 VAL A CG1 1 
ATOM   687  C  CG2 . VAL A 1 176 ? -3.467  4.775   -4.961  1.00 11.89 ? 176 VAL A CG2 1 
ATOM   688  N  N   . GLY A 1 177 ? -5.361  3.023   -1.966  1.00 10.82 ? 177 GLY A N   1 
ATOM   689  C  CA  . GLY A 1 177 ? -6.794  2.963   -1.813  1.00 10.48 ? 177 GLY A CA  1 
ATOM   690  C  C   . GLY A 1 177 ? -7.295  3.822   -0.679  1.00 8.99  ? 177 GLY A C   1 
ATOM   691  O  O   . GLY A 1 177 ? -6.501  4.481   0.046   1.00 9.08  ? 177 GLY A O   1 
ATOM   692  N  N   . GLY A 1 178 ? -8.624  3.810   -0.507  1.00 9.06  ? 178 GLY A N   1 
ATOM   693  C  CA  . GLY A 1 178 ? -9.298  4.673   0.431   1.00 8.20  ? 178 GLY A CA  1 
ATOM   694  C  C   . GLY A 1 178 ? -10.444 5.348   -0.270  1.00 9.49  ? 178 GLY A C   1 
ATOM   695  O  O   . GLY A 1 178 ? -10.397 5.561   -1.492  1.00 9.10  ? 178 GLY A O   1 
ATOM   696  N  N   . ALA A 1 179 ? -11.478 5.688   0.490   1.00 9.63  ? 179 ALA A N   1 
ATOM   697  C  CA  . ALA A 1 179 ? -12.652 6.389   -0.061  1.00 11.37 ? 179 ALA A CA  1 
ATOM   698  C  C   . ALA A 1 179 ? -12.336 7.582   -1.019  1.00 9.73  ? 179 ALA A C   1 
ATOM   699  O  O   . ALA A 1 179 ? -12.974 7.685   -2.089  1.00 11.55 ? 179 ALA A O   1 
ATOM   700  C  CB  . ALA A 1 179 ? -13.577 6.835   1.066   1.00 12.15 ? 179 ALA A CB  1 
ATOM   701  N  N   . PRO A 1 180 ? -11.388 8.487   -0.639  1.00 8.33  ? 180 PRO A N   1 
ATOM   702  C  CA  . PRO A 1 180 ? -11.092 9.627   -1.551  1.00 11.05 ? 180 PRO A CA  1 
ATOM   703  C  C   . PRO A 1 180 ? -10.151 9.298   -2.723  1.00 12.29 ? 180 PRO A C   1 
ATOM   704  O  O   . PRO A 1 180 ? -9.943  10.148  -3.618  1.00 13.88 ? 180 PRO A O   1 
ATOM   705  C  CB  . PRO A 1 180 ? -10.448 10.656  -0.628  1.00 11.21 ? 180 PRO A CB  1 
ATOM   706  C  CG  . PRO A 1 180 ? -9.809  9.866   0.464   1.00 12.72 ? 180 PRO A CG  1 
ATOM   707  C  CD  . PRO A 1 180 ? -10.583 8.562   0.598   1.00 10.88 ? 180 PRO A CD  1 
ATOM   708  N  N   . LEU A 1 181 ? -9.577  8.100   -2.721  1.00 10.89 ? 181 LEU A N   1 
ATOM   709  C  CA  . LEU A 1 181 ? -8.674  7.684   -3.821  1.00 11.83 ? 181 LEU A CA  1 
ATOM   710  C  C   . LEU A 1 181 ? -9.389  7.393   -5.148  1.00 14.26 ? 181 LEU A C   1 
ATOM   711  O  O   . LEU A 1 181 ? -10.586 7.120   -5.197  1.00 11.30 ? 181 LEU A O   1 
ATOM   712  C  CB  . LEU A 1 181 ? -7.846  6.475   -3.406  1.00 12.30 ? 181 LEU A CB  1 
ATOM   713  C  CG  . LEU A 1 181 ? -6.534  6.793   -2.686  1.00 11.93 ? 181 LEU A CG  1 
ATOM   714  C  CD1 . LEU A 1 181 ? -5.530  7.371   -3.674  1.00 12.55 ? 181 LEU A CD1 1 
ATOM   715  C  CD2 . LEU A 1 181 ? -6.730  7.696   -1.509  1.00 10.80 ? 181 LEU A CD2 1 
ATOM   716  N  N   . SER A 1 182 ? -8.607  7.442   -6.224  1.00 13.41 ? 182 SER A N   1 
ATOM   717  C  CA  . SER A 1 182 ? -9.084  7.180   -7.563  1.00 13.69 ? 182 SER A CA  1 
ATOM   718  C  C   . SER A 1 182 ? -7.901  6.755   -8.442  1.00 12.65 ? 182 SER A C   1 
ATOM   719  O  O   . SER A 1 182 ? -6.724  6.963   -8.073  1.00 12.04 ? 182 SER A O   1 
ATOM   720  C  CB  . SER A 1 182 ? -9.705  8.443   -8.157  1.00 15.17 ? 182 SER A CB  1 
ATOM   721  O  OG  . SER A 1 182 ? -8.707  9.443   -8.394  1.00 13.77 ? 182 SER A OG  1 
ATOM   722  N  N   . GLN A 1 183 ? -8.205  6.177   -9.602  1.00 14.35 ? 183 GLN A N   1 
ATOM   723  C  CA  . GLN A 1 183 ? -7.167  5.822   -10.564 1.00 14.54 ? 183 GLN A CA  1 
ATOM   724  C  C   . GLN A 1 183 ? -6.437  7.037   -11.040 1.00 13.75 ? 183 GLN A C   1 
ATOM   725  O  O   . GLN A 1 183 ? -5.227  7.003   -11.213 1.00 12.97 ? 183 GLN A O   1 
ATOM   726  C  CB  . GLN A 1 183 ? -7.755  5.081   -11.771 1.00 16.45 ? 183 GLN A CB  1 
ATOM   727  C  CG  . GLN A 1 183 ? -6.716  4.588   -12.777 1.00 17.09 ? 183 GLN A CG  1 
ATOM   728  C  CD  . GLN A 1 183 ? -5.814  3.483   -12.219 1.00 17.87 ? 183 GLN A CD  1 
ATOM   729  O  OE1 . GLN A 1 183 ? -6.294  2.477   -11.737 1.00 17.38 ? 183 GLN A OE1 1 
ATOM   730  N  NE2 . GLN A 1 183 ? -4.495  3.694   -12.279 1.00 20.86 ? 183 GLN A NE2 1 
ATOM   731  N  N   . ASP A 1 184 ? -7.171  8.131   -11.269 1.00 16.46 ? 184 ASP A N   1 
ATOM   732  C  CA  . ASP A 1 184 ? -6.544  9.383   -11.697 1.00 18.04 ? 184 ASP A CA  1 
ATOM   733  C  C   . ASP A 1 184 ? -5.493  9.880   -10.699 1.00 16.47 ? 184 ASP A C   1 
ATOM   734  O  O   . ASP A 1 184 ? -4.394  10.276  -11.105 1.00 14.81 ? 184 ASP A O   1 
ATOM   735  C  CB  . ASP A 1 184 ? -7.594  10.464  -11.944 1.00 21.95 ? 184 ASP A CB  1 
ATOM   736  C  CG  . ASP A 1 184 ? -8.253  10.334  -13.306 1.00 25.38 ? 184 ASP A CG  1 
ATOM   737  O  OD1 . ASP A 1 184 ? -8.006  9.325   -14.023 1.00 28.64 ? 184 ASP A OD1 1 
ATOM   738  O  OD2 . ASP A 1 184 ? -9.017  11.245  -13.663 1.00 30.75 ? 184 ASP A OD2 1 
ATOM   739  N  N   . PHE A 1 185 ? -5.811  9.815   -9.401  1.00 15.88 ? 185 PHE A N   1 
ATOM   740  C  CA  . PHE A 1 185 ? -4.848  10.190  -8.383  1.00 13.70 ? 185 PHE A CA  1 
ATOM   741  C  C   . PHE A 1 185 ? -3.676  9.221   -8.341  1.00 13.52 ? 185 PHE A C   1 
ATOM   742  O  O   . PHE A 1 185 ? -2.548  9.647   -8.250  1.00 12.72 ? 185 PHE A O   1 
ATOM   743  C  CB  . PHE A 1 185 ? -5.470  10.280  -6.993  1.00 15.55 ? 185 PHE A CB  1 
ATOM   744  C  CG  . PHE A 1 185 ? -4.550  10.892  -5.991  1.00 14.94 ? 185 PHE A CG  1 
ATOM   745  C  CD1 . PHE A 1 185 ? -4.351  12.279  -5.973  1.00 15.85 ? 185 PHE A CD1 1 
ATOM   746  C  CD2 . PHE A 1 185 ? -3.837  10.104  -5.088  1.00 14.48 ? 185 PHE A CD2 1 
ATOM   747  C  CE1 . PHE A 1 185 ? -3.473  12.870  -5.065  1.00 16.73 ? 185 PHE A CE1 1 
ATOM   748  C  CE2 . PHE A 1 185 ? -2.962  10.699  -4.171  1.00 14.43 ? 185 PHE A CE2 1 
ATOM   749  C  CZ  . PHE A 1 185 ? -2.784  12.083  -4.163  1.00 16.10 ? 185 PHE A CZ  1 
ATOM   750  N  N   . ALA A 1 186 ? -3.959  7.917   -8.430  1.00 12.81 ? 186 ALA A N   1 
ATOM   751  C  CA  . ALA A 1 186 ? -2.907  6.920   -8.444  1.00 12.38 ? 186 ALA A CA  1 
ATOM   752  C  C   . ALA A 1 186 ? -1.919  7.228   -9.582  1.00 13.10 ? 186 ALA A C   1 
ATOM   753  O  O   . ALA A 1 186 ? -0.707  7.190   -9.399  1.00 15.32 ? 186 ALA A O   1 
ATOM   754  C  CB  . ALA A 1 186 ? -3.486  5.538   -8.609  1.00 14.84 ? 186 ALA A CB  1 
ATOM   755  N  N   . ASP A 1 187 ? -2.460  7.553   -10.755 1.00 12.97 ? 187 ASP A N   1 
ATOM   756  C  CA  . ASP A 1 187 ? -1.625  7.937   -11.906 1.00 17.18 ? 187 ASP A CA  1 
ATOM   757  C  C   . ASP A 1 187 ? -0.816  9.204   -11.634 1.00 16.35 ? 187 ASP A C   1 
ATOM   758  O  O   . ASP A 1 187 ? 0.378   9.287   -11.977 1.00 18.19 ? 187 ASP A O   1 
ATOM   759  C  CB  . ASP A 1 187 ? -2.486  8.142   -13.159 1.00 17.59 ? 187 ASP A CB  1 
ATOM   760  C  CG  . ASP A 1 187 ? -3.107  6.849   -13.679 1.00 21.49 ? 187 ASP A CG  1 
ATOM   761  O  OD1 . ASP A 1 187 ? -2.768  5.755   -13.191 1.00 22.99 ? 187 ASP A OD1 1 
ATOM   762  O  OD2 . ASP A 1 187 ? -3.953  6.942   -14.591 1.00 24.56 ? 187 ASP A OD2 1 
ATOM   763  N  N   . GLU A 1 188 ? -1.457  10.191  -11.032 1.00 13.59 ? 188 GLU A N   1 
ATOM   764  C  CA  . GLU A 1 188 ? -0.830  11.480  -10.772 1.00 16.73 ? 188 GLU A CA  1 
ATOM   765  C  C   . GLU A 1 188 ? 0.440   11.355  -9.928  1.00 17.33 ? 188 GLU A C   1 
ATOM   766  O  O   . GLU A 1 188 ? 1.428   12.016  -10.213 1.00 15.23 ? 188 GLU A O   1 
ATOM   767  C  CB  . GLU A 1 188 ? -1.818  12.410  -10.089 1.00 17.84 ? 188 GLU A CB  1 
ATOM   768  C  CG  . GLU A 1 188 ? -1.330  13.825  -9.882  1.00 20.28 ? 188 GLU A CG  1 
ATOM   769  C  CD  . GLU A 1 188 ? -2.315  14.657  -9.103  1.00 23.67 ? 188 GLU A CD  1 
ATOM   770  O  OE1 . GLU A 1 188 ? -3.531  14.477  -9.306  1.00 26.54 ? 188 GLU A OE1 1 
ATOM   771  O  OE2 . GLU A 1 188 ? -1.872  15.492  -8.277  1.00 28.38 ? 188 GLU A OE2 1 
ATOM   772  N  N   . ILE A 1 189 ? 0.389   10.507  -8.901  1.00 15.23 ? 189 ILE A N   1 
ATOM   773  C  CA  . ILE A 1 189 ? 1.501   10.362  -7.942  1.00 14.77 ? 189 ILE A CA  1 
ATOM   774  C  C   . ILE A 1 189 ? 2.515   9.275   -8.331  1.00 15.45 ? 189 ILE A C   1 
ATOM   775  O  O   . ILE A 1 189 ? 3.547   9.102   -7.650  1.00 16.30 ? 189 ILE A O   1 
ATOM   776  C  CB  . ILE A 1 189 ? 0.983   10.098  -6.494  1.00 14.66 ? 189 ILE A CB  1 
ATOM   777  C  CG1 . ILE A 1 189 ? 0.331   8.706   -6.369  1.00 14.55 ? 189 ILE A CG1 1 
ATOM   778  C  CG2 . ILE A 1 189 ? -0.008  11.204  -6.077  1.00 15.11 ? 189 ILE A CG2 1 
ATOM   779  C  CD1 . ILE A 1 189 ? -0.070  8.349   -4.964  1.00 14.49 ? 189 ILE A CD1 1 
ATOM   780  N  N   . GLY A 1 190 ? 2.222   8.539   -9.397  1.00 16.45 ? 190 GLY A N   1 
ATOM   781  C  CA  . GLY A 1 190 ? 3.132   7.502   -9.896  1.00 17.47 ? 190 GLY A CA  1 
ATOM   782  C  C   . GLY A 1 190 ? 2.998   6.140   -9.222  1.00 17.78 ? 190 GLY A C   1 
ATOM   783  O  O   . GLY A 1 190 ? 3.960   5.367   -9.186  1.00 19.50 ? 190 GLY A O   1 
ATOM   784  N  N   . ALA A 1 191 ? 1.813   5.824   -8.699  1.00 14.96 ? 191 ALA A N   1 
ATOM   785  C  CA  . ALA A 1 191 ? 1.555   4.505   -8.149  1.00 15.13 ? 191 ALA A CA  1 
ATOM   786  C  C   . ALA A 1 191 ? 1.300   3.511   -9.288  1.00 14.68 ? 191 ALA A C   1 
ATOM   787  O  O   . ALA A 1 191 ? 0.975   3.912   -10.425 1.00 14.16 ? 191 ALA A O   1 
ATOM   788  C  CB  . ALA A 1 191 ? 0.367   4.542   -7.201  1.00 15.46 ? 191 ALA A CB  1 
ATOM   789  N  N   . ASP A 1 192 ? 1.442   2.231   -8.989  1.00 14.30 ? 192 ASP A N   1 
ATOM   790  C  CA  . ASP A 1 192 ? 1.248   1.176   -9.997  1.00 15.33 ? 192 ASP A CA  1 
ATOM   791  C  C   . ASP A 1 192 ? -0.193  0.736   -10.101 1.00 15.56 ? 192 ASP A C   1 
ATOM   792  O  O   . ASP A 1 192 ? -0.573  0.115   -11.089 1.00 15.99 ? 192 ASP A O   1 
ATOM   793  C  CB  . ASP A 1 192 ? 2.124   -0.012  -9.693  1.00 16.42 ? 192 ASP A CB  1 
ATOM   794  C  CG  . ASP A 1 192 ? 3.586   0.338   -9.756  1.00 20.34 ? 192 ASP A CG  1 
ATOM   795  O  OD1 . ASP A 1 192 ? 4.047   0.819   -10.824 1.00 20.84 ? 192 ASP A OD1 1 
ATOM   796  O  OD2 . ASP A 1 192 ? 4.263   0.177   -8.748  1.00 17.60 ? 192 ASP A OD2 1 
ATOM   797  N  N   . GLY A 1 193 ? -1.003  1.047   -9.080  1.00 13.34 ? 193 GLY A N   1 
ATOM   798  C  CA  . GLY A 1 193 ? -2.397  0.624   -9.087  1.00 12.16 ? 193 GLY A CA  1 
ATOM   799  C  C   . GLY A 1 193 ? -3.284  1.266   -8.028  1.00 11.66 ? 193 GLY A C   1 
ATOM   800  O  O   . GLY A 1 193 ? -2.805  1.854   -7.045  1.00 11.99 ? 193 GLY A O   1 
ATOM   801  N  N   . TYR A 1 194 ? -4.581  1.147   -8.274  1.00 10.64 ? 194 TYR A N   1 
ATOM   802  C  CA  . TYR A 1 194 ? -5.641  1.600   -7.385  1.00 11.31 ? 194 TYR A CA  1 
ATOM   803  C  C   . TYR A 1 194 ? -6.746  0.555   -7.428  1.00 12.06 ? 194 TYR A C   1 
ATOM   804  O  O   . TYR A 1 194 ? -6.996  -0.039  -8.478  1.00 12.24 ? 194 TYR A O   1 
ATOM   805  C  CB  . TYR A 1 194 ? -6.194  2.961   -7.857  1.00 13.11 ? 194 TYR A CB  1 
ATOM   806  C  CG  . TYR A 1 194 ? -7.622  3.218   -7.410  1.00 11.91 ? 194 TYR A CG  1 
ATOM   807  C  CD1 . TYR A 1 194 ? -7.896  3.668   -6.118  1.00 11.37 ? 194 TYR A CD1 1 
ATOM   808  C  CD2 . TYR A 1 194 ? -8.701  2.983   -8.271  1.00 11.99 ? 194 TYR A CD2 1 
ATOM   809  C  CE1 . TYR A 1 194 ? -9.209  3.893   -5.681  1.00 11.98 ? 194 TYR A CE1 1 
ATOM   810  C  CE2 . TYR A 1 194 ? -10.033 3.206   -7.839  1.00 11.61 ? 194 TYR A CE2 1 
ATOM   811  C  CZ  . TYR A 1 194 ? -10.266 3.671   -6.550  1.00 12.88 ? 194 TYR A CZ  1 
ATOM   812  O  OH  . TYR A 1 194 ? -11.534 3.905   -6.110  1.00 12.00 ? 194 TYR A OH  1 
ATOM   813  N  N   . ALA A 1 195 ? -7.403  0.324   -6.283  1.00 10.80 ? 195 ALA A N   1 
ATOM   814  C  CA  . ALA A 1 195 ? -8.573  -0.543  -6.212  1.00 13.59 ? 195 ALA A CA  1 
ATOM   815  C  C   . ALA A 1 195 ? -9.640  0.148   -5.352  1.00 11.97 ? 195 ALA A C   1 
ATOM   816  O  O   . ALA A 1 195 ? -9.307  0.747   -4.326  1.00 10.44 ? 195 ALA A O   1 
ATOM   817  C  CB  . ALA A 1 195 ? -8.205  -1.879  -5.621  1.00 16.26 ? 195 ALA A CB  1 
ATOM   818  N  N   . PRO A 1 196 ? -10.921 0.097   -5.791  1.00 11.98 ? 196 PRO A N   1 
ATOM   819  C  CA  . PRO A 1 196 ? -12.003 0.751   -5.042  1.00 10.73 ? 196 PRO A CA  1 
ATOM   820  C  C   . PRO A 1 196 ? -12.419 0.039   -3.762  1.00 10.65 ? 196 PRO A C   1 
ATOM   821  O  O   . PRO A 1 196 ? -13.043 0.646   -2.913  1.00 11.08 ? 196 PRO A O   1 
ATOM   822  C  CB  . PRO A 1 196 ? -13.166 0.745   -6.047  1.00 12.58 ? 196 PRO A CB  1 
ATOM   823  C  CG  . PRO A 1 196 ? -12.908 -0.489  -6.887  1.00 13.54 ? 196 PRO A CG  1 
ATOM   824  C  CD  . PRO A 1 196 ? -11.422 -0.522  -7.048  1.00 13.65 ? 196 PRO A CD  1 
ATOM   825  N  N   . ASP A 1 197 ? -12.104 -1.243  -3.629  1.00 10.16 ? 197 ASP A N   1 
ATOM   826  C  CA  . ASP A 1 197 ? -12.555 -2.008  -2.449  1.00 10.08 ? 197 ASP A CA  1 
ATOM   827  C  C   . ASP A 1 197 ? -11.643 -3.200  -2.178  1.00 9.95  ? 197 ASP A C   1 
ATOM   828  O  O   . ASP A 1 197 ? -10.715 -3.461  -2.946  1.00 11.03 ? 197 ASP A O   1 
ATOM   829  C  CB  . ASP A 1 197 ? -14.039 -2.440  -2.587  1.00 12.50 ? 197 ASP A CB  1 
ATOM   830  C  CG  . ASP A 1 197 ? -14.331 -3.239  -3.874  1.00 15.27 ? 197 ASP A CG  1 
ATOM   831  O  OD1 . ASP A 1 197 ? -13.499 -4.064  -4.315  1.00 15.48 ? 197 ASP A OD1 1 
ATOM   832  O  OD2 . ASP A 1 197 ? -15.443 -3.054  -4.430  1.00 18.04 ? 197 ASP A OD2 1 
ATOM   833  N  N   . ALA A 1 198 ? -11.910 -3.922  -1.095  1.00 11.08 ? 198 ALA A N   1 
ATOM   834  C  CA  . ALA A 1 198 ? -11.054 -5.026  -0.695  1.00 12.35 ? 198 ALA A CA  1 
ATOM   835  C  C   . ALA A 1 198 ? -11.019 -6.169  -1.732  1.00 14.17 ? 198 ALA A C   1 
ATOM   836  O  O   . ALA A 1 198 ? -9.938  -6.670  -2.062  1.00 13.27 ? 198 ALA A O   1 
ATOM   837  C  CB  . ALA A 1 198 ? -11.468 -5.552  0.632   1.00 13.31 ? 198 ALA A CB  1 
ATOM   838  N  N   . ALA A 1 199 ? -12.187 -6.566  -2.244  1.00 14.69 ? 199 ALA A N   1 
ATOM   839  C  CA  . ALA A 1 199 ? -12.244 -7.661  -3.234  1.00 15.19 ? 199 ALA A CA  1 
ATOM   840  C  C   . ALA A 1 199 ? -11.410 -7.316  -4.472  1.00 16.23 ? 199 ALA A C   1 
ATOM   841  O  O   . ALA A 1 199 ? -10.588 -8.116  -4.917  1.00 16.91 ? 199 ALA A O   1 
ATOM   842  C  CB  . ALA A 1 199 ? -13.678 -7.961  -3.625  1.00 17.30 ? 199 ALA A CB  1 
ATOM   843  N  N   . SER A 1 200 ? -11.613 -6.115  -5.010  1.00 15.22 ? 200 SER A N   1 
ATOM   844  C  CA  . SER A 1 200 ? -10.879 -5.673  -6.203  1.00 15.29 ? 200 SER A CA  1 
ATOM   845  C  C   . SER A 1 200 ? -9.373  -5.462  -5.907  1.00 14.87 ? 200 SER A C   1 
ATOM   846  O  O   . SER A 1 200 ? -8.528  -5.661  -6.785  1.00 13.12 ? 200 SER A O   1 
ATOM   847  C  CB  . SER A 1 200 ? -11.514 -4.401  -6.783  1.00 18.00 ? 200 SER A CB  1 
ATOM   848  O  OG  . SER A 1 200 ? -11.468 -3.346  -5.860  1.00 18.04 ? 200 SER A OG  1 
ATOM   849  N  N   . ALA A 1 201 ? -9.050  -5.065  -4.674  1.00 12.04 ? 201 ALA A N   1 
ATOM   850  C  CA  . ALA A 1 201 ? -7.644  -4.935  -4.243  1.00 13.44 ? 201 ALA A CA  1 
ATOM   851  C  C   . ALA A 1 201 ? -6.915  -6.283  -4.326  1.00 12.95 ? 201 ALA A C   1 
ATOM   852  O  O   . ALA A 1 201 ? -5.749  -6.341  -4.722  1.00 12.43 ? 201 ALA A O   1 
ATOM   853  C  CB  . ALA A 1 201 ? -7.563  -4.378  -2.844  1.00 13.17 ? 201 ALA A CB  1 
ATOM   854  N  N   . THR A 1 202 ? -7.603  -7.374  -3.978  1.00 11.85 ? 202 THR A N   1 
ATOM   855  C  CA  . THR A 1 202 ? -6.977  -8.707  -4.070  1.00 13.56 ? 202 THR A CA  1 
ATOM   856  C  C   . THR A 1 202 ? -6.641  -9.084  -5.522  1.00 12.29 ? 202 THR A C   1 
ATOM   857  O  O   . THR A 1 202 ? -5.535  -9.550  -5.808  1.00 14.65 ? 202 THR A O   1 
ATOM   858  C  CB  . THR A 1 202 ? -7.819  -9.815  -3.389  1.00 13.92 ? 202 THR A CB  1 
ATOM   859  O  OG1 . THR A 1 202 ? -9.046  -10.017 -4.090  1.00 14.63 ? 202 THR A OG1 1 
ATOM   860  C  CG2 . THR A 1 202 ? -8.095  -9.455  -1.940  1.00 14.15 ? 202 THR A CG2 1 
ATOM   861  N  N   . GLU A 1 203 ? -7.576  -8.842  -6.435  1.00 12.59 ? 203 GLU A N   1 
ATOM   862  C  CA  . GLU A 1 203 ? -7.343  -9.075  -7.850  1.00 14.95 ? 203 GLU A CA  1 
ATOM   863  C  C   . GLU A 1 203 ? -6.207  -8.197  -8.371  1.00 12.92 ? 203 GLU A C   1 
ATOM   864  O  O   . GLU A 1 203 ? -5.348  -8.671  -9.096  1.00 13.59 ? 203 GLU A O   1 
ATOM   865  C  CB  . GLU A 1 203 ? -8.601  -8.836  -8.666  1.00 18.19 ? 203 GLU A CB  1 
ATOM   866  C  CG  . GLU A 1 203 ? -8.425  -9.205  -10.134 1.00 20.17 ? 203 GLU A CG  1 
ATOM   867  C  CD  . GLU A 1 203 ? -9.666  -8.989  -10.935 1.00 23.90 ? 203 GLU A CD  1 
ATOM   868  O  OE1 . GLU A 1 203 ? -10.475 -8.113  -10.554 1.00 28.32 ? 203 GLU A OE1 1 
ATOM   869  O  OE2 . GLU A 1 203 ? -9.833  -9.683  -11.968 1.00 27.59 ? 203 GLU A OE2 1 
ATOM   870  N  N   . LEU A 1 204 ? -6.177  -6.924  -7.952  1.00 11.70 ? 204 LEU A N   1 
ATOM   871  C  CA  . LEU A 1 204 ? -5.128  -6.022  -8.398  1.00 12.97 ? 204 LEU A CA  1 
ATOM   872  C  C   . LEU A 1 204 ? -3.745  -6.525  -7.976  1.00 12.30 ? 204 LEU A C   1 
ATOM   873  O  O   . LEU A 1 204 ? -2.792  -6.481  -8.760  1.00 13.93 ? 204 LEU A O   1 
ATOM   874  C  CB  . LEU A 1 204 ? -5.360  -4.616  -7.843  1.00 13.60 ? 204 LEU A CB  1 
ATOM   875  C  CG  . LEU A 1 204 ? -4.290  -3.559  -8.163  1.00 14.74 ? 204 LEU A CG  1 
ATOM   876  C  CD1 . LEU A 1 204 ? -4.001  -3.438  -9.663  1.00 16.43 ? 204 LEU A CD1 1 
ATOM   877  C  CD2 . LEU A 1 204 ? -4.716  -2.197  -7.592  1.00 16.96 ? 204 LEU A CD2 1 
ATOM   878  N  N   . CYS A 1 205 ? -3.648  -7.002  -6.743  1.00 11.34 ? 205 CYS A N   1 
ATOM   879  C  CA  . CYS A 1 205 ? -2.389  -7.499  -6.215  1.00 11.24 ? 205 CYS A CA  1 
ATOM   880  C  C   . CYS A 1 205 ? -1.948  -8.724  -6.990  1.00 12.15 ? 205 CYS A C   1 
ATOM   881  O  O   . CYS A 1 205 ? -0.783  -8.863  -7.289  1.00 15.12 ? 205 CYS A O   1 
ATOM   882  C  CB  . CYS A 1 205 ? -2.498  -7.803  -4.723  1.00 12.89 ? 205 CYS A CB  1 
ATOM   883  S  SG  . CYS A 1 205 ? -2.514  -6.296  -3.742  1.00 14.10 ? 205 CYS A SG  1 
ATOM   884  N  N   . ARG A 1 206 ? -2.893  -9.598  -7.325  1.00 11.42 ? 206 ARG A N   1 
ATOM   885  C  CA  . ARG A 1 206 ? -2.567  -10.789 -8.126  1.00 14.08 ? 206 ARG A CA  1 
ATOM   886  C  C   . ARG A 1 206 ? -2.033  -10.394 -9.500  1.00 14.76 ? 206 ARG A C   1 
ATOM   887  O  O   . ARG A 1 206 ? -1.062  -10.979 -9.985  1.00 17.92 ? 206 ARG A O   1 
ATOM   888  C  CB  . ARG A 1 206 ? -3.785  -11.695 -8.255  1.00 14.33 ? 206 ARG A CB  1 
ATOM   889  C  CG  . ARG A 1 206 ? -4.149  -12.397 -6.953  1.00 13.90 ? 206 ARG A CG  1 
ATOM   890  C  CD  . ARG A 1 206 ? -5.119  -13.562 -7.163  1.00 17.09 ? 206 ARG A CD  1 
ATOM   891  N  NE  . ARG A 1 206 ? -6.333  -13.211 -7.913  1.00 19.13 ? 206 ARG A NE  1 
ATOM   892  C  CZ  . ARG A 1 206 ? -7.450  -12.688 -7.401  1.00 20.39 ? 206 ARG A CZ  1 
ATOM   893  N  NH1 . ARG A 1 206 ? -7.560  -12.394 -6.112  1.00 21.04 ? 206 ARG A NH1 1 
ATOM   894  N  NH2 . ARG A 1 206 ? -8.472  -12.417 -8.207  1.00 21.32 ? 206 ARG A NH2 1 
ATOM   895  N  N   . GLN A 1 207 ? -2.669  -9.400  -10.116 1.00 16.03 ? 207 GLN A N   1 
ATOM   896  C  CA  . GLN A 1 207 ? -2.255  -8.907  -11.447 1.00 18.51 ? 207 GLN A CA  1 
ATOM   897  C  C   . GLN A 1 207 ? -0.883  -8.261  -11.412 1.00 20.96 ? 207 GLN A C   1 
ATOM   898  O  O   . GLN A 1 207 ? -0.096  -8.414  -12.346 1.00 21.15 ? 207 GLN A O   1 
ATOM   899  C  CB  . GLN A 1 207 ? -3.254  -7.901  -11.978 1.00 17.49 ? 207 GLN A CB  1 
ATOM   900  C  CG  . GLN A 1 207 ? -4.564  -8.487  -12.374 1.00 17.79 ? 207 GLN A CG  1 
ATOM   901  C  CD  . GLN A 1 207 ? -5.620  -7.429  -12.609 1.00 19.56 ? 207 GLN A CD  1 
ATOM   902  O  OE1 . GLN A 1 207 ? -5.513  -6.294  -12.105 1.00 21.70 ? 207 GLN A OE1 1 
ATOM   903  N  NE2 . GLN A 1 207 ? -6.643  -7.780  -13.365 1.00 20.49 ? 207 GLN A NE2 1 
ATOM   904  N  N   . LEU A 1 208 ? -0.595  -7.530  -10.335 1.00 23.66 ? 208 LEU A N   1 
ATOM   905  C  CA  . LEU A 1 208 ? 0.681   -6.813  -10.217 1.00 25.64 ? 208 LEU A CA  1 
ATOM   906  C  C   . LEU A 1 208 ? 1.874   -7.741  -9.992  1.00 28.11 ? 208 LEU A C   1 
ATOM   907  O  O   . LEU A 1 208 ? 3.018   -7.320  -10.159 1.00 29.50 ? 208 LEU A O   1 
ATOM   908  C  CB  . LEU A 1 208 ? 0.610   -5.758  -9.111  1.00 24.79 ? 208 LEU A CB  1 
ATOM   909  C  CG  . LEU A 1 208 ? -0.233  -4.522  -9.456  1.00 24.18 ? 208 LEU A CG  1 
ATOM   910  C  CD1 . LEU A 1 208 ? -0.440  -3.691  -8.220  1.00 24.77 ? 208 LEU A CD1 1 
ATOM   911  C  CD2 . LEU A 1 208 ? 0.406   -3.683  -10.576 1.00 25.16 ? 208 LEU A CD2 1 
ATOM   912  N  N   . LEU A 1 209 ? 1.609   -8.990  -9.605  1.00 29.06 ? 209 LEU A N   1 
ATOM   913  C  CA  . LEU A 1 209 ? 2.656   -10.001 -9.512  1.00 30.79 ? 209 LEU A CA  1 
ATOM   914  C  C   . LEU A 1 209 ? 2.698   -10.817 -10.800 1.00 31.12 ? 209 LEU A C   1 
ATOM   915  O  O   . LEU A 1 209 ? 3.494   -11.744 -10.920 1.00 32.90 ? 209 LEU A O   1 
ATOM   916  C  CB  . LEU A 1 209 ? 2.419   -10.922 -8.318  1.00 30.84 ? 209 LEU A CB  1 
ATOM   917  C  CG  . LEU A 1 209 ? 2.331   -10.295 -6.915  1.00 33.03 ? 209 LEU A CG  1 
ATOM   918  C  CD1 . LEU A 1 209 ? 2.645   -11.347 -5.871  1.00 33.40 ? 209 LEU A CD1 1 
ATOM   919  C  CD2 . LEU A 1 209 ? 3.262   -9.105  -6.762  1.00 33.99 ? 209 LEU A CD2 1 
HETATM 920  CO CO  . B1M B 2 .   ? -12.959 10.035  10.357  1.00 14.73 ? 301 B1M A CO  1 
HETATM 921  N  N21 . B1M B 2 .   ? -13.329 11.038  8.859   1.00 12.21 ? 301 B1M A N21 1 
HETATM 922  N  N22 . B1M B 2 .   ? -11.949 11.446  11.116  1.00 12.47 ? 301 B1M A N22 1 
HETATM 923  N  N23 . B1M B 2 .   ? -12.686 8.873   11.811  1.00 11.75 ? 301 B1M A N23 1 
HETATM 924  N  N24 . B1M B 2 .   ? -14.225 8.882   9.578   1.00 12.93 ? 301 B1M A N24 1 
HETATM 925  C  C1  . B1M B 2 .   ? -14.045 10.383  7.779   1.00 14.27 ? 301 B1M A C1  1 
HETATM 926  C  C20 . B1M B 2 .   ? -13.036 9.640   6.927   1.00 13.80 ? 301 B1M A C20 1 
HETATM 927  C  C2  . B1M B 2 .   ? -14.783 11.563  7.067   1.00 14.67 ? 301 B1M A C2  1 
HETATM 928  C  C25 . B1M B 2 .   ? -15.096 11.319  5.576   1.00 14.40 ? 301 B1M A C25 1 
HETATM 929  C  C26 . B1M B 2 .   ? -16.075 12.026  7.823   1.00 17.44 ? 301 B1M A C26 1 
HETATM 930  C  C27 . B1M B 2 .   ? -16.870 13.101  7.056   1.00 22.86 ? 301 B1M A C27 1 
HETATM 931  O  O28 . B1M B 2 .   ? -17.904 12.809  6.480   1.00 27.81 ? 301 B1M A O28 1 
HETATM 932  N  N29 . B1M B 2 .   ? -16.422 14.347  7.022   1.00 25.70 ? 301 B1M A N29 1 
HETATM 933  C  C3  . B1M B 2 .   ? -13.737 12.685  7.304   1.00 11.83 ? 301 B1M A C3  1 
HETATM 934  C  C30 . B1M B 2 .   ? -12.668 12.933  6.223   1.00 12.32 ? 301 B1M A C30 1 
HETATM 935  C  C31 . B1M B 2 .   ? -13.161 13.915  5.165   1.00 14.24 ? 301 B1M A C31 1 
HETATM 936  C  C32 . B1M B 2 .   ? -12.162 14.020  4.046   1.00 18.96 ? 301 B1M A C32 1 
HETATM 937  O  O34 . B1M B 2 .   ? -12.463 13.702  2.897   1.00 25.58 ? 301 B1M A O34 1 
HETATM 938  N  N33 . B1M B 2 .   ? -10.983 14.463  4.401   1.00 16.24 ? 301 B1M A N33 1 
HETATM 939  C  C4  . B1M B 2 .   ? -13.121 12.264  8.617   1.00 12.35 ? 301 B1M A C4  1 
HETATM 940  C  C5  . B1M B 2 .   ? -12.429 13.178  9.516   1.00 11.06 ? 301 B1M A C5  1 
HETATM 941  C  C35 . B1M B 2 .   ? -12.320 14.642  9.084   1.00 11.15 ? 301 B1M A C35 1 
HETATM 942  C  C6  . B1M B 2 .   ? -11.907 12.746  10.687  1.00 12.84 ? 301 B1M A C6  1 
HETATM 943  C  C7  . B1M B 2 .   ? -11.243 13.644  11.769  1.00 14.14 ? 301 B1M A C7  1 
HETATM 944  C  C36 . B1M B 2 .   ? -10.357 14.811  11.282  1.00 15.14 ? 301 B1M A C36 1 
HETATM 945  C  C37 . B1M B 2 .   ? -12.399 14.174  12.662  1.00 12.48 ? 301 B1M A C37 1 
HETATM 946  C  C38 . B1M B 2 .   ? -11.920 15.101  13.776  1.00 13.49 ? 301 B1M A C38 1 
HETATM 947  O  O39 . B1M B 2 .   ? -11.778 16.275  13.560  1.00 15.66 ? 301 B1M A O39 1 
HETATM 948  N  N40 . B1M B 2 .   ? -11.670 14.564  14.958  1.00 14.57 ? 301 B1M A N40 1 
HETATM 949  C  C8  . B1M B 2 .   ? -10.435 12.573  12.481  1.00 13.62 ? 301 B1M A C8  1 
HETATM 950  C  C41 . B1M B 2 .   ? -9.007  12.404  11.947  1.00 13.19 ? 301 B1M A C41 1 
HETATM 951  C  C42 . B1M B 2 .   ? -8.137  11.366  12.648  1.00 14.57 ? 301 B1M A C42 1 
HETATM 952  C  C43 . B1M B 2 .   ? -6.877  11.252  11.802  1.00 14.24 ? 301 B1M A C43 1 
HETATM 953  O  O44 . B1M B 2 .   ? -5.836  11.884  12.052  1.00 15.01 ? 301 B1M A O44 1 
HETATM 954  N  N45 . B1M B 2 .   ? -6.967  10.464  10.756  1.00 12.76 ? 301 B1M A N45 1 
HETATM 955  C  C9  . B1M B 2 .   ? -11.248 11.355  12.177  1.00 13.15 ? 301 B1M A C9  1 
HETATM 956  C  C10 . B1M B 2 .   ? -11.254 10.242  13.096  1.00 13.96 ? 301 B1M A C10 1 
HETATM 957  C  C11 . B1M B 2 .   ? -11.932 9.134   12.895  1.00 13.08 ? 301 B1M A C11 1 
HETATM 958  C  C12 . B1M B 2 .   ? -11.871 7.974   13.873  1.00 14.62 ? 301 B1M A C12 1 
HETATM 959  C  C46 . B1M B 2 .   ? -10.438 7.768   14.412  1.00 15.17 ? 301 B1M A C46 1 
HETATM 960  C  C47 . B1M B 2 .   ? -12.828 8.260   14.999  1.00 15.40 ? 301 B1M A C47 1 
HETATM 961  C  C13 . B1M B 2 .   ? -12.449 6.855   13.020  1.00 12.86 ? 301 B1M A C13 1 
HETATM 962  C  C48 . B1M B 2 .   ? -11.455 5.804   12.499  1.00 14.54 ? 301 B1M A C48 1 
HETATM 963  C  C49 . B1M B 2 .   ? -11.400 4.571   13.405  1.00 15.38 ? 301 B1M A C49 1 
HETATM 964  C  C50 . B1M B 2 .   ? -10.372 3.605   12.853  1.00 16.94 ? 301 B1M A C50 1 
HETATM 965  O  O51 . B1M B 2 .   ? -10.323 3.360   11.654  1.00 15.83 ? 301 B1M A O51 1 
HETATM 966  N  N52 . B1M B 2 .   ? -9.536  3.062   13.748  1.00 18.52 ? 301 B1M A N52 1 
HETATM 967  C  C14 . B1M B 2 .   ? -13.098 7.616   11.883  1.00 12.77 ? 301 B1M A C14 1 
HETATM 968  C  C15 . B1M B 2 .   ? -14.072 6.969   10.995  1.00 10.89 ? 301 B1M A C15 1 
HETATM 969  C  C53 . B1M B 2 .   ? -14.439 5.497   11.264  1.00 11.43 ? 301 B1M A C53 1 
HETATM 970  C  C16 . B1M B 2 .   ? -14.644 7.662   9.965   1.00 12.45 ? 301 B1M A C16 1 
HETATM 971  C  C17 . B1M B 2 .   ? -15.856 7.221   9.105   1.00 12.87 ? 301 B1M A C17 1 
HETATM 972  C  C54 . B1M B 2 .   ? -17.087 7.422   10.009  1.00 13.47 ? 301 B1M A C54 1 
HETATM 973  C  C55 . B1M B 2 .   ? -15.832 5.766   8.524   1.00 13.49 ? 301 B1M A C55 1 
HETATM 974  C  C56 . B1M B 2 .   ? -14.545 5.314   7.794   1.00 10.88 ? 301 B1M A C56 1 
HETATM 975  C  C57 . B1M B 2 .   ? -14.619 3.812   7.587   1.00 13.08 ? 301 B1M A C57 1 
HETATM 976  O  O58 . B1M B 2 .   ? -14.102 3.068   8.414   1.00 14.60 ? 301 B1M A O58 1 
HETATM 977  N  N59 . B1M B 2 .   ? -15.322 3.388   6.534   1.00 12.41 ? 301 B1M A N59 1 
HETATM 978  C  C18 . B1M B 2 .   ? -15.808 8.242   7.930   1.00 15.51 ? 301 B1M A C18 1 
HETATM 979  C  C60 . B1M B 2 .   ? -17.180 8.745   7.400   1.00 18.91 ? 301 B1M A C60 1 
HETATM 980  C  C61 . B1M B 2 .   ? -17.954 7.611   6.699   1.00 20.58 ? 301 B1M A C61 1 
HETATM 981  O  O63 . B1M B 2 .   ? -18.900 7.033   7.233   1.00 22.16 ? 301 B1M A O63 1 
HETATM 982  N  N62 . B1M B 2 .   ? -17.556 7.285   5.483   1.00 22.67 ? 301 B1M A N62 1 
HETATM 983  C  C19 . B1M B 2 .   ? -14.773 9.243   8.467   1.00 14.56 ? 301 B1M A C19 1 
HETATM 984  C  C1P . B1M B 2 .   ? -15.614 1.970   6.281   1.00 14.46 ? 301 B1M A C1P 1 
HETATM 985  C  C2P . B1M B 2 .   ? -14.493 1.279   5.547   1.00 13.70 ? 301 B1M A C2P 1 
HETATM 986  C  C3P . B1M B 2 .   ? -14.821 -0.207  5.363   1.00 14.40 ? 301 B1M A C3P 1 
HETATM 987  O  O3  . B1M B 2 .   ? -14.344 1.918   4.265   1.00 11.46 ? 301 B1M A O3  1 
HETATM 988  O  O4  . B1M B 2 .   ? -12.071 2.896   4.871   1.00 12.45 ? 301 B1M A O4  1 
HETATM 989  O  O5  . B1M B 2 .   ? -13.247 3.520   2.678   1.00 11.91 ? 301 B1M A O5  1 
HETATM 990  P  P   . B1M B 2 .   ? -12.949 2.499   3.728   1.00 11.45 ? 301 B1M A P   1 
HETATM 991  O  O2  . B1M B 2 .   ? -12.218 1.244   3.021   1.00 10.76 ? 301 B1M A O2  1 
HETATM 992  C  C3R . B1M B 2 .   ? -12.670 0.554   1.855   1.00 10.82 ? 301 B1M A C3R 1 
HETATM 993  C  C2R . B1M B 2 .   ? -12.221 1.242   0.566   1.00 10.49 ? 301 B1M A C2R 1 
HETATM 994  O  O7R . B1M B 2 .   ? -11.792 2.585   0.701   1.00 8.85  ? 301 B1M A O7R 1 
HETATM 995  C  C1R . B1M B 2 .   ? -11.095 0.372   0.045   1.00 11.88 ? 301 B1M A C1R 1 
HETATM 996  O  O6R . B1M B 2 .   ? -11.460 -0.934  0.496   1.00 12.21 ? 301 B1M A O6R 1 
HETATM 997  C  C4R . B1M B 2 .   ? -11.993 -0.825  1.809   1.00 12.49 ? 301 B1M A C4R 1 
HETATM 998  C  C5R . B1M B 2 .   ? -12.897 -2.028  2.127   1.00 13.55 ? 301 B1M A C5R 1 
HETATM 999  O  O8R . B1M B 2 .   ? -13.667 -2.440  0.988   1.00 12.48 ? 301 B1M A O8R 1 
HETATM 1000 N  N1B . B1M B 2 .   ? -9.718  0.651   0.593   1.00 10.91 ? 301 B1M A N1B 1 
HETATM 1001 C  C8B . B1M B 2 .   ? -8.609  0.185   0.000   1.00 10.50 ? 301 B1M A C8B 1 
HETATM 1002 C  C2B . B1M B 2 .   ? -9.350  1.294   1.733   1.00 11.23 ? 301 B1M A C2B 1 
HETATM 1003 N  N3B . B1M B 2 .   ? -7.991  1.289   1.871   1.00 10.64 ? 301 B1M A N3B 1 
HETATM 1004 C  C9B . B1M B 2 .   ? -7.469  0.609   0.821   1.00 11.38 ? 301 B1M A C9B 1 
HETATM 1005 C  C4B . B1M B 2 .   ? -6.180  0.266   0.411   1.00 11.08 ? 301 B1M A C4B 1 
HETATM 1006 C  C5B . B1M B 2 .   ? -5.989  -0.490  -0.774  1.00 13.07 ? 301 B1M A C5B 1 
HETATM 1007 C  C6B . B1M B 2 .   ? -7.086  -0.879  -1.554  1.00 10.82 ? 301 B1M A C6B 1 
HETATM 1008 C  C7B . B1M B 2 .   ? -8.384  -0.543  -1.169  1.00 9.88  ? 301 B1M A C7B 1 
HETATM 1009 O  O5M . B1M B 2 .   ? -4.738  -0.851  -1.207  1.00 13.29 ? 301 B1M A O5M 1 
HETATM 1010 C  C5O . B1M B 2 .   ? -3.595  -0.568  -0.414  1.00 12.93 ? 301 B1M A C5O 1 
HETATM 1011 X  UNK . UNX C 3 .   ? -6.523  -10.501 -14.397 0.01 2.00  ? 601 UNX A UNK 1 
HETATM 1012 X  UNK . UNX D 3 .   ? -1.998  -11.285 -14.486 0.01 2.00  ? 602 UNX A UNK 1 
HETATM 1013 X  UNK . UNX E 3 .   ? -10.584 6.016   -10.666 0.01 2.00  ? 603 UNX A UNK 1 
HETATM 1014 X  UNK . UNX F 3 .   ? -9.998  7.789   -11.476 0.01 2.00  ? 604 UNX A UNK 1 
HETATM 1015 X  UNK . UNX G 3 .   ? 16.856  0.009   6.857   0.01 2.00  ? 605 UNX A UNK 1 
HETATM 1016 O  O   . HOH H 4 .   ? -10.529 2.921   6.981   1.00 11.92 ? 401 HOH A O   1 
HETATM 1017 O  O   . HOH H 4 .   ? -12.293 17.100  1.595   1.00 32.29 ? 402 HOH A O   1 
HETATM 1018 O  O   . HOH H 4 .   ? -7.365  -12.847 -1.853  1.00 14.98 ? 403 HOH A O   1 
HETATM 1019 O  O   . HOH H 4 .   ? 9.763   10.007  6.851   1.00 21.33 ? 404 HOH A O   1 
HETATM 1020 O  O   . HOH H 4 .   ? -4.220  14.698  10.099  1.00 12.32 ? 405 HOH A O   1 
HETATM 1021 O  O   . HOH H 4 .   ? -5.640  -12.724 -3.996  1.00 15.18 ? 406 HOH A O   1 
HETATM 1022 O  O   . HOH H 4 .   ? -4.995  0.178   -11.098 1.00 15.67 ? 407 HOH A O   1 
HETATM 1023 O  O   . HOH H 4 .   ? -6.406  4.536   14.724  1.00 17.18 ? 408 HOH A O   1 
HETATM 1024 O  O   . HOH H 4 .   ? -16.709 -0.716  -4.794  1.00 13.07 ? 409 HOH A O   1 
HETATM 1025 O  O   . HOH H 4 .   ? -8.024  2.180   6.213   1.00 13.21 ? 410 HOH A O   1 
HETATM 1026 O  O   . HOH H 4 .   ? -3.261  15.634  0.469   1.00 15.87 ? 411 HOH A O   1 
HETATM 1027 O  O   . HOH H 4 .   ? -10.165 2.317   -2.254  1.00 12.55 ? 412 HOH A O   1 
HETATM 1028 O  O   . HOH H 4 .   ? 14.045  4.651   5.974   1.00 17.68 ? 413 HOH A O   1 
HETATM 1029 O  O   . HOH H 4 .   ? 18.891  1.052   -6.091  1.00 12.39 ? 414 HOH A O   1 
HETATM 1030 O  O   . HOH H 4 .   ? -4.136  -15.063 -4.395  1.00 13.37 ? 415 HOH A O   1 
HETATM 1031 O  O   . HOH H 4 .   ? 6.892   6.069   -9.137  1.00 16.03 ? 416 HOH A O   1 
HETATM 1032 O  O   . HOH H 4 .   ? 3.276   8.027   4.574   1.00 17.78 ? 417 HOH A O   1 
HETATM 1033 O  O   . HOH H 4 .   ? -14.936 -5.770  -1.240  1.00 16.90 ? 418 HOH A O   1 
HETATM 1034 O  O   . HOH H 4 .   ? -4.378  15.574  7.405   1.00 15.63 ? 419 HOH A O   1 
HETATM 1035 O  O   . HOH H 4 .   ? -0.090  -12.520 6.704   1.00 19.18 ? 420 HOH A O   1 
HETATM 1036 O  O   . HOH H 4 .   ? 9.529   11.906  0.668   1.00 21.19 ? 421 HOH A O   1 
HETATM 1037 O  O   . HOH H 4 .   ? -12.966 3.270   -2.394  1.00 13.14 ? 422 HOH A O   1 
HETATM 1038 O  O   . HOH H 4 .   ? -13.363 3.912   -8.074  1.00 18.45 ? 423 HOH A O   1 
HETATM 1039 O  O   . HOH H 4 .   ? 0.935   -7.443  10.528  1.00 23.99 ? 424 HOH A O   1 
HETATM 1040 O  O   . HOH H 4 .   ? 7.192   -6.508  -7.221  1.00 19.92 ? 425 HOH A O   1 
HETATM 1041 O  O   . HOH H 4 .   ? -8.763  10.956  -5.918  1.00 21.62 ? 426 HOH A O   1 
HETATM 1042 O  O   . HOH H 4 .   ? 1.798   12.184  -13.074 1.00 24.77 ? 427 HOH A O   1 
HETATM 1043 O  O   . HOH H 4 .   ? 14.866  -2.180  7.569   1.00 18.85 ? 428 HOH A O   1 
HETATM 1044 O  O   . HOH H 4 .   ? -9.016  -4.944  -9.460  1.00 19.21 ? 429 HOH A O   1 
HETATM 1045 O  O   . HOH H 4 .   ? -11.662 3.832   9.213   1.00 15.55 ? 430 HOH A O   1 
HETATM 1046 O  O   . HOH H 4 .   ? -0.125  1.994   14.353  1.00 20.47 ? 431 HOH A O   1 
HETATM 1047 O  O   . HOH H 4 .   ? 16.421  -5.836  1.958   1.00 22.65 ? 432 HOH A O   1 
HETATM 1048 O  O   . HOH H 4 .   ? 8.024   -1.351  -9.772  1.00 28.87 ? 433 HOH A O   1 
HETATM 1049 O  O   . HOH H 4 .   ? 5.756   5.987   11.414  1.00 20.25 ? 434 HOH A O   1 
HETATM 1050 O  O   . HOH H 4 .   ? 0.781   -0.856  -13.301 1.00 29.24 ? 435 HOH A O   1 
HETATM 1051 O  O   . HOH H 4 .   ? 12.998  11.082  -4.356  1.00 21.08 ? 436 HOH A O   1 
HETATM 1052 O  O   . HOH H 4 .   ? 0.165   -14.161 -6.292  1.00 20.95 ? 437 HOH A O   1 
HETATM 1053 O  O   . HOH H 4 .   ? 1.883   -16.390 4.834   1.00 26.22 ? 438 HOH A O   1 
HETATM 1054 O  O   . HOH H 4 .   ? -3.807  -0.363  11.857  1.00 18.37 ? 439 HOH A O   1 
HETATM 1055 O  O   . HOH H 4 .   ? 13.525  6.777   4.073   1.00 16.02 ? 440 HOH A O   1 
HETATM 1056 O  O   . HOH H 4 .   ? 18.769  -1.669  -6.314  1.00 21.32 ? 441 HOH A O   1 
HETATM 1057 O  O   . HOH H 4 .   ? 15.811  10.849  -5.224  1.00 23.70 ? 442 HOH A O   1 
HETATM 1058 O  O   . HOH H 4 .   ? 8.668   0.141   9.429   1.00 22.44 ? 443 HOH A O   1 
HETATM 1059 O  O   . HOH H 4 .   ? 6.164   -15.084 -0.893  1.00 24.01 ? 444 HOH A O   1 
HETATM 1060 O  O   . HOH H 4 .   ? -0.138  -17.600 3.140   1.00 25.23 ? 445 HOH A O   1 
HETATM 1061 O  O   . HOH H 4 .   ? -4.028  -7.100  9.565   1.00 23.55 ? 446 HOH A O   1 
HETATM 1062 O  O   . HOH H 4 .   ? -12.711 11.884  15.841  1.00 28.48 ? 447 HOH A O   1 
HETATM 1063 O  O   . HOH H 4 .   ? 2.537   4.810   13.837  1.00 34.67 ? 448 HOH A O   1 
HETATM 1064 O  O   . HOH H 4 .   ? -7.283  -4.624  -11.534 1.00 21.77 ? 449 HOH A O   1 
HETATM 1065 O  O   . HOH H 4 .   ? -14.836 -3.408  -7.306  1.00 29.79 ? 450 HOH A O   1 
HETATM 1066 O  O   . HOH H 4 .   ? -1.049  -3.512  12.387  1.00 25.78 ? 451 HOH A O   1 
HETATM 1067 O  O   . HOH H 4 .   ? -12.927 9.631   3.038   1.00 20.61 ? 452 HOH A O   1 
HETATM 1068 O  O   . HOH H 4 .   ? -9.359  16.584  5.273   1.00 21.82 ? 453 HOH A O   1 
HETATM 1069 O  O   . HOH H 4 .   ? -2.225  16.907  6.427   1.00 28.00 ? 454 HOH A O   1 
HETATM 1070 O  O   . HOH H 4 .   ? -2.376  -16.344 3.939   1.00 32.89 ? 455 HOH A O   1 
HETATM 1071 O  O   . HOH H 4 .   ? -6.981  -1.691  -11.744 1.00 26.21 ? 456 HOH A O   1 
HETATM 1072 O  O   . HOH H 4 .   ? -10.128 -2.426  12.263  1.00 26.54 ? 457 HOH A O   1 
HETATM 1073 O  O   . HOH H 4 .   ? -14.981 11.254  11.574  1.00 42.32 ? 458 HOH A O   1 
HETATM 1074 O  O   . HOH H 4 .   ? -19.097 4.137   7.245   1.00 27.10 ? 459 HOH A O   1 
HETATM 1075 O  O   . HOH H 4 .   ? -6.251  -1.909  14.086  1.00 22.62 ? 460 HOH A O   1 
HETATM 1076 O  O   . HOH H 4 .   ? -9.868  -0.292  13.469  1.00 25.65 ? 461 HOH A O   1 
HETATM 1077 O  O   . HOH H 4 .   ? -7.987  13.443  -6.320  1.00 28.43 ? 462 HOH A O   1 
HETATM 1078 O  O   . HOH H 4 .   ? -10.838 12.774  -3.484  1.00 23.62 ? 463 HOH A O   1 
HETATM 1079 O  O   . HOH H 4 .   ? 3.993   14.981  -1.699  1.00 29.21 ? 464 HOH A O   1 
HETATM 1080 O  O   . HOH H 4 .   ? -6.698  -7.074  9.503   1.00 24.75 ? 465 HOH A O   1 
HETATM 1081 O  O   . HOH H 4 .   ? -8.182  -13.748 6.183   1.00 23.94 ? 466 HOH A O   1 
HETATM 1082 O  O   . HOH H 4 .   ? 8.762   14.267  -0.943  1.00 32.51 ? 467 HOH A O   1 
HETATM 1083 O  O   . HOH H 4 .   ? -2.100  -8.806  8.255   1.00 25.61 ? 468 HOH A O   1 
HETATM 1084 O  O   . HOH H 4 .   ? 8.806   -5.024  -8.812  1.00 32.63 ? 469 HOH A O   1 
HETATM 1085 O  O   . HOH H 4 .   ? 11.116  -5.568  -1.993  1.00 28.29 ? 470 HOH A O   1 
HETATM 1086 O  O   . HOH H 4 .   ? 9.711   -11.127 4.717   1.00 31.89 ? 471 HOH A O   1 
HETATM 1087 O  O   . HOH H 4 .   ? 9.707   -2.477  9.482   1.00 26.63 ? 472 HOH A O   1 
# 
